data_6UEN
#
_entry.id   6UEN
#
_cell.length_a   1.00
_cell.length_b   1.00
_cell.length_c   1.00
_cell.angle_alpha   90.00
_cell.angle_beta   90.00
_cell.angle_gamma   90.00
#
_symmetry.space_group_name_H-M   'P 1'
#
loop_
_entity.id
_entity.type
_entity.pdbx_description
1 polymer 'RNA-directed RNA polymerase L'
2 polymer 'the phosphoprotein (P) of human respiratory syncytial virus'
#
loop_
_entity_poly.entity_id
_entity_poly.type
_entity_poly.pdbx_seq_one_letter_code
_entity_poly.pdbx_strand_id
1 'polypeptide(L)'
;MDPIINGNSANVYLTDSYLKGVISFSECNALGSYIFNGPYLKNDYTNLISRQNPLIEHMNLKKLNITQSLISKYHKGEIK
LEEPTYFQSLLMTYKSMTSSEQIATTNLLKKIIRRAIEISDVKVYAILNKLGLKEKDKIKSNNGQDEDNSVITTIIKDDI
LSAVKDNQSHLKADKNHSTKQKDTIKTTLLKKLMCSMQHPPSWLIHWFNLYTKLNNILTQYRSNEVKNHGFTLIDNQTLS
GFQFILNQYGCIVYHKELKRITVTTYNQFLTWKDISLSRLNVCLITWISNCLNTLNKSLGLRCGFNNVILTQLFLYGDCI
LKLFHNEGFYIIKEVEGFIMSLILNITEEDQFRKRFYNSMLNNITDAANKAQKNLLSRVCHTLLDKTVSDNIINGRWIIL
LSKFLKLIKLAGDNNLNNLSELYFLFRIFGHPMVDERQAMDAVKINCNETKFYLLSSLSMLRGAFIYRIIKGFVNNYNRW
PTLRNAIVLPLRWLTYYKLNTYPSLLELTERDLIVLSGLRFYREFRLPKKVDLEMIINDKAISPPKNLIWTSFPRNYMPS
HIQNYIEHEKLKFSESDKSRRVLEYYLRDNKFNECDLYNCVVNQSYLNNPNHVVSLTGKERELSVGRMFAMQPGMFRQVQ
ILAEKMIAENILQFFPESLTRYGDLELQKILELKAGISNKSNRYNDNYNNYISKCSIITDLSKFNQAFRYETSCICSDVL
DELHGVQSLFSWLHLTIPHVTIICTYRHAPPYIGDHIVDLNNVDEQSGLYRYHMGGIEGWCQKLWTIEAISLLDLISLKG
KFSITALINGDNQSIDISKPIRLMEGQTHAQADYLLALNSLKLLYKEYAGIGHKLKGTETYISRDMQFMSKTIQHNGVYY
PASIKKVLRVGPWINTILDDFKVSLESIGSLTQELEYRGESLLCSLIFRNVWLYNQIALQLKNHALCNNKLYLDILKVLK
HLKTFFNLDNIDTALTLYMNLPMLFGGGDPNLLYRSFYRRTPDFLTEAIVHSVFILSYYTNHDLKDKLQDLSDDRLNKFL
TCIITFDKNPNAEFVTLMRDPQALGSERQAKITSEINRLAVTEVLSTAPNKIFSKSAQHYTTTEIDLNDIMQNIEPTYPH
GLRVVYESLPFYKAEKIVNLISGTKSITNILEKTSAIDLTDIDRATEMMRKNITLLIRILPLDCNRDKREILSMENLSIT
ELSKYVRERSWSLSNIVGVTSPSIMYTMDIKYTTSTISSGIIIEKYNVNSLTRGERGPTKPWVGSSTQEKKTMPVYNRQV
LTKKQRDQIDLLAKLDWVYASIDNKDEFMEELSIGTLGLTYEKAKKLFPQYLSVNYLHRLTVSSRPCEFPASIPAYRTTN
YHFDTSPINRILTEKYGDEDIDIVFQNCISFGLSLMSVVEQFTNVCPNRIILIPKLNEIHLMKPPIFTGDVDIHKLKQVI
QKQHMFLPDKISLTQYVELFLSNKTLKSGSHVNSNLILAHKISDYFHNTYILSTNLAGHW
;
A
2 'polypeptide(L)'
;MEKFAPEFHGEDANNRATKFLESIKGKFTSPKDPKKKDSIISVNSIDIEVTKESPITSNSTIINPTNETDDTAGNKPNYQ
RKPLVSFKEDPTPSDNPFSKLYKETIETFDNNEEESSYSYEEINDQTNDNITARLDRIDEKLSEILGMLHTLVVASAGPT
SARDGIRDAMVGLREEMIEKIRTEALMTNDRLEAMARLRNEESEKMAKDTSDEVSLNPTSEKLNNLLEGNDSDNDLSLED
F
;
B,C,D,E
#
# COMPACT_ATOMS: atom_id res chain seq x y z
N ALA A 10 -2.12 9.75 38.54
CA ALA A 10 -1.23 8.65 38.17
C ALA A 10 -1.78 7.86 36.99
N ASN A 11 -0.98 7.71 35.95
CA ASN A 11 -1.34 6.96 34.77
C ASN A 11 -0.22 5.97 34.44
N VAL A 12 -0.60 4.88 33.77
CA VAL A 12 0.38 3.85 33.43
C VAL A 12 1.03 4.20 32.09
N TYR A 13 2.12 3.51 31.77
CA TYR A 13 2.80 3.65 30.48
C TYR A 13 3.11 2.25 29.97
N LEU A 14 2.17 1.66 29.24
CA LEU A 14 2.43 0.39 28.60
C LEU A 14 3.36 0.60 27.41
N THR A 15 4.32 -0.29 27.24
CA THR A 15 5.35 -0.17 26.22
C THR A 15 5.12 -1.20 25.12
N ASP A 16 5.83 -1.01 24.01
CA ASP A 16 5.74 -1.93 22.90
C ASP A 16 6.40 -3.26 23.27
N SER A 17 5.84 -4.35 22.73
CA SER A 17 6.46 -5.66 22.90
C SER A 17 7.36 -6.02 21.74
N TYR A 18 7.09 -5.49 20.56
CA TYR A 18 7.87 -5.69 19.35
C TYR A 18 8.40 -4.36 18.87
N LEU A 19 9.11 -4.37 17.74
CA LEU A 19 9.78 -3.16 17.29
C LEU A 19 8.79 -2.03 17.04
N LYS A 20 7.93 -2.19 16.04
CA LYS A 20 6.90 -1.20 15.70
C LYS A 20 7.47 0.21 15.67
N GLY A 21 8.46 0.41 14.80
CA GLY A 21 9.13 1.69 14.71
C GLY A 21 10.47 1.54 14.02
N VAL A 22 11.28 2.58 14.14
CA VAL A 22 12.61 2.61 13.56
C VAL A 22 13.62 2.74 14.68
N ILE A 23 14.75 2.04 14.54
CA ILE A 23 15.89 2.32 15.41
C ILE A 23 16.44 3.69 15.04
N SER A 24 16.95 4.40 16.03
CA SER A 24 17.45 5.75 15.81
C SER A 24 18.96 5.78 15.95
N PHE A 25 19.55 6.83 15.36
CA PHE A 25 20.98 7.08 15.43
C PHE A 25 21.29 8.23 16.37
N SER A 26 20.64 9.38 16.15
CA SER A 26 20.87 10.53 17.01
C SER A 26 20.53 10.24 18.46
N GLU A 27 19.64 9.28 18.72
CA GLU A 27 19.35 8.92 20.10
C GLU A 27 20.55 8.28 20.77
N CYS A 28 21.12 7.24 20.16
CA CYS A 28 22.33 6.63 20.68
C CYS A 28 23.44 7.65 20.83
N ASN A 29 23.57 8.53 19.84
CA ASN A 29 24.64 9.52 19.89
C ASN A 29 24.46 10.47 21.07
N ALA A 30 23.26 11.03 21.22
CA ALA A 30 23.00 11.98 22.29
C ALA A 30 23.06 11.34 23.66
N LEU A 31 22.88 10.03 23.75
CA LEU A 31 23.04 9.36 25.04
C LEU A 31 24.51 9.13 25.36
N GLY A 32 25.25 8.54 24.41
CA GLY A 32 26.64 8.22 24.66
C GLY A 32 27.51 9.44 24.87
N SER A 33 27.24 10.52 24.12
CA SER A 33 28.05 11.72 24.26
C SER A 33 27.96 12.29 25.66
N TYR A 34 26.78 12.20 26.29
CA TYR A 34 26.66 12.67 27.66
C TYR A 34 27.32 11.70 28.62
N ILE A 35 27.07 10.40 28.46
CA ILE A 35 27.56 9.46 29.47
C ILE A 35 29.07 9.43 29.49
N PHE A 36 29.72 9.37 28.33
CA PHE A 36 31.17 9.27 28.28
C PHE A 36 31.86 10.61 28.03
N ASN A 37 31.11 11.70 27.97
CA ASN A 37 31.68 13.05 27.92
C ASN A 37 32.59 13.23 26.70
N GLY A 38 32.22 12.61 25.59
CA GLY A 38 32.93 12.76 24.34
C GLY A 38 32.09 12.28 23.18
N PRO A 39 32.45 12.66 21.95
CA PRO A 39 31.67 12.23 20.79
C PRO A 39 31.68 10.72 20.66
N TYR A 40 30.48 10.13 20.56
CA TYR A 40 30.36 8.68 20.64
C TYR A 40 30.26 8.02 19.28
N LEU A 41 29.35 8.47 18.42
CA LEU A 41 29.17 7.85 17.11
C LEU A 41 29.70 8.72 15.97
N LYS A 42 29.30 9.99 15.93
CA LYS A 42 29.76 10.86 14.86
C LYS A 42 29.88 12.28 15.37
N ASN A 43 30.97 12.94 15.00
CA ASN A 43 31.17 14.33 15.39
C ASN A 43 30.11 15.19 14.70
N ASP A 44 29.32 15.92 15.49
CA ASP A 44 28.17 16.64 14.97
C ASP A 44 27.73 17.63 16.04
N TYR A 45 26.71 18.43 15.72
CA TYR A 45 26.20 19.41 16.66
C TYR A 45 25.47 18.77 17.84
N THR A 46 25.09 17.51 17.72
CA THR A 46 24.37 16.86 18.81
C THR A 46 25.25 16.73 20.05
N ASN A 47 26.51 16.40 19.86
CA ASN A 47 27.43 16.29 21.00
C ASN A 47 27.54 17.61 21.74
N LEU A 48 27.76 18.70 21.02
CA LEU A 48 27.86 20.00 21.67
C LEU A 48 26.59 20.33 22.44
N ILE A 49 25.44 20.22 21.78
CA ILE A 49 24.21 20.62 22.44
C ILE A 49 23.81 19.66 23.55
N SER A 50 24.37 18.45 23.56
CA SER A 50 24.04 17.51 24.62
C SER A 50 24.92 17.72 25.84
N ARG A 51 26.23 17.80 25.64
CA ARG A 51 27.13 18.07 26.75
C ARG A 51 26.81 19.42 27.40
N GLN A 52 26.50 20.43 26.57
CA GLN A 52 26.20 21.74 27.11
C GLN A 52 24.91 21.74 27.93
N ASN A 53 23.86 21.11 27.41
CA ASN A 53 22.54 21.10 28.05
C ASN A 53 22.01 19.67 28.07
N PRO A 54 22.45 18.85 29.03
CA PRO A 54 21.98 17.47 29.07
C PRO A 54 20.49 17.39 29.33
N LEU A 55 19.86 16.38 28.73
CA LEU A 55 18.45 16.13 28.91
C LEU A 55 18.19 15.54 30.30
N ILE A 56 16.92 15.48 30.67
CA ILE A 56 16.57 15.03 32.02
C ILE A 56 16.85 13.55 32.18
N GLU A 57 16.22 12.71 31.36
CA GLU A 57 16.30 11.27 31.57
C GLU A 57 17.73 10.74 31.44
N HIS A 58 18.55 11.35 30.59
CA HIS A 58 19.96 10.96 30.54
C HIS A 58 20.66 11.35 31.84
N MET A 59 20.32 12.51 32.39
CA MET A 59 20.86 12.90 33.69
C MET A 59 20.50 11.88 34.75
N ASN A 60 19.26 11.37 34.70
CA ASN A 60 18.85 10.37 35.69
C ASN A 60 19.57 9.05 35.48
N LEU A 61 19.76 8.64 34.23
CA LEU A 61 20.46 7.38 33.98
C LEU A 61 21.89 7.46 34.48
N LYS A 62 22.58 8.57 34.19
CA LYS A 62 23.95 8.71 34.67
C LYS A 62 24.01 8.88 36.18
N LYS A 63 22.99 9.49 36.78
CA LYS A 63 23.00 9.75 38.22
C LYS A 63 23.09 8.47 39.04
N LEU A 64 22.69 7.33 38.49
CA LEU A 64 22.77 6.07 39.22
C LEU A 64 24.21 5.79 39.62
N ASN A 65 24.37 4.84 40.54
CA ASN A 65 25.68 4.56 41.10
C ASN A 65 26.45 3.51 40.29
N ILE A 66 25.76 2.51 39.75
CA ILE A 66 26.46 1.44 39.03
C ILE A 66 27.07 1.97 37.74
N THR A 67 26.32 2.79 37.01
CA THR A 67 26.89 3.39 35.81
C THR A 67 28.05 4.32 36.15
N GLN A 68 28.02 4.95 37.33
CA GLN A 68 29.15 5.78 37.74
C GLN A 68 30.37 4.94 38.04
N SER A 69 30.17 3.77 38.65
CA SER A 69 31.29 2.84 38.81
C SER A 69 31.85 2.42 37.46
N LEU A 70 30.98 2.17 36.49
CA LEU A 70 31.45 1.82 35.15
C LEU A 70 32.25 2.96 34.53
N ILE A 71 31.78 4.20 34.68
CA ILE A 71 32.51 5.34 34.13
C ILE A 71 33.87 5.49 34.79
N SER A 72 33.93 5.31 36.11
CA SER A 72 35.21 5.39 36.81
C SER A 72 36.15 4.30 36.35
N LYS A 73 35.64 3.08 36.17
CA LYS A 73 36.48 2.00 35.69
C LYS A 73 36.94 2.24 34.26
N TYR A 74 36.16 2.99 33.47
CA TYR A 74 36.57 3.28 32.11
C TYR A 74 37.64 4.35 32.04
N HIS A 75 37.49 5.41 32.84
CA HIS A 75 38.46 6.51 32.78
C HIS A 75 39.88 6.02 33.06
N LYS A 76 40.03 5.10 34.02
CA LYS A 76 41.35 4.52 34.28
C LYS A 76 41.87 3.72 33.10
N GLY A 77 40.99 3.23 32.23
CA GLY A 77 41.40 2.49 31.06
C GLY A 77 41.35 0.98 31.19
N GLU A 78 40.53 0.45 32.08
CA GLU A 78 40.43 -1.01 32.20
C GLU A 78 39.44 -1.59 31.21
N ILE A 79 38.45 -0.81 30.77
CA ILE A 79 37.51 -1.24 29.75
C ILE A 79 37.61 -0.29 28.56
N LYS A 80 37.26 -0.78 27.39
CA LYS A 80 37.32 0.00 26.16
C LYS A 80 35.94 0.05 25.51
N LEU A 81 35.60 1.20 24.93
CA LEU A 81 34.30 1.41 24.35
C LEU A 81 34.10 0.53 23.12
N GLU A 82 32.86 0.48 22.63
CA GLU A 82 32.49 -0.48 21.60
C GLU A 82 31.31 0.05 20.80
N GLU A 83 30.93 -0.70 19.77
CA GLU A 83 29.83 -0.43 18.87
C GLU A 83 28.69 -1.42 19.11
N PRO A 84 27.44 -0.95 19.10
CA PRO A 84 26.31 -1.86 19.34
C PRO A 84 26.35 -3.14 18.52
N THR A 85 26.83 -3.07 17.29
CA THR A 85 26.85 -4.26 16.44
C THR A 85 27.81 -5.30 16.99
N TYR A 86 28.89 -4.87 17.66
CA TYR A 86 29.80 -5.82 18.29
C TYR A 86 29.07 -6.65 19.33
N PHE A 87 28.24 -6.01 20.16
CA PHE A 87 27.50 -6.76 21.17
C PHE A 87 26.40 -7.60 20.54
N GLN A 88 25.82 -7.16 19.42
CA GLN A 88 24.93 -8.05 18.70
C GLN A 88 25.65 -9.33 18.33
N SER A 89 26.84 -9.20 17.76
CA SER A 89 27.63 -10.37 17.37
C SER A 89 27.95 -11.25 18.56
N LEU A 90 28.27 -10.65 19.72
CA LEU A 90 28.53 -11.45 20.91
C LEU A 90 27.27 -12.19 21.37
N LEU A 91 26.21 -11.45 21.69
CA LEU A 91 24.98 -12.05 22.18
C LEU A 91 24.55 -13.21 21.30
N MET A 92 24.73 -13.09 19.98
CA MET A 92 24.29 -14.17 19.11
C MET A 92 25.11 -15.44 19.33
N THR A 93 26.42 -15.31 19.50
CA THR A 93 27.27 -16.48 19.74
C THR A 93 27.46 -16.70 21.25
N TYR A 94 26.36 -17.07 21.88
CA TYR A 94 26.29 -17.25 23.33
C TYR A 94 27.03 -18.52 23.71
N LYS A 95 28.34 -18.41 23.84
CA LYS A 95 29.15 -19.58 24.15
C LYS A 95 28.95 -20.04 25.58
N SER A 96 28.78 -19.10 26.51
CA SER A 96 28.72 -19.40 27.94
C SER A 96 27.37 -20.06 28.24
N MET A 97 27.35 -21.39 28.28
CA MET A 97 26.15 -22.13 28.63
C MET A 97 26.53 -23.29 29.53
N THR A 98 26.03 -23.27 30.76
CA THR A 98 26.31 -24.34 31.70
C THR A 98 25.59 -25.61 31.28
N SER A 99 25.71 -26.65 32.10
CA SER A 99 25.03 -27.90 31.80
C SER A 99 23.59 -27.92 32.34
N SER A 100 23.38 -27.35 33.52
CA SER A 100 22.07 -27.45 34.16
C SER A 100 21.02 -26.65 33.41
N GLU A 101 21.35 -25.43 32.97
CA GLU A 101 20.38 -24.65 32.22
C GLU A 101 20.09 -25.30 30.87
N GLN A 102 21.11 -25.90 30.25
CA GLN A 102 20.87 -26.60 28.99
C GLN A 102 19.96 -27.80 29.19
N ILE A 103 20.12 -28.52 30.30
CA ILE A 103 19.23 -29.64 30.59
C ILE A 103 17.81 -29.16 30.82
N ALA A 104 17.65 -28.08 31.58
CA ALA A 104 16.33 -27.52 31.81
C ALA A 104 15.65 -27.13 30.51
N THR A 105 16.38 -26.45 29.63
CA THR A 105 15.78 -26.02 28.36
C THR A 105 15.47 -27.22 27.47
N THR A 106 16.32 -28.24 27.47
CA THR A 106 16.01 -29.43 26.67
C THR A 106 14.73 -30.10 27.15
N ASN A 107 14.56 -30.21 28.46
CA ASN A 107 13.33 -30.80 28.98
C ASN A 107 12.12 -29.95 28.63
N LEU A 108 12.25 -28.62 28.76
CA LEU A 108 11.14 -27.74 28.42
C LEU A 108 10.76 -27.87 26.95
N LEU A 109 11.74 -27.98 26.07
CA LEU A 109 11.44 -28.09 24.65
C LEU A 109 10.79 -29.42 24.32
N LYS A 110 11.29 -30.51 24.92
CA LYS A 110 10.64 -31.80 24.71
C LYS A 110 9.19 -31.76 25.18
N LYS A 111 8.93 -31.05 26.27
CA LYS A 111 7.56 -30.92 26.76
C LYS A 111 6.69 -30.15 25.76
N ILE A 112 7.15 -28.98 25.33
CA ILE A 112 6.38 -28.17 24.39
C ILE A 112 6.08 -28.97 23.13
N ILE A 113 7.06 -29.72 22.64
CA ILE A 113 6.85 -30.51 21.43
C ILE A 113 5.81 -31.60 21.67
N ARG A 114 6.00 -32.41 22.71
CA ARG A 114 5.07 -33.50 22.95
C ARG A 114 3.65 -32.99 23.18
N ARG A 115 3.50 -31.80 23.76
CA ARG A 115 2.16 -31.27 23.96
C ARG A 115 1.59 -30.71 22.66
N ALA A 116 2.43 -30.13 21.80
CA ALA A 116 1.89 -29.56 20.57
C ALA A 116 1.54 -30.62 19.55
N ILE A 117 2.21 -31.78 19.59
CA ILE A 117 1.84 -32.85 18.68
C ILE A 117 0.51 -33.48 19.09
N GLU A 118 0.18 -33.42 20.37
CA GLU A 118 -1.01 -34.10 20.87
C GLU A 118 -2.28 -33.33 20.58
N ILE A 119 -2.20 -32.01 20.44
CA ILE A 119 -3.41 -31.20 20.23
C ILE A 119 -3.93 -31.36 18.81
N SER A 120 -3.03 -31.35 17.83
CA SER A 120 -3.40 -31.50 16.43
C SER A 120 -3.96 -32.88 16.10
N ASP A 121 -3.82 -33.85 17.01
CA ASP A 121 -4.27 -35.20 16.72
C ASP A 121 -5.76 -35.25 16.48
N VAL A 122 -6.52 -34.41 17.19
CA VAL A 122 -7.98 -34.42 17.03
C VAL A 122 -8.35 -34.03 15.60
N LYS A 123 -7.77 -32.93 15.11
CA LYS A 123 -8.11 -32.48 13.76
C LYS A 123 -7.63 -33.48 12.72
N VAL A 124 -6.45 -34.06 12.91
CA VAL A 124 -5.97 -35.01 11.90
C VAL A 124 -6.85 -36.26 11.90
N TYR A 125 -7.32 -36.69 13.07
CA TYR A 125 -8.18 -37.86 13.14
C TYR A 125 -9.54 -37.58 12.49
N ALA A 126 -10.10 -36.40 12.74
CA ALA A 126 -11.36 -36.03 12.11
C ALA A 126 -11.23 -36.00 10.59
N ILE A 127 -10.14 -35.40 10.10
CA ILE A 127 -9.92 -35.34 8.66
C ILE A 127 -9.82 -36.73 8.07
N LEU A 128 -9.03 -37.61 8.72
CA LEU A 128 -8.83 -38.94 8.17
C LEU A 128 -10.11 -39.77 8.23
N ASN A 129 -10.98 -39.54 9.20
CA ASN A 129 -12.27 -40.21 9.17
C ASN A 129 -13.11 -39.70 8.01
N LYS A 130 -13.39 -38.39 7.98
CA LYS A 130 -14.29 -37.85 6.96
C LYS A 130 -13.79 -38.17 5.55
N LEU A 131 -12.48 -38.23 5.37
CA LEU A 131 -11.92 -38.58 4.07
C LEU A 131 -12.15 -40.03 3.71
N GLY A 132 -12.44 -40.88 4.69
CA GLY A 132 -12.46 -42.31 4.42
C GLY A 132 -11.09 -42.89 4.15
N LEU A 133 -10.04 -42.12 4.34
CA LEU A 133 -8.69 -42.51 4.01
C LEU A 133 -8.00 -43.28 5.13
N LYS A 134 -8.77 -43.91 6.02
CA LYS A 134 -8.16 -44.66 7.10
C LYS A 134 -7.25 -45.76 6.55
N GLU A 135 -7.69 -46.43 5.48
CA GLU A 135 -6.85 -47.39 4.80
C GLU A 135 -5.93 -46.68 3.81
N LYS A 136 -5.05 -47.46 3.18
CA LYS A 136 -4.13 -46.99 2.15
C LYS A 136 -3.43 -45.69 2.54
N ASP A 137 -3.07 -45.58 3.81
CA ASP A 137 -2.27 -44.45 4.27
C ASP A 137 -0.78 -44.61 3.96
N LYS A 138 -0.32 -45.85 3.78
CA LYS A 138 1.06 -46.15 3.40
C LYS A 138 2.08 -45.49 4.33
N ASN A 167 15.95 -44.60 15.04
CA ASN A 167 15.47 -43.90 16.22
C ASN A 167 13.96 -44.06 16.33
N GLN A 168 13.26 -43.84 15.21
CA GLN A 168 11.81 -43.96 15.20
C GLN A 168 11.37 -45.38 15.55
N SER A 169 11.96 -46.38 14.89
CA SER A 169 11.58 -47.76 15.19
C SER A 169 12.01 -48.18 16.58
N HIS A 170 13.22 -47.78 16.99
CA HIS A 170 13.72 -48.17 18.30
C HIS A 170 12.84 -47.62 19.42
N LEU A 171 12.59 -46.32 19.43
CA LEU A 171 11.74 -45.74 20.46
C LEU A 171 10.26 -45.93 20.20
N LYS A 172 9.89 -46.52 19.06
CA LYS A 172 8.54 -47.06 18.91
C LYS A 172 8.42 -48.40 19.63
N ALA A 173 9.46 -49.22 19.54
CA ALA A 173 9.43 -50.58 20.09
C ALA A 173 9.55 -50.62 21.61
N ASP A 174 9.67 -49.48 22.27
CA ASP A 174 9.64 -49.45 23.73
C ASP A 174 8.30 -49.96 24.24
N LYS A 175 8.30 -50.49 25.46
CA LYS A 175 7.05 -50.89 26.09
C LYS A 175 6.37 -49.71 26.77
N ASN A 176 7.04 -49.12 27.76
CA ASN A 176 6.42 -48.06 28.55
C ASN A 176 6.27 -46.78 27.75
N HIS A 177 7.27 -46.44 26.93
CA HIS A 177 7.14 -45.25 26.08
C HIS A 177 5.99 -45.42 25.09
N SER A 178 5.85 -46.60 24.50
CA SER A 178 4.74 -46.83 23.58
C SER A 178 3.39 -46.74 24.28
N THR A 179 3.31 -47.26 25.51
CA THR A 179 2.05 -47.13 26.26
C THR A 179 1.75 -45.67 26.56
N LYS A 180 2.75 -44.93 27.04
CA LYS A 180 2.54 -43.51 27.36
C LYS A 180 2.18 -42.70 26.13
N GLN A 181 2.65 -43.13 24.96
CA GLN A 181 2.22 -42.48 23.72
C GLN A 181 0.78 -42.85 23.38
N LYS A 182 0.48 -44.15 23.34
CA LYS A 182 -0.86 -44.64 23.01
C LYS A 182 -1.92 -44.24 24.03
N ASP A 183 -1.52 -43.62 25.14
CA ASP A 183 -2.50 -43.10 26.08
C ASP A 183 -3.44 -42.11 25.40
N THR A 184 -2.89 -41.25 24.53
CA THR A 184 -3.68 -40.13 24.00
C THR A 184 -3.47 -39.89 22.51
N ILE A 185 -2.79 -40.78 21.79
CA ILE A 185 -2.60 -40.63 20.35
C ILE A 185 -3.19 -41.85 19.66
N LYS A 186 -3.98 -41.61 18.62
CA LYS A 186 -4.73 -42.67 17.97
C LYS A 186 -4.43 -42.81 16.49
N THR A 187 -3.46 -42.06 15.96
CA THR A 187 -3.09 -42.12 14.55
C THR A 187 -1.63 -42.51 14.45
N THR A 188 -1.34 -43.60 13.74
CA THR A 188 0.04 -44.06 13.59
C THR A 188 0.88 -43.00 12.88
N LEU A 189 0.28 -42.27 11.95
CA LEU A 189 0.99 -41.22 11.24
C LEU A 189 1.63 -40.22 12.19
N LEU A 190 1.03 -40.01 13.36
CA LEU A 190 1.65 -39.13 14.35
C LEU A 190 2.39 -39.88 15.44
N LYS A 191 2.07 -41.16 15.70
CA LYS A 191 2.92 -41.93 16.60
C LYS A 191 4.36 -41.95 16.08
N LYS A 192 4.52 -42.25 14.80
CA LYS A 192 5.85 -42.29 14.21
C LYS A 192 6.54 -40.94 14.33
N LEU A 193 5.83 -39.87 14.01
CA LEU A 193 6.44 -38.55 14.01
C LEU A 193 6.82 -38.12 15.43
N MET A 194 5.95 -38.34 16.40
CA MET A 194 6.26 -37.98 17.77
C MET A 194 7.47 -38.74 18.27
N CYS A 195 7.54 -40.04 17.96
CA CYS A 195 8.72 -40.80 18.35
C CYS A 195 9.97 -40.26 17.68
N SER A 196 9.87 -39.85 16.43
CA SER A 196 11.05 -39.39 15.70
C SER A 196 11.52 -38.03 16.19
N MET A 197 10.63 -37.19 16.72
CA MET A 197 11.00 -35.87 17.18
C MET A 197 11.35 -35.82 18.66
N GLN A 198 11.81 -36.93 19.25
CA GLN A 198 12.06 -36.91 20.69
C GLN A 198 13.38 -36.25 21.05
N HIS A 199 14.40 -36.39 20.20
CA HIS A 199 15.71 -35.83 20.50
C HIS A 199 15.99 -34.61 19.63
N PRO A 200 15.82 -33.40 20.14
CA PRO A 200 16.06 -32.21 19.34
C PRO A 200 17.54 -31.91 19.22
N PRO A 201 17.97 -31.24 18.16
CA PRO A 201 19.37 -30.87 18.01
C PRO A 201 19.74 -29.66 18.86
N SER A 202 21.04 -29.33 18.82
CA SER A 202 21.60 -28.37 19.77
C SER A 202 21.26 -26.93 19.39
N TRP A 203 21.37 -26.59 18.11
CA TRP A 203 21.18 -25.19 17.70
C TRP A 203 19.79 -24.70 18.05
N LEU A 204 18.79 -25.58 17.91
CA LEU A 204 17.43 -25.25 18.33
C LEU A 204 17.43 -24.83 19.79
N ILE A 205 18.09 -25.61 20.64
CA ILE A 205 18.16 -25.29 22.07
C ILE A 205 18.86 -23.96 22.28
N HIS A 206 19.92 -23.71 21.51
CA HIS A 206 20.66 -22.45 21.61
C HIS A 206 19.74 -21.26 21.40
N TRP A 207 19.09 -21.21 20.24
CA TRP A 207 18.22 -20.08 19.95
C TRP A 207 17.07 -20.01 20.93
N PHE A 208 16.57 -21.18 21.38
CA PHE A 208 15.47 -21.21 22.32
C PHE A 208 15.85 -20.49 23.61
N ASN A 209 17.04 -20.79 24.15
CA ASN A 209 17.38 -20.20 25.42
C ASN A 209 17.71 -18.72 25.27
N LEU A 210 18.34 -18.32 24.16
CA LEU A 210 18.46 -16.88 23.91
C LEU A 210 17.10 -16.19 23.94
N TYR A 211 16.14 -16.75 23.23
CA TYR A 211 14.82 -16.15 23.18
C TYR A 211 14.22 -16.05 24.58
N THR A 212 14.22 -17.16 25.32
CA THR A 212 13.55 -17.14 26.62
C THR A 212 14.20 -16.17 27.57
N LYS A 213 15.53 -16.05 27.53
CA LYS A 213 16.19 -15.17 28.50
C LYS A 213 15.96 -13.70 28.15
N LEU A 214 16.16 -13.32 26.89
CA LEU A 214 15.89 -11.93 26.53
C LEU A 214 14.43 -11.58 26.75
N ASN A 215 13.54 -12.53 26.47
CA ASN A 215 12.11 -12.31 26.68
C ASN A 215 11.80 -12.11 28.16
N ASN A 216 12.44 -12.89 29.03
CA ASN A 216 12.22 -12.74 30.46
C ASN A 216 12.66 -11.38 30.94
N ILE A 217 13.84 -10.93 30.50
CA ILE A 217 14.27 -9.59 30.90
C ILE A 217 13.25 -8.56 30.46
N LEU A 218 12.77 -8.66 29.23
CA LEU A 218 11.84 -7.66 28.73
C LEU A 218 10.54 -7.65 29.51
N THR A 219 9.97 -8.84 29.75
CA THR A 219 8.68 -8.88 30.43
C THR A 219 8.80 -8.47 31.88
N GLN A 220 9.91 -8.79 32.54
CA GLN A 220 10.12 -8.33 33.90
C GLN A 220 10.18 -6.81 33.96
N TYR A 221 10.91 -6.19 33.03
CA TYR A 221 10.94 -4.73 33.00
C TYR A 221 9.54 -4.16 32.75
N ARG A 222 8.81 -4.72 31.79
CA ARG A 222 7.51 -4.16 31.46
C ARG A 222 6.56 -4.23 32.66
N SER A 223 6.51 -5.37 33.33
CA SER A 223 5.64 -5.50 34.49
C SER A 223 6.03 -4.50 35.58
N ASN A 224 7.31 -4.46 35.94
CA ASN A 224 7.72 -3.56 37.01
C ASN A 224 7.53 -2.10 36.63
N GLU A 225 7.58 -1.78 35.33
CA GLU A 225 7.32 -0.41 34.91
C GLU A 225 5.85 -0.06 35.00
N VAL A 226 4.98 -0.99 34.65
CA VAL A 226 3.54 -0.76 34.81
C VAL A 226 3.22 -0.56 36.30
N LYS A 227 3.93 -1.27 37.17
CA LYS A 227 3.68 -1.10 38.60
C LYS A 227 4.21 0.23 39.11
N ASN A 228 5.53 0.43 39.07
CA ASN A 228 6.17 1.65 39.54
C ASN A 228 6.71 2.43 38.35
N HIS A 229 6.40 3.73 38.30
CA HIS A 229 6.83 4.55 37.19
C HIS A 229 8.28 4.98 37.36
N GLY A 230 8.95 5.23 36.23
CA GLY A 230 10.32 5.69 36.22
C GLY A 230 11.29 4.70 36.81
N PHE A 231 11.17 3.44 36.40
CA PHE A 231 11.95 2.36 36.99
C PHE A 231 13.00 1.87 36.01
N THR A 232 14.21 1.64 36.50
CA THR A 232 15.31 1.14 35.69
C THR A 232 15.69 -0.26 36.18
N LEU A 233 15.87 -1.17 35.24
CA LEU A 233 16.15 -2.56 35.56
C LEU A 233 17.66 -2.80 35.55
N ILE A 234 18.18 -3.35 36.64
CA ILE A 234 19.59 -3.67 36.77
C ILE A 234 19.71 -5.18 36.91
N ASP A 235 20.38 -5.82 35.97
CA ASP A 235 20.46 -7.28 35.99
C ASP A 235 21.85 -7.74 35.61
N ASN A 236 22.35 -8.73 36.34
CA ASN A 236 23.65 -9.32 36.01
C ASN A 236 23.70 -10.83 36.22
N GLN A 237 22.56 -11.49 36.40
CA GLN A 237 22.55 -12.93 36.61
C GLN A 237 21.59 -13.69 35.73
N THR A 238 20.75 -13.02 34.94
CA THR A 238 19.84 -13.73 34.05
C THR A 238 20.59 -14.34 32.87
N LEU A 239 21.36 -13.51 32.15
CA LEU A 239 22.14 -13.96 31.00
C LEU A 239 23.59 -14.02 31.45
N SER A 240 24.13 -15.24 31.50
CA SER A 240 25.39 -15.50 32.19
C SER A 240 26.54 -14.72 31.57
N GLY A 241 27.13 -13.83 32.36
CA GLY A 241 28.31 -13.09 31.96
C GLY A 241 28.07 -11.65 31.55
N PHE A 242 26.83 -11.30 31.20
CA PHE A 242 26.51 -9.96 30.74
C PHE A 242 25.97 -9.12 31.89
N GLN A 243 25.80 -7.83 31.63
CA GLN A 243 25.13 -6.97 32.59
C GLN A 243 24.33 -5.91 31.87
N PHE A 244 23.04 -5.83 32.18
CA PHE A 244 22.12 -4.90 31.58
C PHE A 244 21.75 -3.82 32.59
N ILE A 245 21.83 -2.56 32.17
CA ILE A 245 21.16 -1.46 32.84
C ILE A 245 20.16 -0.93 31.83
N LEU A 246 18.90 -1.35 31.95
CA LEU A 246 17.90 -1.16 30.92
C LEU A 246 16.84 -0.19 31.41
N ASN A 247 16.31 0.61 30.49
CA ASN A 247 15.29 1.59 30.84
C ASN A 247 14.57 1.99 29.56
N GLN A 248 13.47 2.71 29.72
CA GLN A 248 12.71 3.16 28.56
C GLN A 248 13.51 4.10 27.69
N TYR A 249 14.40 4.89 28.29
CA TYR A 249 15.12 5.92 27.55
C TYR A 249 16.49 5.50 27.07
N GLY A 250 17.07 4.45 27.64
CA GLY A 250 18.37 3.99 27.18
C GLY A 250 18.71 2.65 27.80
N CYS A 251 19.79 2.06 27.28
CA CYS A 251 20.26 0.76 27.73
C CYS A 251 21.78 0.79 27.73
N ILE A 252 22.38 0.10 28.69
CA ILE A 252 23.84 0.04 28.79
C ILE A 252 24.22 -1.41 29.05
N VAL A 253 25.08 -1.95 28.19
CA VAL A 253 25.47 -3.36 28.29
C VAL A 253 26.96 -3.43 28.61
N TYR A 254 27.31 -4.31 29.55
CA TYR A 254 28.69 -4.42 30.01
C TYR A 254 29.08 -5.89 30.10
N HIS A 255 30.27 -6.22 29.60
CA HIS A 255 30.78 -7.59 29.57
C HIS A 255 32.16 -7.58 30.18
N LYS A 256 32.30 -8.22 31.34
CA LYS A 256 33.51 -8.05 32.16
C LYS A 256 34.67 -8.89 31.63
N GLU A 257 34.43 -10.18 31.37
CA GLU A 257 35.51 -11.06 30.97
C GLU A 257 36.22 -10.58 29.72
N LEU A 258 35.51 -9.90 28.83
CA LEU A 258 36.11 -9.21 27.70
C LEU A 258 36.23 -7.71 27.92
N LYS A 259 35.73 -7.22 29.05
CA LYS A 259 35.80 -5.81 29.47
C LYS A 259 35.47 -4.85 28.33
N ARG A 260 34.22 -4.95 27.86
CA ARG A 260 33.67 -4.04 26.87
C ARG A 260 32.37 -3.45 27.38
N ILE A 261 32.04 -2.25 26.91
CA ILE A 261 30.84 -1.56 27.35
C ILE A 261 30.24 -0.84 26.15
N THR A 262 28.91 -0.78 26.11
CA THR A 262 28.25 -0.04 25.05
C THR A 262 26.96 0.58 25.55
N VAL A 263 26.50 1.60 24.81
CA VAL A 263 25.29 2.35 25.11
C VAL A 263 24.37 2.27 23.90
N THR A 264 23.11 1.93 24.14
CA THR A 264 22.13 1.77 23.07
C THR A 264 20.80 2.33 23.52
N THR A 265 19.79 2.15 22.67
CA THR A 265 18.43 2.59 22.93
C THR A 265 17.52 1.40 23.16
N TYR A 266 16.30 1.67 23.62
CA TYR A 266 15.36 0.61 23.92
C TYR A 266 14.99 -0.17 22.66
N ASN A 267 14.80 0.55 21.55
CA ASN A 267 14.47 -0.11 20.29
C ASN A 267 15.54 -1.13 19.92
N GLN A 268 16.80 -0.84 20.23
CA GLN A 268 17.88 -1.76 19.89
C GLN A 268 17.71 -3.09 20.61
N PHE A 269 17.33 -3.04 21.89
CA PHE A 269 17.14 -4.27 22.62
C PHE A 269 15.91 -5.03 22.11
N LEU A 270 14.83 -4.31 21.79
CA LEU A 270 13.70 -4.95 21.14
C LEU A 270 14.13 -5.67 19.88
N THR A 271 15.03 -5.04 19.11
CA THR A 271 15.50 -5.65 17.88
C THR A 271 16.32 -6.90 18.13
N TRP A 272 17.18 -6.89 19.15
CA TRP A 272 17.93 -8.10 19.47
C TRP A 272 16.98 -9.25 19.80
N LYS A 273 15.95 -8.96 20.60
CA LYS A 273 14.95 -9.98 20.87
C LYS A 273 14.32 -10.49 19.59
N ASP A 274 13.97 -9.58 18.68
CA ASP A 274 13.30 -9.99 17.44
C ASP A 274 14.20 -10.85 16.57
N ILE A 275 15.49 -10.55 16.53
CA ILE A 275 16.42 -11.37 15.76
C ILE A 275 16.45 -12.79 16.31
N SER A 276 16.57 -12.89 17.64
CA SER A 276 16.54 -14.20 18.28
C SER A 276 15.25 -14.95 17.94
N LEU A 277 14.12 -14.25 17.94
CA LEU A 277 12.85 -14.89 17.65
C LEU A 277 12.77 -15.37 16.21
N SER A 278 13.23 -14.55 15.27
CA SER A 278 13.21 -14.94 13.86
C SER A 278 14.03 -16.19 13.63
N ARG A 279 15.24 -16.23 14.20
CA ARG A 279 16.07 -17.41 14.00
C ARG A 279 15.45 -18.63 14.65
N LEU A 280 14.81 -18.46 15.81
CA LEU A 280 14.10 -19.58 16.43
C LEU A 280 13.03 -20.13 15.50
N ASN A 281 12.23 -19.24 14.90
CA ASN A 281 11.16 -19.71 14.03
C ASN A 281 11.71 -20.46 12.83
N VAL A 282 12.77 -19.93 12.22
CA VAL A 282 13.37 -20.62 11.08
C VAL A 282 13.77 -22.03 11.48
N CYS A 283 14.44 -22.17 12.62
CA CYS A 283 14.92 -23.48 13.03
C CYS A 283 13.74 -24.43 13.28
N LEU A 284 12.71 -23.95 13.98
CA LEU A 284 11.56 -24.80 14.26
C LEU A 284 10.91 -25.30 12.98
N ILE A 285 10.70 -24.40 12.02
CA ILE A 285 10.00 -24.78 10.79
C ILE A 285 10.81 -25.80 10.03
N THR A 286 12.11 -25.56 9.88
CA THR A 286 12.93 -26.51 9.15
C THR A 286 12.99 -27.85 9.86
N TRP A 287 12.98 -27.85 11.19
CA TRP A 287 13.00 -29.08 11.97
C TRP A 287 11.76 -29.92 11.69
N ILE A 288 10.58 -29.30 11.83
CA ILE A 288 9.33 -30.03 11.60
C ILE A 288 9.25 -30.52 10.17
N SER A 289 9.61 -29.65 9.22
CA SER A 289 9.51 -30.04 7.82
C SER A 289 10.44 -31.20 7.52
N ASN A 290 11.64 -31.21 8.10
CA ASN A 290 12.57 -32.29 7.82
C ASN A 290 12.07 -33.61 8.37
N CYS A 291 11.54 -33.61 9.60
CA CYS A 291 11.01 -34.88 10.12
C CYS A 291 9.84 -35.37 9.30
N LEU A 292 8.88 -34.49 9.02
CA LEU A 292 7.73 -34.88 8.22
C LEU A 292 8.16 -35.41 6.87
N ASN A 293 9.11 -34.75 6.21
CA ASN A 293 9.56 -35.19 4.90
C ASN A 293 10.31 -36.50 4.98
N THR A 294 10.97 -36.77 6.11
CA THR A 294 11.53 -38.10 6.33
C THR A 294 10.43 -39.15 6.35
N LEU A 295 9.27 -38.82 6.91
CA LEU A 295 8.15 -39.75 6.84
C LEU A 295 7.70 -39.97 5.40
N ASN A 296 7.36 -38.90 4.69
CA ASN A 296 6.91 -39.01 3.31
C ASN A 296 7.37 -37.81 2.52
N LYS A 297 7.48 -37.99 1.20
CA LYS A 297 8.08 -36.96 0.37
C LYS A 297 7.20 -35.74 0.21
N SER A 298 5.88 -35.90 0.36
CA SER A 298 4.96 -34.83 0.05
C SER A 298 4.47 -34.05 1.26
N LEU A 299 4.63 -34.60 2.47
CA LEU A 299 4.04 -33.96 3.66
C LEU A 299 4.67 -32.60 3.91
N GLY A 300 5.97 -32.56 4.08
CA GLY A 300 6.64 -31.34 4.48
C GLY A 300 6.62 -30.30 3.39
N LEU A 301 7.23 -29.16 3.71
CA LEU A 301 7.40 -28.12 2.72
C LEU A 301 8.23 -28.63 1.57
N ARG A 302 8.28 -27.84 0.50
CA ARG A 302 9.04 -28.23 -0.68
C ARG A 302 10.53 -28.00 -0.54
N CYS A 303 10.98 -27.36 0.54
CA CYS A 303 12.37 -26.95 0.68
C CYS A 303 13.11 -27.85 1.65
N GLY A 304 14.38 -28.10 1.36
CA GLY A 304 15.26 -28.83 2.26
C GLY A 304 16.40 -27.94 2.70
N PHE A 305 16.81 -28.09 3.95
CA PHE A 305 17.94 -27.35 4.47
C PHE A 305 18.67 -28.18 5.52
N ASN A 306 19.99 -28.05 5.56
CA ASN A 306 20.78 -28.56 6.66
C ASN A 306 21.06 -27.40 7.61
N ASN A 307 20.51 -27.48 8.82
CA ASN A 307 20.54 -26.35 9.75
C ASN A 307 21.96 -25.96 10.14
N VAL A 308 22.93 -26.85 9.97
CA VAL A 308 24.32 -26.49 10.26
C VAL A 308 24.78 -25.41 9.31
N ILE A 309 24.40 -25.51 8.04
CA ILE A 309 24.72 -24.47 7.08
C ILE A 309 24.02 -23.17 7.46
N LEU A 310 22.79 -23.26 7.94
CA LEU A 310 22.07 -22.05 8.32
C LEU A 310 22.74 -21.36 9.51
N THR A 311 23.24 -22.14 10.46
CA THR A 311 23.89 -21.55 11.62
C THR A 311 25.21 -20.89 11.23
N GLN A 312 26.04 -21.60 10.45
CA GLN A 312 27.27 -20.99 9.96
C GLN A 312 26.97 -19.73 9.16
N LEU A 313 25.87 -19.75 8.42
CA LEU A 313 25.48 -18.60 7.62
C LEU A 313 25.18 -17.40 8.49
N PHE A 314 24.33 -17.59 9.49
CA PHE A 314 24.02 -16.49 10.41
C PHE A 314 25.29 -15.97 11.06
N LEU A 315 26.17 -16.88 11.48
CA LEU A 315 27.39 -16.45 12.17
C LEU A 315 28.27 -15.60 11.27
N TYR A 316 28.45 -16.00 10.01
CA TYR A 316 29.26 -15.20 9.11
C TYR A 316 28.62 -13.85 8.84
N GLY A 317 27.28 -13.80 8.78
CA GLY A 317 26.62 -12.52 8.66
C GLY A 317 26.95 -11.61 9.82
N ASP A 318 26.85 -12.13 11.04
CA ASP A 318 27.24 -11.32 12.20
C ASP A 318 28.70 -10.91 12.13
N CYS A 319 29.56 -11.78 11.59
CA CYS A 319 30.98 -11.44 11.46
C CYS A 319 31.17 -10.22 10.56
N ILE A 320 30.51 -10.22 9.40
CA ILE A 320 30.56 -9.05 8.52
C ILE A 320 30.05 -7.82 9.26
N LEU A 321 28.91 -7.96 9.93
CA LEU A 321 28.34 -6.84 10.66
C LEU A 321 29.30 -6.29 11.70
N LYS A 322 30.12 -7.16 12.29
CA LYS A 322 31.11 -6.69 13.26
C LYS A 322 32.27 -6.03 12.56
N LEU A 323 32.69 -6.54 11.41
CA LEU A 323 33.83 -6.00 10.69
C LEU A 323 33.55 -4.59 10.19
N PHE A 324 32.44 -4.42 9.49
CA PHE A 324 31.94 -3.09 9.11
C PHE A 324 30.90 -2.70 10.14
N HIS A 325 31.21 -1.70 10.97
CA HIS A 325 30.42 -1.49 12.17
C HIS A 325 28.95 -1.26 11.85
N ASN A 326 28.64 -0.18 11.15
CA ASN A 326 27.27 0.12 10.77
C ASN A 326 27.03 0.12 9.27
N GLU A 327 28.09 0.23 8.47
CA GLU A 327 27.95 0.23 7.03
C GLU A 327 27.85 -1.16 6.45
N GLY A 328 27.85 -2.19 7.29
CA GLY A 328 27.69 -3.54 6.79
C GLY A 328 26.33 -3.79 6.19
N PHE A 329 25.33 -3.00 6.56
CA PHE A 329 24.01 -3.21 6.02
C PHE A 329 23.93 -2.84 4.55
N TYR A 330 24.82 -1.96 4.07
CA TYR A 330 24.92 -1.73 2.62
C TYR A 330 25.30 -3.00 1.89
N ILE A 331 26.35 -3.67 2.36
CA ILE A 331 26.77 -4.94 1.75
C ILE A 331 25.64 -5.95 1.80
N ILE A 332 25.02 -6.10 2.97
CA ILE A 332 23.99 -7.13 3.13
C ILE A 332 22.79 -6.83 2.25
N LYS A 333 22.45 -5.55 2.08
CA LYS A 333 21.42 -5.18 1.13
C LYS A 333 21.80 -5.63 -0.26
N GLU A 334 22.95 -5.17 -0.76
CA GLU A 334 23.32 -5.41 -2.15
C GLU A 334 23.56 -6.88 -2.44
N VAL A 335 23.73 -7.72 -1.42
CA VAL A 335 23.85 -9.15 -1.66
C VAL A 335 22.61 -9.70 -2.34
N GLU A 336 21.49 -8.96 -2.29
CA GLU A 336 20.25 -9.45 -2.85
C GLU A 336 20.39 -9.85 -4.31
N GLY A 337 21.27 -9.20 -5.07
CA GLY A 337 21.45 -9.56 -6.46
C GLY A 337 22.02 -10.95 -6.65
N PHE A 338 22.69 -11.48 -5.64
CA PHE A 338 23.33 -12.79 -5.79
C PHE A 338 22.31 -13.89 -6.00
N ILE A 339 21.18 -13.82 -5.32
CA ILE A 339 20.19 -14.89 -5.45
C ILE A 339 19.47 -14.78 -6.78
N MET A 340 19.20 -13.56 -7.23
CA MET A 340 18.64 -13.39 -8.57
C MET A 340 19.58 -13.96 -9.62
N SER A 341 20.88 -13.74 -9.46
CA SER A 341 21.83 -14.31 -10.41
C SER A 341 21.87 -15.82 -10.33
N LEU A 342 21.78 -16.37 -9.12
CA LEU A 342 21.80 -17.81 -8.97
C LEU A 342 20.57 -18.46 -9.56
N ILE A 343 19.46 -17.72 -9.64
CA ILE A 343 18.28 -18.23 -10.32
C ILE A 343 18.42 -18.10 -11.83
N LEU A 344 18.98 -16.98 -12.29
CA LEU A 344 19.17 -16.80 -13.73
C LEU A 344 20.16 -17.81 -14.29
N ASN A 345 21.09 -18.31 -13.47
CA ASN A 345 21.94 -19.41 -13.91
C ASN A 345 21.12 -20.61 -14.31
N ILE A 346 19.92 -20.76 -13.78
CA ILE A 346 19.13 -21.96 -14.00
C ILE A 346 18.06 -21.70 -15.05
N THR A 347 17.66 -20.44 -15.20
CA THR A 347 16.51 -20.13 -16.05
C THR A 347 16.82 -19.22 -17.23
N GLU A 348 18.08 -19.08 -17.65
CA GLU A 348 18.39 -18.12 -18.70
C GLU A 348 19.50 -18.63 -19.61
N GLU A 349 19.51 -18.12 -20.83
CA GLU A 349 20.56 -18.42 -21.80
C GLU A 349 21.88 -17.77 -21.37
N ASP A 350 22.90 -17.95 -22.20
CA ASP A 350 24.26 -17.68 -21.76
C ASP A 350 24.53 -16.19 -21.63
N GLN A 351 24.10 -15.40 -22.62
CA GLN A 351 24.47 -13.99 -22.66
C GLN A 351 23.91 -13.23 -21.47
N PHE A 352 22.58 -13.31 -21.26
CA PHE A 352 21.97 -12.64 -20.12
C PHE A 352 22.53 -13.17 -18.80
N ARG A 353 22.79 -14.48 -18.74
CA ARG A 353 23.43 -15.09 -17.58
C ARG A 353 24.69 -14.32 -17.20
N LYS A 354 25.65 -14.27 -18.13
CA LYS A 354 26.92 -13.62 -17.83
C LYS A 354 26.75 -12.14 -17.54
N ARG A 355 25.89 -11.47 -18.31
CA ARG A 355 25.70 -10.04 -18.14
C ARG A 355 25.22 -9.72 -16.72
N PHE A 356 24.20 -10.43 -16.27
CA PHE A 356 23.70 -10.16 -14.92
C PHE A 356 24.71 -10.55 -13.86
N TYR A 357 25.36 -11.70 -14.02
CA TYR A 357 26.39 -12.10 -13.07
C TYR A 357 27.39 -10.98 -12.86
N ASN A 358 27.93 -10.44 -13.95
CA ASN A 358 29.01 -9.47 -13.84
C ASN A 358 28.51 -8.14 -13.28
N SER A 359 27.34 -7.68 -13.73
CA SER A 359 26.82 -6.43 -13.18
C SER A 359 26.61 -6.55 -11.68
N MET A 360 26.07 -7.67 -11.23
CA MET A 360 25.82 -7.86 -9.81
C MET A 360 27.10 -7.86 -9.00
N LEU A 361 28.11 -8.60 -9.48
CA LEU A 361 29.40 -8.60 -8.78
C LEU A 361 29.96 -7.19 -8.65
N ASN A 362 29.94 -6.44 -9.75
CA ASN A 362 30.48 -5.08 -9.70
C ASN A 362 29.71 -4.21 -8.72
N ASN A 363 28.39 -4.36 -8.66
CA ASN A 363 27.60 -3.57 -7.71
C ASN A 363 27.97 -3.92 -6.28
N ILE A 364 28.14 -5.22 -5.99
CA ILE A 364 28.50 -5.63 -4.63
C ILE A 364 29.82 -4.99 -4.22
N THR A 365 30.83 -5.07 -5.09
CA THR A 365 32.14 -4.56 -4.72
C THR A 365 32.15 -3.04 -4.58
N ASP A 366 31.43 -2.34 -5.47
CA ASP A 366 31.29 -0.90 -5.32
C ASP A 366 30.64 -0.56 -3.98
N ALA A 367 29.61 -1.31 -3.58
CA ALA A 367 28.99 -1.08 -2.28
C ALA A 367 30.00 -1.26 -1.16
N ALA A 368 30.81 -2.31 -1.22
CA ALA A 368 31.77 -2.57 -0.15
C ALA A 368 32.79 -1.43 -0.03
N ASN A 369 33.31 -0.95 -1.16
CA ASN A 369 34.27 0.14 -1.12
C ASN A 369 33.64 1.42 -0.56
N LYS A 370 32.43 1.75 -1.02
CA LYS A 370 31.72 2.90 -0.48
C LYS A 370 31.61 2.79 1.03
N ALA A 371 31.24 1.60 1.52
CA ALA A 371 31.06 1.40 2.95
C ALA A 371 32.35 1.65 3.71
N GLN A 372 33.44 1.02 3.26
CA GLN A 372 34.72 1.16 3.96
C GLN A 372 35.16 2.62 4.02
N LYS A 373 35.20 3.30 2.87
CA LYS A 373 35.63 4.68 2.87
C LYS A 373 34.75 5.55 3.77
N ASN A 374 33.44 5.32 3.73
CA ASN A 374 32.54 6.14 4.54
C ASN A 374 32.78 5.92 6.03
N LEU A 375 33.00 4.66 6.43
CA LEU A 375 33.33 4.37 7.82
C LEU A 375 34.60 5.10 8.26
N LEU A 376 35.67 4.99 7.47
CA LEU A 376 36.91 5.63 7.87
C LEU A 376 36.76 7.14 7.95
N SER A 377 35.98 7.73 7.04
CA SER A 377 35.73 9.16 7.13
C SER A 377 34.96 9.51 8.39
N ARG A 378 33.94 8.71 8.73
CA ARG A 378 33.08 9.04 9.85
C ARG A 378 33.81 8.97 11.18
N VAL A 379 34.59 7.92 11.38
CA VAL A 379 35.09 7.62 12.72
C VAL A 379 36.48 8.22 12.92
N CYS A 380 36.83 9.19 12.07
CA CYS A 380 38.18 9.74 12.08
C CYS A 380 38.52 10.39 13.43
N HIS A 381 37.64 11.25 13.92
CA HIS A 381 37.90 11.99 15.16
C HIS A 381 36.72 11.81 16.11
N THR A 382 36.76 10.74 16.89
CA THR A 382 35.72 10.44 17.86
C THR A 382 36.28 9.44 18.86
N LEU A 383 35.44 9.04 19.82
CA LEU A 383 35.89 8.11 20.84
C LEU A 383 36.26 6.76 20.25
N LEU A 384 35.53 6.32 19.22
CA LEU A 384 35.74 4.99 18.65
C LEU A 384 36.76 5.03 17.51
N ASP A 385 37.89 5.67 17.77
CA ASP A 385 38.90 5.79 16.72
C ASP A 385 39.85 4.62 16.67
N LYS A 386 40.01 3.89 17.78
CA LYS A 386 40.85 2.71 17.79
C LYS A 386 40.12 1.43 17.41
N THR A 387 38.79 1.41 17.44
CA THR A 387 38.06 0.16 17.29
C THR A 387 38.11 -0.37 15.87
N VAL A 388 38.49 0.45 14.89
CA VAL A 388 38.51 -0.01 13.50
C VAL A 388 39.56 -1.11 13.36
N SER A 389 39.12 -2.28 12.92
CA SER A 389 40.01 -3.42 12.84
C SER A 389 41.08 -3.20 11.78
N ASP A 390 42.17 -3.96 11.91
CA ASP A 390 43.24 -3.91 10.92
C ASP A 390 42.91 -4.69 9.66
N ASN A 391 41.87 -5.53 9.68
CA ASN A 391 41.50 -6.31 8.52
C ASN A 391 40.85 -5.46 7.44
N ILE A 392 40.34 -4.28 7.79
CA ILE A 392 39.82 -3.37 6.78
C ILE A 392 40.96 -2.76 5.97
N ILE A 393 41.93 -2.17 6.67
CA ILE A 393 43.06 -1.53 6.00
C ILE A 393 43.89 -2.56 5.27
N ASN A 394 44.18 -3.69 5.93
CA ASN A 394 45.03 -4.72 5.35
C ASN A 394 44.52 -5.18 3.99
N GLY A 395 43.20 -5.20 3.81
CA GLY A 395 42.61 -5.67 2.57
C GLY A 395 42.22 -7.12 2.55
N ARG A 396 42.01 -7.74 3.71
CA ARG A 396 41.72 -9.16 3.79
C ARG A 396 40.25 -9.45 4.06
N TRP A 397 39.36 -8.46 3.92
CA TRP A 397 37.95 -8.75 4.07
C TRP A 397 37.38 -9.47 2.86
N ILE A 398 38.09 -9.46 1.74
CA ILE A 398 37.60 -10.11 0.54
C ILE A 398 37.48 -11.60 0.74
N ILE A 399 38.40 -12.22 1.48
CA ILE A 399 38.30 -13.66 1.69
C ILE A 399 37.08 -14.00 2.53
N LEU A 400 36.77 -13.16 3.53
CA LEU A 400 35.59 -13.38 4.35
C LEU A 400 34.32 -13.24 3.53
N LEU A 401 34.23 -12.15 2.76
CA LEU A 401 33.07 -11.95 1.91
C LEU A 401 32.91 -13.10 0.92
N SER A 402 34.02 -13.60 0.39
CA SER A 402 33.96 -14.72 -0.54
C SER A 402 33.44 -15.96 0.16
N LYS A 403 33.88 -16.22 1.39
CA LYS A 403 33.37 -17.39 2.11
C LYS A 403 31.88 -17.28 2.38
N PHE A 404 31.42 -16.07 2.74
CA PHE A 404 30.00 -15.86 2.98
C PHE A 404 29.18 -16.14 1.72
N LEU A 405 29.63 -15.60 0.59
CA LEU A 405 28.91 -15.82 -0.66
C LEU A 405 28.94 -17.29 -1.06
N LYS A 406 30.04 -17.98 -0.78
CA LYS A 406 30.09 -19.39 -1.12
C LYS A 406 29.16 -20.20 -0.23
N LEU A 407 28.98 -19.78 1.02
CA LEU A 407 28.02 -20.46 1.87
C LEU A 407 26.60 -20.26 1.37
N ILE A 408 26.26 -19.05 0.92
CA ILE A 408 24.95 -18.85 0.32
C ILE A 408 24.77 -19.77 -0.88
N LYS A 409 25.77 -19.80 -1.76
CA LYS A 409 25.68 -20.64 -2.95
C LYS A 409 25.50 -22.10 -2.59
N LEU A 410 26.14 -22.55 -1.51
CA LEU A 410 26.01 -23.95 -1.11
C LEU A 410 24.63 -24.22 -0.51
N ALA A 411 24.13 -23.29 0.31
CA ALA A 411 22.81 -23.48 0.90
C ALA A 411 21.72 -23.51 -0.16
N GLY A 412 21.92 -22.78 -1.25
CA GLY A 412 21.00 -22.90 -2.37
C GLY A 412 20.96 -24.31 -2.92
N ASP A 413 22.12 -24.86 -3.25
CA ASP A 413 22.25 -26.23 -3.74
C ASP A 413 21.46 -26.44 -5.04
N ASN A 414 21.63 -25.50 -5.97
CA ASN A 414 21.10 -25.60 -7.33
C ASN A 414 19.69 -26.17 -7.36
N ASN A 415 18.78 -25.46 -6.71
CA ASN A 415 17.37 -25.79 -6.75
C ASN A 415 16.57 -24.50 -6.79
N LEU A 416 15.44 -24.54 -7.48
CA LEU A 416 14.63 -23.33 -7.53
C LEU A 416 13.88 -23.09 -6.22
N ASN A 417 13.51 -24.16 -5.52
CA ASN A 417 12.77 -24.00 -4.27
C ASN A 417 13.67 -23.41 -3.18
N ASN A 418 14.76 -24.11 -2.87
CA ASN A 418 15.69 -23.62 -1.85
C ASN A 418 16.08 -22.18 -2.12
N LEU A 419 16.32 -21.84 -3.38
CA LEU A 419 16.71 -20.48 -3.71
C LEU A 419 15.56 -19.50 -3.55
N SER A 420 14.33 -19.94 -3.85
CA SER A 420 13.19 -19.05 -3.72
C SER A 420 12.94 -18.70 -2.27
N GLU A 421 12.84 -19.71 -1.41
CA GLU A 421 12.58 -19.50 0.00
C GLU A 421 13.82 -19.09 0.77
N LEU A 422 14.93 -18.82 0.09
CA LEU A 422 16.14 -18.32 0.74
C LEU A 422 16.12 -16.82 0.91
N TYR A 423 14.99 -16.17 0.64
CA TYR A 423 14.91 -14.73 0.75
C TYR A 423 14.87 -14.25 2.19
N PHE A 424 14.55 -15.12 3.15
CA PHE A 424 14.38 -14.64 4.52
C PHE A 424 15.67 -14.07 5.07
N LEU A 425 16.83 -14.46 4.53
CA LEU A 425 18.09 -13.85 4.93
C LEU A 425 18.02 -12.34 4.90
N PHE A 426 17.22 -11.79 4.01
CA PHE A 426 17.02 -10.33 3.97
C PHE A 426 16.49 -9.81 5.29
N ARG A 427 15.86 -10.65 6.10
CA ARG A 427 15.14 -10.20 7.28
C ARG A 427 15.85 -10.50 8.59
N ILE A 428 16.65 -11.58 8.63
CA ILE A 428 17.18 -12.11 9.89
C ILE A 428 17.96 -11.03 10.64
N PHE A 429 19.05 -10.56 10.05
CA PHE A 429 19.90 -9.58 10.72
C PHE A 429 19.09 -8.33 11.03
N GLY A 430 19.59 -7.56 11.98
CA GLY A 430 18.83 -6.41 12.48
C GLY A 430 18.60 -5.36 11.42
N HIS A 431 17.81 -4.38 11.78
CA HIS A 431 17.65 -3.21 10.94
C HIS A 431 18.70 -2.17 11.30
N PRO A 432 19.20 -1.42 10.33
CA PRO A 432 20.32 -0.52 10.59
C PRO A 432 19.91 0.67 11.42
N MET A 433 20.89 1.23 12.12
CA MET A 433 20.70 2.52 12.76
C MET A 433 20.74 3.59 11.68
N VAL A 434 19.61 4.24 11.43
CA VAL A 434 19.52 5.23 10.36
C VAL A 434 19.68 6.62 10.96
N ASP A 435 20.48 7.44 10.30
CA ASP A 435 20.75 8.81 10.74
C ASP A 435 20.06 9.79 9.81
N GLU A 436 19.49 10.84 10.39
CA GLU A 436 18.65 11.74 9.60
C GLU A 436 19.49 12.63 8.70
N ARG A 437 20.43 13.38 9.28
CA ARG A 437 21.10 14.44 8.54
C ARG A 437 21.77 13.94 7.27
N GLN A 438 22.64 12.94 7.40
CA GLN A 438 23.35 12.44 6.23
C GLN A 438 22.44 11.80 5.20
N ALA A 439 21.17 11.55 5.52
CA ALA A 439 20.26 10.99 4.54
C ALA A 439 19.71 12.05 3.60
N MET A 440 19.70 13.32 4.00
CA MET A 440 19.19 14.40 3.15
C MET A 440 20.25 14.98 2.24
N ASP A 441 21.49 15.10 2.71
CA ASP A 441 22.51 15.84 1.96
C ASP A 441 22.72 15.25 0.57
N ALA A 442 22.75 13.93 0.46
CA ALA A 442 22.86 13.31 -0.86
C ALA A 442 21.66 13.67 -1.73
N VAL A 443 20.46 13.64 -1.14
CA VAL A 443 19.26 14.05 -1.86
C VAL A 443 19.33 15.51 -2.25
N LYS A 444 19.94 16.36 -1.41
CA LYS A 444 20.13 17.75 -1.81
C LYS A 444 21.01 17.85 -3.04
N ILE A 445 22.17 17.21 -3.00
CA ILE A 445 23.08 17.26 -4.15
C ILE A 445 22.38 16.78 -5.41
N ASN A 446 21.56 15.74 -5.30
CA ASN A 446 20.90 15.20 -6.48
C ASN A 446 19.71 16.03 -6.92
N CYS A 447 19.08 16.78 -6.02
CA CYS A 447 17.75 17.31 -6.27
C CYS A 447 17.75 18.67 -6.97
N ASN A 448 18.35 19.68 -6.35
CA ASN A 448 18.32 21.03 -6.92
C ASN A 448 19.49 21.20 -7.88
N GLU A 449 19.17 21.24 -9.17
CA GLU A 449 20.16 21.44 -10.22
C GLU A 449 19.43 21.96 -11.44
N THR A 450 20.16 22.12 -12.55
CA THR A 450 19.60 22.61 -13.79
C THR A 450 19.46 21.46 -14.78
N LYS A 451 18.31 21.38 -15.44
CA LYS A 451 18.07 20.37 -16.46
C LYS A 451 17.69 21.05 -17.77
N PHE A 452 18.16 20.48 -18.88
CA PHE A 452 17.90 21.01 -20.21
C PHE A 452 17.12 19.98 -21.03
N TYR A 453 16.02 20.43 -21.63
CA TYR A 453 15.22 19.60 -22.53
C TYR A 453 15.06 20.31 -23.86
N LEU A 454 14.94 19.52 -24.93
CA LEU A 454 14.59 20.07 -26.22
C LEU A 454 13.08 20.16 -26.35
N LEU A 455 12.61 21.22 -27.04
CA LEU A 455 11.18 21.50 -27.08
C LEU A 455 10.40 20.35 -27.70
N SER A 456 10.99 19.66 -28.67
CA SER A 456 10.30 18.54 -29.30
C SER A 456 10.00 17.43 -28.30
N SER A 457 10.89 17.22 -27.32
CA SER A 457 10.69 16.15 -26.36
C SER A 457 9.44 16.39 -25.51
N LEU A 458 9.38 17.54 -24.84
CA LEU A 458 8.22 17.87 -24.04
C LEU A 458 6.96 17.91 -24.90
N SER A 459 7.07 18.46 -26.11
CA SER A 459 5.91 18.53 -26.99
C SER A 459 5.35 17.15 -27.29
N MET A 460 6.22 16.21 -27.67
CA MET A 460 5.74 14.89 -28.01
C MET A 460 5.23 14.14 -26.78
N LEU A 461 5.83 14.40 -25.62
CA LEU A 461 5.29 13.81 -24.39
C LEU A 461 3.84 14.25 -24.18
N ARG A 462 3.58 15.56 -24.26
CA ARG A 462 2.22 16.04 -24.04
C ARG A 462 1.28 15.53 -25.13
N GLY A 463 1.77 15.42 -26.36
CA GLY A 463 0.96 14.85 -27.42
C GLY A 463 0.52 13.43 -27.09
N ALA A 464 1.44 12.61 -26.61
CA ALA A 464 1.08 11.24 -26.23
C ALA A 464 0.07 11.24 -25.09
N PHE A 465 0.25 12.14 -24.13
CA PHE A 465 -0.71 12.23 -23.03
C PHE A 465 -2.12 12.51 -23.54
N ILE A 466 -2.26 13.55 -24.37
CA ILE A 466 -3.59 13.92 -24.85
C ILE A 466 -4.17 12.86 -25.76
N TYR A 467 -3.31 12.15 -26.50
CA TYR A 467 -3.80 11.02 -27.27
C TYR A 467 -4.40 9.96 -26.36
N ARG A 468 -3.74 9.68 -25.23
CA ARG A 468 -4.27 8.67 -24.32
C ARG A 468 -5.62 9.09 -23.76
N ILE A 469 -5.75 10.37 -23.39
CA ILE A 469 -7.03 10.83 -22.86
C ILE A 469 -8.13 10.74 -23.92
N ILE A 470 -7.84 11.13 -25.15
CA ILE A 470 -8.84 11.05 -26.21
C ILE A 470 -9.27 9.60 -26.44
N LYS A 471 -8.30 8.69 -26.53
CA LYS A 471 -8.62 7.28 -26.70
C LYS A 471 -9.49 6.77 -25.56
N GLY A 472 -9.20 7.21 -24.34
CA GLY A 472 -10.03 6.82 -23.21
C GLY A 472 -11.46 7.28 -23.34
N PHE A 473 -11.67 8.56 -23.64
CA PHE A 473 -13.03 9.05 -23.81
C PHE A 473 -13.77 8.29 -24.90
N VAL A 474 -13.13 8.09 -26.05
CA VAL A 474 -13.85 7.44 -27.14
C VAL A 474 -14.22 6.01 -26.77
N ASN A 475 -13.27 5.24 -26.23
CA ASN A 475 -13.57 3.85 -25.93
C ASN A 475 -14.45 3.69 -24.69
N ASN A 476 -14.64 4.74 -23.90
CA ASN A 476 -15.50 4.64 -22.72
C ASN A 476 -16.91 5.18 -22.98
N TYR A 477 -17.02 6.44 -23.38
CA TYR A 477 -18.32 7.08 -23.52
C TYR A 477 -18.78 7.18 -24.96
N ASN A 478 -18.05 6.60 -25.91
CA ASN A 478 -18.39 6.69 -27.33
C ASN A 478 -18.58 8.14 -27.76
N ARG A 479 -17.72 9.01 -27.23
CA ARG A 479 -17.86 10.44 -27.46
C ARG A 479 -16.51 11.09 -27.29
N TRP A 480 -16.20 12.00 -28.17
CA TRP A 480 -14.99 12.80 -28.15
C TRP A 480 -15.14 13.95 -27.16
N PRO A 481 -14.12 14.25 -26.36
CA PRO A 481 -14.22 15.36 -25.42
C PRO A 481 -14.36 16.69 -26.13
N THR A 482 -15.09 17.61 -25.49
CA THR A 482 -15.35 18.91 -26.09
C THR A 482 -14.10 19.76 -26.10
N LEU A 483 -13.87 20.48 -27.20
CA LEU A 483 -12.70 21.32 -27.37
C LEU A 483 -13.13 22.75 -27.63
N ARG A 484 -12.32 23.70 -27.20
CA ARG A 484 -12.52 25.09 -27.57
C ARG A 484 -11.61 25.53 -28.71
N ASN A 485 -10.40 24.98 -28.79
CA ASN A 485 -9.50 25.24 -29.90
C ASN A 485 -9.64 24.12 -30.93
N ALA A 486 -10.78 24.14 -31.62
CA ALA A 486 -10.97 23.25 -32.75
C ALA A 486 -10.45 23.83 -34.05
N ILE A 487 -10.21 25.14 -34.09
CA ILE A 487 -9.72 25.78 -35.31
C ILE A 487 -8.36 25.24 -35.69
N VAL A 488 -7.48 25.05 -34.71
CA VAL A 488 -6.11 24.59 -34.97
C VAL A 488 -6.18 23.08 -35.10
N LEU A 489 -6.46 22.62 -36.30
CA LEU A 489 -6.57 21.19 -36.52
C LEU A 489 -6.56 20.92 -38.01
N PRO A 490 -5.67 20.05 -38.49
CA PRO A 490 -5.63 19.76 -39.92
C PRO A 490 -6.88 19.05 -40.39
N LEU A 491 -7.15 19.16 -41.69
CA LEU A 491 -8.33 18.54 -42.26
C LEU A 491 -8.33 17.03 -42.00
N ARG A 492 -7.19 16.38 -42.15
CA ARG A 492 -7.08 14.96 -41.87
C ARG A 492 -7.47 14.65 -40.42
N TRP A 493 -7.44 15.63 -39.54
CA TRP A 493 -7.88 15.44 -38.17
C TRP A 493 -9.29 15.96 -37.93
N LEU A 494 -9.73 16.98 -38.67
CA LEU A 494 -11.13 17.39 -38.58
C LEU A 494 -12.05 16.26 -39.02
N THR A 495 -11.65 15.51 -40.05
CA THR A 495 -12.46 14.36 -40.44
C THR A 495 -12.49 13.29 -39.36
N TYR A 496 -11.47 13.25 -38.48
CA TYR A 496 -11.51 12.36 -37.33
C TYR A 496 -12.36 12.92 -36.21
N TYR A 497 -12.52 14.24 -36.16
CA TYR A 497 -13.34 14.84 -35.11
C TYR A 497 -14.83 14.75 -35.43
N LYS A 498 -15.20 15.07 -36.68
CA LYS A 498 -16.62 15.08 -37.04
C LYS A 498 -17.26 13.73 -36.79
N LEU A 499 -16.56 12.65 -37.16
CA LEU A 499 -16.99 11.30 -36.86
C LEU A 499 -16.27 10.83 -35.60
N ASN A 500 -17.03 10.44 -34.59
CA ASN A 500 -16.46 10.15 -33.27
C ASN A 500 -15.66 8.85 -33.32
N THR A 501 -14.44 8.95 -33.83
CA THR A 501 -13.52 7.83 -33.82
C THR A 501 -12.09 8.36 -33.87
N TYR A 502 -11.16 7.52 -33.44
CA TYR A 502 -9.76 7.87 -33.27
C TYR A 502 -8.87 7.01 -34.16
N PRO A 503 -7.71 7.52 -34.57
CA PRO A 503 -6.81 6.71 -35.37
C PRO A 503 -6.05 5.70 -34.52
N SER A 504 -5.68 4.58 -35.14
CA SER A 504 -4.97 3.55 -34.40
C SER A 504 -3.52 3.96 -34.20
N LEU A 505 -2.81 3.15 -33.42
CA LEU A 505 -1.46 3.54 -32.99
C LEU A 505 -0.43 3.30 -34.08
N LEU A 506 -0.54 2.18 -34.81
CA LEU A 506 0.46 1.86 -35.82
C LEU A 506 0.42 2.86 -36.96
N GLU A 507 -0.77 3.35 -37.30
CA GLU A 507 -0.88 4.36 -38.35
C GLU A 507 -0.30 5.70 -37.90
N LEU A 508 -0.42 6.02 -36.62
CA LEU A 508 0.00 7.32 -36.13
C LEU A 508 1.49 7.53 -36.34
N THR A 509 1.87 8.76 -36.64
CA THR A 509 3.26 9.12 -36.89
C THR A 509 3.80 9.96 -35.75
N GLU A 510 5.05 10.40 -35.90
CA GLU A 510 5.66 11.25 -34.89
C GLU A 510 5.15 12.67 -34.99
N ARG A 511 5.26 13.27 -36.17
CA ARG A 511 4.94 14.69 -36.34
C ARG A 511 3.50 14.98 -35.94
N ASP A 512 2.59 14.05 -36.22
CA ASP A 512 1.18 14.26 -35.86
C ASP A 512 1.03 14.56 -34.38
N LEU A 513 1.86 13.91 -33.55
CA LEU A 513 1.76 14.14 -32.11
C LEU A 513 1.94 15.62 -31.78
N ILE A 514 2.89 16.29 -32.43
CA ILE A 514 3.08 17.70 -32.16
C ILE A 514 1.82 18.48 -32.55
N VAL A 515 1.20 18.10 -33.66
CA VAL A 515 -0.08 18.68 -34.04
C VAL A 515 -1.09 18.54 -32.92
N LEU A 516 -1.13 17.36 -32.30
CA LEU A 516 -2.07 17.08 -31.24
C LEU A 516 -1.64 17.69 -29.91
N SER A 517 -0.50 18.37 -29.89
CA SER A 517 -0.03 18.96 -28.65
C SER A 517 -0.80 20.22 -28.31
N GLY A 518 -1.34 20.91 -29.31
CA GLY A 518 -2.04 22.16 -29.05
C GLY A 518 -3.54 22.03 -29.14
N LEU A 519 -4.19 21.91 -27.99
CA LEU A 519 -5.64 21.83 -27.89
C LEU A 519 -6.04 22.31 -26.52
N ARG A 520 -7.32 22.58 -26.35
CA ARG A 520 -7.87 22.91 -25.04
C ARG A 520 -9.22 22.22 -24.88
N PHE A 521 -9.67 22.13 -23.63
CA PHE A 521 -10.84 21.34 -23.30
C PHE A 521 -11.81 22.16 -22.44
N TYR A 522 -13.09 21.87 -22.58
CA TYR A 522 -14.07 22.38 -21.65
C TYR A 522 -14.19 21.43 -20.46
N ARG A 523 -14.89 21.88 -19.43
CA ARG A 523 -15.06 21.06 -18.22
C ARG A 523 -15.82 19.78 -18.55
N GLU A 524 -15.29 18.66 -18.08
CA GLU A 524 -15.94 17.37 -18.24
C GLU A 524 -16.28 16.67 -16.94
N PHE A 525 -15.49 16.86 -15.89
CA PHE A 525 -15.72 16.24 -14.60
C PHE A 525 -16.01 17.33 -13.58
N ARG A 526 -17.06 17.14 -12.79
CA ARG A 526 -17.35 18.11 -11.74
C ARG A 526 -16.57 17.78 -10.47
N LEU A 527 -16.50 18.76 -9.59
CA LEU A 527 -15.70 18.70 -8.38
C LEU A 527 -16.60 18.55 -7.17
N PRO A 528 -16.39 17.53 -6.33
CA PRO A 528 -17.22 17.37 -5.13
C PRO A 528 -17.08 18.57 -4.20
N LYS A 529 -18.21 19.04 -3.68
CA LYS A 529 -18.26 20.31 -2.95
C LYS A 529 -18.18 20.15 -1.44
N LYS A 530 -18.81 19.12 -0.89
CA LYS A 530 -18.75 18.86 0.54
C LYS A 530 -17.59 17.92 0.85
N VAL A 531 -16.83 18.25 1.90
CA VAL A 531 -15.70 17.42 2.27
C VAL A 531 -16.18 16.05 2.71
N ASP A 532 -15.51 15.01 2.25
CA ASP A 532 -15.77 13.65 2.70
C ASP A 532 -14.91 13.40 3.94
N LEU A 533 -15.58 13.19 5.08
CA LEU A 533 -14.86 13.15 6.35
C LEU A 533 -14.13 11.83 6.58
N GLU A 534 -14.50 10.76 5.87
CA GLU A 534 -13.89 9.47 6.14
C GLU A 534 -12.45 9.42 5.65
N MET A 535 -12.23 9.73 4.36
CA MET A 535 -10.90 9.60 3.79
C MET A 535 -9.89 10.53 4.48
N ILE A 536 -10.37 11.65 5.01
CA ILE A 536 -9.46 12.70 5.46
C ILE A 536 -8.95 12.43 6.87
N ILE A 537 -9.80 11.87 7.73
CA ILE A 537 -9.40 11.60 9.12
C ILE A 537 -8.52 10.38 9.16
N ASN A 538 -7.41 10.48 9.89
CA ASN A 538 -6.53 9.34 10.10
C ASN A 538 -5.62 9.64 11.28
N ASP A 539 -5.16 8.57 11.92
CA ASP A 539 -4.37 8.71 13.15
C ASP A 539 -2.97 9.24 12.92
N LYS A 540 -2.50 9.28 11.68
CA LYS A 540 -1.13 9.69 11.40
C LYS A 540 -0.94 11.15 11.74
N ALA A 541 0.31 11.51 12.03
CA ALA A 541 0.65 12.83 12.53
C ALA A 541 0.89 13.81 11.38
N ILE A 542 0.89 15.10 11.72
CA ILE A 542 1.19 16.18 10.78
C ILE A 542 2.01 17.23 11.52
N SER A 543 2.82 17.95 10.77
CA SER A 543 3.70 18.94 11.36
C SER A 543 2.92 20.17 11.80
N PRO A 544 3.42 20.90 12.79
CA PRO A 544 2.80 22.17 13.15
C PRO A 544 3.07 23.21 12.08
N PRO A 545 2.33 24.32 12.08
CA PRO A 545 2.65 25.41 11.15
C PRO A 545 4.04 25.96 11.40
N LYS A 546 4.56 26.65 10.40
CA LYS A 546 5.96 27.09 10.43
C LYS A 546 6.30 27.85 11.70
N ASN A 547 5.56 28.93 11.98
CA ASN A 547 5.92 29.83 13.07
C ASN A 547 6.03 29.12 14.41
N LEU A 548 5.57 27.88 14.50
CA LEU A 548 5.52 27.15 15.76
C LEU A 548 6.40 25.91 15.76
N ILE A 549 7.07 25.60 14.64
CA ILE A 549 7.75 24.32 14.48
C ILE A 549 8.79 24.07 15.55
N TRP A 550 9.26 25.11 16.23
CA TRP A 550 10.24 24.91 17.29
C TRP A 550 9.71 24.06 18.44
N THR A 551 8.42 23.77 18.48
CA THR A 551 7.88 22.92 19.53
C THR A 551 7.95 21.44 19.21
N SER A 552 8.89 21.01 18.37
CA SER A 552 9.15 19.59 18.17
C SER A 552 10.37 19.09 18.94
N PHE A 553 11.29 19.96 19.25
CA PHE A 553 12.54 19.74 19.97
C PHE A 553 12.32 19.95 21.46
N PRO A 554 13.02 19.19 22.30
CA PRO A 554 12.77 19.28 23.74
C PRO A 554 13.08 20.65 24.28
N ARG A 555 12.53 20.94 25.45
CA ARG A 555 12.72 22.24 26.07
C ARG A 555 14.19 22.55 26.31
N ASN A 556 15.00 21.52 26.55
CA ASN A 556 16.39 21.75 26.93
C ASN A 556 17.23 22.21 25.76
N TYR A 557 17.02 21.63 24.58
CA TYR A 557 17.97 21.83 23.48
C TYR A 557 17.87 23.23 22.89
N MET A 558 16.65 23.75 22.74
CA MET A 558 16.49 25.07 22.14
C MET A 558 17.07 26.13 23.07
N PRO A 559 17.72 27.16 22.52
CA PRO A 559 18.33 28.18 23.38
C PRO A 559 17.30 29.05 24.08
N SER A 560 17.79 30.07 24.79
CA SER A 560 16.92 30.88 25.64
C SER A 560 15.93 31.68 24.81
N HIS A 561 16.43 32.49 23.88
CA HIS A 561 15.56 33.42 23.16
C HIS A 561 14.51 32.69 22.32
N ILE A 562 14.85 31.52 21.79
CA ILE A 562 13.85 30.76 21.03
C ILE A 562 12.73 30.31 21.95
N GLN A 563 13.07 29.93 23.18
CA GLN A 563 12.03 29.56 24.14
C GLN A 563 11.17 30.76 24.52
N ASN A 564 11.80 31.92 24.72
CA ASN A 564 11.03 33.13 25.00
C ASN A 564 10.07 33.43 23.86
N TYR A 565 10.53 33.29 22.62
CA TYR A 565 9.65 33.56 21.49
C TYR A 565 8.52 32.55 21.39
N ILE A 566 8.83 31.27 21.65
CA ILE A 566 7.79 30.24 21.68
C ILE A 566 6.69 30.65 22.66
N GLU A 567 7.09 31.01 23.89
CA GLU A 567 6.10 31.36 24.90
C GLU A 567 5.34 32.62 24.52
N HIS A 568 6.01 33.58 23.90
CA HIS A 568 5.36 34.84 23.57
C HIS A 568 4.43 34.71 22.39
N GLU A 569 4.66 33.73 21.51
CA GLU A 569 3.86 33.58 20.30
C GLU A 569 2.79 32.49 20.41
N LYS A 570 2.93 31.55 21.34
CA LYS A 570 1.96 30.46 21.47
C LYS A 570 0.53 30.95 21.47
N LEU A 571 0.28 32.14 22.01
CA LEU A 571 -1.10 32.62 22.14
C LEU A 571 -1.66 33.15 20.82
N LYS A 572 -0.80 33.64 19.91
CA LYS A 572 -1.31 34.27 18.69
C LYS A 572 -2.07 33.26 17.83
N PHE A 573 -1.55 32.05 17.68
CA PHE A 573 -2.25 31.04 16.91
C PHE A 573 -3.42 30.47 17.70
N SER A 574 -4.33 29.84 16.99
CA SER A 574 -5.50 29.25 17.61
C SER A 574 -5.12 27.96 18.34
N GLU A 575 -6.07 27.45 19.14
CA GLU A 575 -5.88 26.17 19.81
C GLU A 575 -5.99 25.00 18.84
N SER A 576 -6.54 25.24 17.64
CA SER A 576 -6.74 24.16 16.68
C SER A 576 -5.42 23.69 16.08
N ASP A 577 -4.67 24.60 15.46
CA ASP A 577 -3.52 24.23 14.67
C ASP A 577 -2.27 23.95 15.50
N LYS A 578 -2.24 24.35 16.77
CA LYS A 578 -1.12 23.97 17.62
C LYS A 578 -1.31 22.55 18.12
N SER A 579 -1.57 21.63 17.20
CA SER A 579 -1.91 20.25 17.52
C SER A 579 -0.90 19.32 16.89
N ARG A 580 -0.58 18.23 17.59
CA ARG A 580 0.45 17.33 17.12
C ARG A 580 -0.07 16.30 16.13
N ARG A 581 -1.38 16.00 16.14
CA ARG A 581 -1.92 14.96 15.30
C ARG A 581 -3.22 15.44 14.64
N VAL A 582 -3.77 14.58 13.78
CA VAL A 582 -4.92 14.97 12.95
C VAL A 582 -6.23 14.80 13.70
N LEU A 583 -6.39 13.70 14.43
CA LEU A 583 -7.57 13.51 15.25
C LEU A 583 -7.83 14.73 16.11
N GLU A 584 -6.79 15.23 16.79
CA GLU A 584 -6.92 16.45 17.57
C GLU A 584 -7.26 17.65 16.68
N TYR A 585 -6.59 17.75 15.52
CA TYR A 585 -6.78 18.91 14.66
C TYR A 585 -8.24 19.05 14.24
N TYR A 586 -8.90 17.94 13.97
CA TYR A 586 -10.31 18.01 13.59
C TYR A 586 -11.23 18.02 14.80
N LEU A 587 -10.80 17.49 15.93
CA LEU A 587 -11.59 17.54 17.14
C LEU A 587 -11.47 18.87 17.88
N ARG A 588 -10.70 19.82 17.35
CA ARG A 588 -10.61 21.14 17.97
C ARG A 588 -10.91 22.29 17.04
N ASP A 589 -11.39 22.02 15.82
CA ASP A 589 -11.75 23.08 14.90
C ASP A 589 -12.94 23.85 15.46
N ASN A 590 -12.73 25.11 15.81
CA ASN A 590 -13.83 25.93 16.30
C ASN A 590 -14.64 26.52 15.16
N LYS A 591 -13.97 26.91 14.08
CA LYS A 591 -14.62 27.45 12.89
C LYS A 591 -14.32 26.49 11.74
N PHE A 592 -15.19 25.49 11.56
CA PHE A 592 -14.99 24.43 10.58
C PHE A 592 -16.18 24.39 9.65
N ASN A 593 -15.97 24.79 8.40
CA ASN A 593 -17.04 24.91 7.42
C ASN A 593 -16.92 23.80 6.40
N GLU A 594 -18.07 23.23 6.01
CA GLU A 594 -18.07 22.14 5.04
C GLU A 594 -17.73 22.63 3.63
N CYS A 595 -18.01 23.89 3.33
CA CYS A 595 -17.71 24.48 2.04
C CYS A 595 -16.34 25.15 2.00
N ASP A 596 -15.61 25.13 3.12
CA ASP A 596 -14.32 25.81 3.18
C ASP A 596 -13.33 25.23 2.18
N LEU A 597 -13.25 23.90 2.09
CA LEU A 597 -12.25 23.28 1.22
C LEU A 597 -12.53 23.58 -0.24
N TYR A 598 -13.79 23.42 -0.66
CA TYR A 598 -14.13 23.66 -2.05
C TYR A 598 -14.07 25.14 -2.39
N ASN A 599 -14.17 26.02 -1.40
CA ASN A 599 -13.92 27.43 -1.65
C ASN A 599 -12.42 27.71 -1.78
N CYS A 600 -11.62 27.02 -0.98
CA CYS A 600 -10.19 27.30 -0.91
C CYS A 600 -9.46 26.76 -2.13
N VAL A 601 -9.80 25.55 -2.57
CA VAL A 601 -9.13 24.96 -3.71
C VAL A 601 -9.33 25.77 -4.98
N VAL A 602 -10.35 26.63 -5.00
CA VAL A 602 -10.60 27.45 -6.17
C VAL A 602 -10.20 28.91 -5.96
N ASN A 603 -10.14 29.39 -4.72
CA ASN A 603 -9.67 30.74 -4.50
C ASN A 603 -8.14 30.86 -4.54
N GLN A 604 -7.43 29.75 -4.70
CA GLN A 604 -5.96 29.71 -4.66
C GLN A 604 -5.42 30.41 -3.41
N SER A 605 -5.75 29.85 -2.26
CA SER A 605 -5.15 30.33 -1.02
C SER A 605 -3.91 29.56 -0.62
N TYR A 606 -3.71 28.36 -1.17
CA TYR A 606 -2.57 27.54 -0.78
C TYR A 606 -1.28 27.94 -1.46
N LEU A 607 -1.33 28.72 -2.53
CA LEU A 607 -0.14 29.27 -3.14
C LEU A 607 0.34 30.49 -2.38
N ASN A 608 1.66 30.69 -2.35
CA ASN A 608 2.27 31.87 -1.74
C ASN A 608 1.82 32.03 -0.29
N ASN A 609 1.67 30.91 0.39
CA ASN A 609 1.17 30.90 1.76
C ASN A 609 2.28 31.28 2.74
N PRO A 610 1.95 32.01 3.82
CA PRO A 610 3.01 32.46 4.72
C PRO A 610 3.55 31.36 5.61
N ASN A 611 2.71 30.46 6.12
CA ASN A 611 3.15 29.38 7.00
C ASN A 611 2.95 28.05 6.28
N HIS A 612 3.98 27.63 5.55
CA HIS A 612 4.02 26.35 4.86
C HIS A 612 5.42 25.80 5.05
N VAL A 613 5.54 24.60 5.60
CA VAL A 613 6.84 23.98 5.82
C VAL A 613 6.68 22.47 5.74
N VAL A 614 7.46 21.84 4.88
CA VAL A 614 7.45 20.39 4.73
C VAL A 614 8.64 19.81 5.47
N SER A 615 8.38 19.03 6.51
CA SER A 615 9.44 18.52 7.37
C SER A 615 9.58 17.03 7.16
N LEU A 616 10.82 16.59 6.93
CA LEU A 616 11.13 15.20 6.68
C LEU A 616 11.45 14.52 8.01
N THR A 617 10.84 13.38 8.27
CA THR A 617 11.17 12.60 9.45
C THR A 617 11.64 11.23 9.01
N GLY A 618 12.68 10.74 9.70
CA GLY A 618 13.25 9.44 9.42
C GLY A 618 12.46 8.32 10.06
N LYS A 619 11.27 8.07 9.53
CA LYS A 619 10.44 6.97 10.01
C LYS A 619 10.15 5.95 8.91
N GLU A 620 10.70 6.14 7.72
CA GLU A 620 10.55 5.13 6.67
C GLU A 620 11.43 3.93 7.01
N ARG A 621 10.84 2.73 6.93
CA ARG A 621 11.44 1.51 7.45
C ARG A 621 11.76 0.55 6.32
N GLU A 622 13.05 0.35 6.06
CA GLU A 622 13.53 -0.66 5.13
C GLU A 622 14.96 -0.99 5.52
N LEU A 623 15.55 -1.97 4.83
CA LEU A 623 16.87 -2.45 5.23
C LEU A 623 17.94 -1.43 4.87
N SER A 624 17.89 -0.89 3.66
CA SER A 624 18.75 0.25 3.34
C SER A 624 18.25 1.49 4.06
N VAL A 625 19.08 2.54 4.09
CA VAL A 625 18.63 3.79 4.68
C VAL A 625 17.51 4.39 3.86
N GLY A 626 17.54 4.18 2.54
CA GLY A 626 16.44 4.59 1.68
C GLY A 626 16.14 6.07 1.83
N ARG A 627 14.91 6.37 2.24
CA ARG A 627 14.46 7.74 2.38
C ARG A 627 13.77 7.96 3.72
N MET A 628 13.13 9.11 3.85
CA MET A 628 12.42 9.50 5.07
C MET A 628 11.23 10.32 4.64
N PHE A 629 10.09 10.13 5.30
CA PHE A 629 8.87 10.64 4.70
C PHE A 629 8.48 11.98 5.28
N ALA A 630 7.67 12.71 4.53
CA ALA A 630 7.44 14.13 4.76
C ALA A 630 6.08 14.38 5.39
N MET A 631 5.97 15.49 6.08
CA MET A 631 4.71 15.92 6.66
C MET A 631 4.57 17.43 6.52
N GLN A 632 3.39 17.87 6.08
CA GLN A 632 2.97 19.26 5.92
C GLN A 632 2.07 19.69 7.07
N PRO A 633 1.61 20.94 7.09
CA PRO A 633 0.45 21.28 7.94
C PRO A 633 -0.80 20.54 7.51
N GLY A 634 -1.92 20.75 8.20
CA GLY A 634 -3.12 19.98 7.90
C GLY A 634 -3.79 20.39 6.60
N MET A 635 -3.93 21.69 6.39
CA MET A 635 -4.69 22.20 5.25
C MET A 635 -4.11 21.70 3.92
N PHE A 636 -2.80 21.82 3.78
CA PHE A 636 -2.17 21.32 2.55
C PHE A 636 -2.31 19.81 2.43
N ARG A 637 -2.37 19.11 3.56
CA ARG A 637 -2.63 17.67 3.48
C ARG A 637 -4.01 17.40 2.93
N GLN A 638 -5.00 18.21 3.34
CA GLN A 638 -6.32 18.12 2.73
C GLN A 638 -6.23 18.28 1.23
N VAL A 639 -5.53 19.32 0.78
CA VAL A 639 -5.50 19.62 -0.65
C VAL A 639 -4.82 18.48 -1.42
N GLN A 640 -3.74 17.93 -0.87
CA GLN A 640 -3.04 16.86 -1.56
C GLN A 640 -3.89 15.60 -1.63
N ILE A 641 -4.54 15.24 -0.52
CA ILE A 641 -5.44 14.09 -0.53
C ILE A 641 -6.54 14.30 -1.57
N LEU A 642 -7.03 15.53 -1.68
CA LEU A 642 -8.09 15.80 -2.65
C LEU A 642 -7.60 15.58 -4.07
N ALA A 643 -6.40 16.08 -4.40
CA ALA A 643 -5.88 15.88 -5.74
C ALA A 643 -5.76 14.40 -6.07
N GLU A 644 -5.15 13.64 -5.16
CA GLU A 644 -5.00 12.21 -5.42
C GLU A 644 -6.36 11.54 -5.57
N LYS A 645 -7.35 11.97 -4.79
CA LYS A 645 -8.67 11.35 -4.85
C LYS A 645 -9.34 11.63 -6.18
N MET A 646 -9.27 12.87 -6.66
CA MET A 646 -9.87 13.19 -7.95
C MET A 646 -9.25 12.37 -9.07
N ILE A 647 -7.91 12.24 -9.07
CA ILE A 647 -7.27 11.41 -10.08
C ILE A 647 -7.78 9.99 -10.00
N ALA A 648 -7.73 9.38 -8.81
CA ALA A 648 -8.13 7.98 -8.68
C ALA A 648 -9.57 7.76 -9.08
N GLU A 649 -10.44 8.74 -8.84
CA GLU A 649 -11.84 8.59 -9.21
C GLU A 649 -12.01 8.66 -10.73
N ASN A 650 -11.37 9.63 -11.37
CA ASN A 650 -11.73 9.95 -12.75
C ASN A 650 -10.71 9.46 -13.79
N ILE A 651 -9.44 9.80 -13.63
CA ILE A 651 -8.52 9.68 -14.75
C ILE A 651 -7.95 8.26 -14.86
N LEU A 652 -7.53 7.69 -13.74
CA LEU A 652 -6.83 6.42 -13.78
C LEU A 652 -7.63 5.31 -14.44
N GLN A 653 -8.93 5.51 -14.68
CA GLN A 653 -9.70 4.56 -15.47
C GLN A 653 -9.32 4.56 -16.93
N PHE A 654 -8.54 5.54 -17.39
CA PHE A 654 -8.13 5.59 -18.79
C PHE A 654 -6.85 4.81 -19.06
N PHE A 655 -6.04 4.58 -18.05
CA PHE A 655 -4.77 3.88 -18.19
C PHE A 655 -4.87 2.55 -17.46
N PRO A 656 -5.46 1.52 -18.07
CA PRO A 656 -5.65 0.26 -17.34
C PRO A 656 -4.36 -0.44 -17.00
N GLU A 657 -3.25 -0.08 -17.63
CA GLU A 657 -1.96 -0.67 -17.27
C GLU A 657 -1.60 -0.33 -15.83
N SER A 658 -1.96 0.86 -15.37
CA SER A 658 -1.65 1.26 -14.00
C SER A 658 -2.57 0.54 -13.03
N LEU A 659 -1.99 -0.07 -12.02
CA LEU A 659 -2.78 -0.79 -11.02
C LEU A 659 -3.48 0.17 -10.07
N ILE A 692 8.38 -12.42 -33.62
CA ILE A 692 8.05 -12.79 -32.25
C ILE A 692 9.34 -12.81 -31.45
N SER A 693 10.18 -11.80 -31.66
CA SER A 693 11.37 -11.60 -30.86
C SER A 693 10.96 -10.77 -29.66
N LYS A 694 11.13 -11.34 -28.47
CA LYS A 694 10.57 -10.79 -27.24
C LYS A 694 11.66 -10.49 -26.24
N CYS A 695 11.45 -9.44 -25.45
CA CYS A 695 12.38 -9.08 -24.39
C CYS A 695 11.65 -8.32 -23.30
N SER A 696 11.88 -8.71 -22.05
CA SER A 696 11.35 -7.99 -20.90
C SER A 696 12.48 -7.19 -20.26
N ILE A 697 12.15 -6.02 -19.76
CA ILE A 697 13.10 -5.12 -19.13
C ILE A 697 12.50 -4.68 -17.81
N ILE A 698 13.26 -4.85 -16.72
CA ILE A 698 12.76 -4.56 -15.39
C ILE A 698 13.55 -3.39 -14.84
N THR A 699 12.84 -2.37 -14.34
CA THR A 699 13.45 -1.12 -13.92
C THR A 699 12.98 -0.76 -12.52
N ASP A 700 13.92 -0.39 -11.66
CA ASP A 700 13.57 0.20 -10.37
C ASP A 700 13.11 1.63 -10.62
N LEU A 701 12.16 2.08 -9.80
CA LEU A 701 11.53 3.37 -10.03
C LEU A 701 11.70 4.31 -8.84
N SER A 702 12.47 3.92 -7.83
CA SER A 702 12.88 4.87 -6.82
C SER A 702 13.88 5.83 -7.41
N LYS A 703 13.97 7.02 -6.81
CA LYS A 703 14.75 8.15 -7.30
C LYS A 703 14.23 8.68 -8.63
N PHE A 704 13.16 8.09 -9.17
CA PHE A 704 12.51 8.63 -10.36
C PHE A 704 11.77 9.92 -10.05
N ASN A 705 11.48 10.18 -8.78
CA ASN A 705 10.71 11.36 -8.43
C ASN A 705 11.56 12.61 -8.53
N GLN A 706 12.76 12.60 -7.94
CA GLN A 706 13.53 13.83 -7.83
C GLN A 706 13.92 14.40 -9.19
N ALA A 707 14.09 13.54 -10.19
CA ALA A 707 14.51 14.03 -11.49
C ALA A 707 13.45 14.93 -12.13
N PHE A 708 12.19 14.73 -11.78
CA PHE A 708 11.12 15.57 -12.32
C PHE A 708 11.41 17.03 -12.00
N ARG A 709 11.01 17.90 -12.93
CA ARG A 709 11.03 19.33 -12.69
C ARG A 709 9.64 19.87 -12.97
N TYR A 710 9.50 21.20 -13.04
CA TYR A 710 8.17 21.75 -13.30
C TYR A 710 7.69 21.41 -14.69
N GLU A 711 8.52 21.68 -15.71
CA GLU A 711 8.07 21.49 -17.08
C GLU A 711 7.64 20.06 -17.34
N THR A 712 8.53 19.12 -17.06
CA THR A 712 8.30 17.71 -17.39
C THR A 712 6.99 17.19 -16.82
N SER A 713 6.63 17.62 -15.62
CA SER A 713 5.41 17.12 -14.99
C SER A 713 4.21 17.98 -15.30
N CYS A 714 4.37 19.30 -15.25
CA CYS A 714 3.21 20.17 -15.36
C CYS A 714 2.67 20.27 -16.78
N ILE A 715 3.48 20.02 -17.80
CA ILE A 715 2.90 19.99 -19.15
C ILE A 715 1.78 18.95 -19.23
N CYS A 716 1.99 17.78 -18.62
CA CYS A 716 0.97 16.76 -18.66
C CYS A 716 -0.09 16.94 -17.58
N SER A 717 0.28 17.52 -16.43
CA SER A 717 -0.71 17.76 -15.38
C SER A 717 -1.71 18.83 -15.78
N ASP A 718 -1.33 19.76 -16.64
CA ASP A 718 -2.26 20.83 -17.02
C ASP A 718 -3.49 20.30 -17.74
N VAL A 719 -3.38 19.16 -18.41
CA VAL A 719 -4.53 18.61 -19.11
C VAL A 719 -5.61 18.18 -18.12
N LEU A 720 -5.22 17.46 -17.07
CA LEU A 720 -6.17 17.10 -16.03
C LEU A 720 -6.71 18.35 -15.34
N ASP A 721 -5.81 19.27 -15.00
CA ASP A 721 -6.23 20.53 -14.40
C ASP A 721 -7.28 21.23 -15.24
N GLU A 722 -7.16 21.12 -16.56
CA GLU A 722 -8.06 21.79 -17.48
C GLU A 722 -9.39 21.06 -17.61
N LEU A 723 -9.34 19.74 -17.69
CA LEU A 723 -10.57 18.95 -17.74
C LEU A 723 -11.43 19.25 -16.52
N HIS A 724 -10.83 19.26 -15.33
CA HIS A 724 -11.62 19.47 -14.13
C HIS A 724 -12.09 20.91 -13.97
N GLY A 725 -11.69 21.81 -14.86
CA GLY A 725 -12.17 23.19 -14.84
C GLY A 725 -11.53 24.08 -13.82
N VAL A 726 -10.78 23.53 -12.87
CA VAL A 726 -10.10 24.30 -11.83
C VAL A 726 -8.78 24.79 -12.39
N GLN A 727 -8.09 25.67 -11.66
CA GLN A 727 -6.82 26.24 -12.07
C GLN A 727 -5.76 25.87 -11.05
N SER A 728 -4.70 25.18 -11.49
CA SER A 728 -3.54 24.88 -10.66
C SER A 728 -3.92 24.05 -9.43
N LEU A 729 -4.70 23.00 -9.65
CA LEU A 729 -4.94 22.03 -8.58
C LEU A 729 -3.87 20.95 -8.59
N PHE A 730 -3.75 20.23 -9.70
CA PHE A 730 -2.81 19.13 -9.77
C PHE A 730 -1.37 19.60 -9.96
N SER A 731 -1.14 20.90 -10.08
CA SER A 731 0.19 21.45 -10.21
C SER A 731 0.68 22.13 -8.94
N TRP A 732 0.03 21.91 -7.80
CA TRP A 732 0.40 22.62 -6.59
C TRP A 732 1.83 22.30 -6.18
N LEU A 733 2.23 21.03 -6.31
CA LEU A 733 3.50 20.56 -5.76
C LEU A 733 4.66 21.41 -6.22
N HIS A 734 4.91 21.43 -7.54
CA HIS A 734 6.04 22.18 -8.05
C HIS A 734 5.84 23.68 -7.99
N LEU A 735 4.65 24.16 -7.69
CA LEU A 735 4.43 25.60 -7.72
C LEU A 735 4.69 26.29 -6.41
N THR A 736 4.66 25.57 -5.29
CA THR A 736 4.90 26.19 -3.98
C THR A 736 6.05 25.58 -3.20
N ILE A 737 6.45 24.34 -3.51
CA ILE A 737 7.55 23.71 -2.76
C ILE A 737 8.88 24.44 -2.93
N PRO A 738 9.27 24.92 -4.11
CA PRO A 738 10.57 25.61 -4.22
C PRO A 738 10.79 26.73 -3.22
N HIS A 739 9.74 27.36 -2.71
CA HIS A 739 9.95 28.51 -1.82
C HIS A 739 10.20 28.10 -0.37
N VAL A 740 9.68 26.95 0.07
CA VAL A 740 9.60 26.64 1.49
C VAL A 740 10.84 25.88 1.94
N THR A 741 11.07 25.92 3.26
CA THR A 741 12.33 25.50 3.87
C THR A 741 12.21 24.09 4.42
N ILE A 742 12.84 23.13 3.76
CA ILE A 742 12.74 21.73 4.16
C ILE A 742 13.73 21.45 5.25
N ILE A 743 13.24 21.06 6.43
CA ILE A 743 14.07 20.82 7.61
C ILE A 743 13.79 19.42 8.13
N CYS A 744 14.77 18.88 8.84
CA CYS A 744 14.61 17.61 9.53
C CYS A 744 14.09 17.86 10.93
N THR A 745 13.05 17.14 11.32
CA THR A 745 12.44 17.30 12.65
C THR A 745 12.35 15.95 13.35
N TYR A 746 13.46 15.53 13.94
CA TYR A 746 13.47 14.46 14.92
C TYR A 746 13.79 15.07 16.26
N ARG A 747 13.29 14.44 17.33
CA ARG A 747 13.35 15.08 18.64
C ARG A 747 14.77 15.37 19.06
N HIS A 748 15.70 14.47 18.78
CA HIS A 748 17.07 14.62 19.24
C HIS A 748 18.00 15.26 18.23
N ALA A 749 17.49 15.75 17.10
CA ALA A 749 18.31 16.28 16.02
C ALA A 749 17.95 17.73 15.77
N PRO A 750 18.38 18.64 16.63
CA PRO A 750 18.06 20.05 16.44
C PRO A 750 19.11 20.74 15.59
N PRO A 751 18.71 21.59 14.66
CA PRO A 751 19.70 22.34 13.87
C PRO A 751 20.17 23.56 14.64
N TYR A 752 21.46 23.87 14.49
CA TYR A 752 22.05 25.01 15.17
C TYR A 752 21.42 26.30 14.68
N ILE A 753 20.89 27.10 15.60
CA ILE A 753 20.05 28.23 15.25
C ILE A 753 20.78 29.56 15.33
N GLY A 754 22.00 29.58 15.84
CA GLY A 754 22.67 30.86 16.00
C GLY A 754 21.97 31.70 17.04
N ASP A 755 21.65 32.95 16.68
CA ASP A 755 20.95 33.83 17.58
C ASP A 755 20.20 34.88 16.77
N HIS A 756 19.22 35.51 17.42
CA HIS A 756 18.38 36.55 16.82
C HIS A 756 17.60 36.06 15.61
N ILE A 757 17.42 34.75 15.47
CA ILE A 757 16.67 34.17 14.37
C ILE A 757 15.49 33.42 14.97
N VAL A 758 14.28 33.84 14.61
CA VAL A 758 13.06 33.25 15.16
C VAL A 758 12.21 32.55 14.11
N ASP A 759 12.56 32.62 12.83
CA ASP A 759 11.81 31.93 11.79
C ASP A 759 12.79 31.24 10.85
N LEU A 760 12.26 30.28 10.10
CA LEU A 760 13.10 29.44 9.27
C LEU A 760 13.67 30.18 8.07
N ASN A 761 12.93 31.14 7.52
CA ASN A 761 13.36 31.77 6.28
C ASN A 761 14.61 32.63 6.44
N ASN A 762 15.12 32.79 7.65
CA ASN A 762 16.38 33.49 7.87
C ASN A 762 17.49 32.61 8.39
N VAL A 763 17.21 31.37 8.77
CA VAL A 763 18.23 30.47 9.30
C VAL A 763 19.22 30.12 8.21
N ASP A 764 20.50 30.04 8.58
CA ASP A 764 21.55 29.72 7.64
C ASP A 764 21.60 28.22 7.39
N GLU A 765 21.74 27.85 6.11
CA GLU A 765 21.67 26.45 5.73
C GLU A 765 22.81 25.65 6.37
N GLN A 766 22.53 24.40 6.68
CA GLN A 766 23.43 23.53 7.42
C GLN A 766 23.38 22.15 6.80
N SER A 767 23.83 21.16 7.55
CA SER A 767 23.58 19.78 7.18
C SER A 767 22.13 19.37 7.45
N GLY A 768 21.43 20.10 8.31
CA GLY A 768 20.08 19.75 8.68
C GLY A 768 19.04 20.16 7.67
N LEU A 769 18.89 21.46 7.45
CA LEU A 769 17.81 22.00 6.63
C LEU A 769 18.37 22.67 5.38
N TYR A 770 17.60 22.59 4.29
CA TYR A 770 17.96 23.30 3.08
C TYR A 770 16.71 23.84 2.41
N ARG A 771 16.89 24.46 1.25
CA ARG A 771 15.82 25.15 0.56
C ARG A 771 15.97 24.94 -0.93
N TYR A 772 14.98 25.40 -1.68
CA TYR A 772 14.96 25.30 -3.14
C TYR A 772 15.06 23.85 -3.58
N HIS A 773 14.03 23.08 -3.24
CA HIS A 773 13.99 21.66 -3.59
C HIS A 773 13.88 21.48 -5.10
N MET A 774 12.75 21.91 -5.67
CA MET A 774 12.48 21.77 -7.10
C MET A 774 12.57 20.30 -7.53
N GLY A 775 11.65 19.51 -7.00
CA GLY A 775 11.60 18.09 -7.31
C GLY A 775 10.55 17.40 -6.48
N GLY A 776 9.97 16.31 -6.98
CA GLY A 776 8.98 15.60 -6.21
C GLY A 776 9.53 15.11 -4.90
N ILE A 777 8.67 15.05 -3.90
CA ILE A 777 9.00 14.46 -2.61
C ILE A 777 8.39 13.07 -2.57
N GLU A 778 9.16 12.10 -2.06
CA GLU A 778 8.80 10.70 -2.25
C GLU A 778 7.44 10.39 -1.67
N GLY A 779 6.58 9.80 -2.50
CA GLY A 779 5.27 9.36 -2.07
C GLY A 779 4.14 10.23 -2.56
N TRP A 780 4.29 11.55 -2.46
CA TRP A 780 3.24 12.44 -2.92
C TRP A 780 3.10 12.36 -4.42
N CYS A 781 1.87 12.55 -4.89
CA CYS A 781 1.56 12.63 -6.32
C CYS A 781 2.25 11.51 -7.11
N GLN A 782 2.18 10.30 -6.57
CA GLN A 782 2.76 9.16 -7.27
C GLN A 782 1.95 8.81 -8.53
N LYS A 783 0.65 9.08 -8.52
CA LYS A 783 -0.17 8.75 -9.66
C LYS A 783 0.21 9.55 -10.89
N LEU A 784 0.53 10.84 -10.72
CA LEU A 784 0.95 11.64 -11.86
C LEU A 784 2.15 11.02 -12.55
N TRP A 785 3.11 10.54 -11.77
CA TRP A 785 4.32 10.01 -12.36
C TRP A 785 4.09 8.65 -12.99
N THR A 786 3.20 7.83 -12.41
CA THR A 786 2.82 6.60 -13.09
C THR A 786 2.20 6.90 -14.45
N ILE A 787 1.25 7.83 -14.48
CA ILE A 787 0.57 8.19 -15.72
C ILE A 787 1.58 8.68 -16.76
N GLU A 788 2.42 9.64 -16.37
CA GLU A 788 3.33 10.23 -17.34
C GLU A 788 4.41 9.25 -17.79
N ALA A 789 4.81 8.31 -16.92
CA ALA A 789 5.71 7.26 -17.36
C ALA A 789 5.06 6.39 -18.42
N ILE A 790 3.80 6.03 -18.25
CA ILE A 790 3.14 5.19 -19.24
C ILE A 790 3.00 5.94 -20.56
N SER A 791 2.74 7.24 -20.50
CA SER A 791 2.63 8.02 -21.74
C SER A 791 3.97 8.08 -22.45
N LEU A 792 5.04 8.40 -21.72
CA LEU A 792 6.38 8.41 -22.30
C LEU A 792 6.70 7.07 -22.94
N LEU A 793 6.28 5.98 -22.30
CA LEU A 793 6.54 4.65 -22.84
C LEU A 793 5.78 4.41 -24.13
N ASP A 794 4.55 4.90 -24.21
CA ASP A 794 3.84 4.92 -25.49
C ASP A 794 4.66 5.61 -26.56
N LEU A 795 5.20 6.79 -26.24
CA LEU A 795 6.02 7.51 -27.20
C LEU A 795 7.21 6.68 -27.66
N ILE A 796 7.88 6.02 -26.71
CA ILE A 796 9.00 5.15 -27.07
C ILE A 796 8.55 4.09 -28.06
N SER A 797 7.44 3.42 -27.76
CA SER A 797 6.91 2.43 -28.69
C SER A 797 6.66 3.02 -30.07
N LEU A 798 6.26 4.28 -30.12
CA LEU A 798 6.05 4.93 -31.41
C LEU A 798 7.36 5.10 -32.17
N LYS A 799 8.44 5.44 -31.46
CA LYS A 799 9.69 5.67 -32.17
C LYS A 799 10.41 4.38 -32.53
N GLY A 800 10.28 3.34 -31.71
CA GLY A 800 11.03 2.12 -31.92
C GLY A 800 10.34 1.07 -32.77
N LYS A 801 9.02 1.18 -32.92
CA LYS A 801 8.23 0.26 -33.72
C LYS A 801 8.32 -1.18 -33.19
N PHE A 802 7.85 -1.36 -31.97
CA PHE A 802 7.69 -2.69 -31.38
C PHE A 802 6.47 -2.72 -30.48
N SER A 803 5.74 -3.83 -30.53
CA SER A 803 4.53 -3.97 -29.72
C SER A 803 4.92 -4.07 -28.25
N ILE A 804 4.48 -3.11 -27.45
CA ILE A 804 4.98 -2.93 -26.10
C ILE A 804 3.86 -3.21 -25.11
N THR A 805 4.25 -3.45 -23.86
CA THR A 805 3.28 -3.58 -22.78
C THR A 805 3.97 -3.25 -21.46
N ALA A 806 3.27 -2.50 -20.60
CA ALA A 806 3.87 -2.00 -19.37
C ALA A 806 3.03 -2.40 -18.16
N LEU A 807 3.72 -2.62 -17.04
CA LEU A 807 3.10 -2.96 -15.76
C LEU A 807 3.86 -2.15 -14.69
N ILE A 808 3.20 -1.13 -14.14
CA ILE A 808 3.78 -0.30 -13.10
C ILE A 808 2.96 -0.46 -11.82
N ASN A 809 3.58 -0.95 -10.75
CA ASN A 809 2.92 -1.01 -9.45
C ASN A 809 3.37 0.10 -8.50
N GLY A 810 4.24 0.99 -8.94
CA GLY A 810 4.77 2.04 -8.08
C GLY A 810 6.11 1.74 -7.44
N ASP A 811 6.59 0.51 -7.56
CA ASP A 811 7.91 0.14 -7.06
C ASP A 811 8.82 -0.46 -8.13
N ASN A 812 8.28 -1.18 -9.11
CA ASN A 812 9.08 -1.72 -10.19
C ASN A 812 8.28 -1.61 -11.48
N GLN A 813 8.91 -1.08 -12.52
CA GLN A 813 8.29 -0.93 -13.83
C GLN A 813 8.77 -2.06 -14.73
N SER A 814 7.83 -2.85 -15.25
CA SER A 814 8.16 -3.98 -16.11
C SER A 814 7.66 -3.70 -17.52
N ILE A 815 8.57 -3.68 -18.48
CA ILE A 815 8.24 -3.32 -19.86
C ILE A 815 8.59 -4.51 -20.73
N ASP A 816 7.60 -5.10 -21.38
CA ASP A 816 7.88 -6.20 -22.29
C ASP A 816 7.67 -5.76 -23.73
N ILE A 817 8.47 -6.34 -24.62
CA ILE A 817 8.59 -5.92 -26.00
C ILE A 817 8.45 -7.14 -26.89
N SER A 818 7.70 -7.00 -27.98
CA SER A 818 7.65 -8.00 -29.03
C SER A 818 7.87 -7.32 -30.37
N LYS A 819 8.55 -8.01 -31.28
CA LYS A 819 8.79 -7.51 -32.62
C LYS A 819 8.62 -8.65 -33.61
N PRO A 820 7.93 -8.41 -34.72
CA PRO A 820 7.68 -9.50 -35.69
C PRO A 820 8.80 -9.66 -36.71
N ILE A 821 9.92 -10.24 -36.27
CA ILE A 821 11.02 -10.55 -37.18
C ILE A 821 11.44 -12.01 -36.98
N ARG A 822 10.49 -12.86 -36.56
CA ARG A 822 10.72 -14.29 -36.71
C ARG A 822 10.47 -14.69 -38.15
N LEU A 823 11.13 -15.79 -38.55
CA LEU A 823 11.15 -16.31 -39.91
C LEU A 823 11.99 -15.41 -40.81
N MET A 824 12.42 -14.27 -40.28
CA MET A 824 13.35 -13.37 -40.96
C MET A 824 14.70 -13.34 -40.25
N GLU A 825 14.96 -14.33 -39.39
CA GLU A 825 16.14 -14.34 -38.55
C GLU A 825 17.40 -14.53 -39.38
N GLY A 826 18.53 -14.12 -38.82
CA GLY A 826 19.81 -14.42 -39.44
C GLY A 826 20.57 -15.53 -38.73
N GLN A 827 20.43 -16.74 -39.26
CA GLN A 827 21.28 -17.90 -38.91
C GLN A 827 21.35 -18.16 -37.41
N THR A 828 20.31 -17.79 -36.67
CA THR A 828 20.21 -18.09 -35.24
C THR A 828 18.79 -17.81 -34.77
N HIS A 829 18.28 -18.66 -33.87
CA HIS A 829 16.91 -18.51 -33.38
C HIS A 829 16.83 -17.68 -32.10
N ALA A 830 17.94 -17.52 -31.40
CA ALA A 830 18.08 -16.59 -30.30
C ALA A 830 19.28 -15.70 -30.62
N GLN A 831 19.69 -14.90 -29.65
CA GLN A 831 20.86 -14.03 -29.82
C GLN A 831 20.56 -12.98 -30.88
N ALA A 832 19.35 -13.03 -31.43
CA ALA A 832 18.75 -11.93 -32.18
C ALA A 832 17.79 -11.14 -31.31
N ASP A 833 16.97 -11.82 -30.50
CA ASP A 833 16.26 -11.12 -29.45
C ASP A 833 17.21 -10.50 -28.46
N TYR A 834 18.40 -11.07 -28.30
CA TYR A 834 19.42 -10.40 -27.49
C TYR A 834 19.79 -9.05 -28.09
N LEU A 835 19.95 -8.99 -29.41
CA LEU A 835 20.24 -7.71 -30.04
C LEU A 835 19.05 -6.77 -29.97
N LEU A 836 17.84 -7.32 -30.05
CA LEU A 836 16.64 -6.52 -29.79
C LEU A 836 16.70 -5.89 -28.41
N ALA A 837 17.06 -6.68 -27.41
CA ALA A 837 17.20 -6.16 -26.05
C ALA A 837 18.19 -5.02 -26.00
N LEU A 838 19.37 -5.23 -26.58
CA LEU A 838 20.41 -4.19 -26.51
C LEU A 838 19.97 -2.92 -27.21
N ASN A 839 19.36 -3.05 -28.39
CA ASN A 839 18.94 -1.87 -29.15
C ASN A 839 17.82 -1.13 -28.41
N SER A 840 16.83 -1.85 -27.92
CA SER A 840 15.74 -1.24 -27.18
C SER A 840 16.26 -0.54 -25.93
N LEU A 841 17.21 -1.16 -25.23
CA LEU A 841 17.75 -0.54 -24.04
C LEU A 841 18.50 0.73 -24.38
N LYS A 842 19.22 0.75 -25.51
CA LYS A 842 19.86 1.98 -25.96
C LYS A 842 18.83 3.07 -26.17
N LEU A 843 17.78 2.76 -26.93
CA LEU A 843 16.75 3.75 -27.21
C LEU A 843 16.09 4.24 -25.92
N LEU A 844 15.87 3.34 -24.97
CA LEU A 844 15.17 3.71 -23.75
C LEU A 844 16.04 4.59 -22.87
N TYR A 845 17.31 4.23 -22.70
CA TYR A 845 18.24 5.11 -22.00
C TYR A 845 18.23 6.49 -22.61
N LYS A 846 18.30 6.55 -23.95
CA LYS A 846 18.33 7.84 -24.64
C LYS A 846 17.05 8.62 -24.38
N GLU A 847 15.90 7.96 -24.43
CA GLU A 847 14.62 8.65 -24.23
C GLU A 847 14.51 9.21 -22.82
N TYR A 848 14.66 8.34 -21.81
CA TYR A 848 14.55 8.81 -20.44
C TYR A 848 15.57 9.89 -20.15
N ALA A 849 16.75 9.83 -20.75
CA ALA A 849 17.72 10.89 -20.53
C ALA A 849 17.30 12.18 -21.21
N GLY A 850 16.69 12.08 -22.39
CA GLY A 850 16.20 13.27 -23.07
C GLY A 850 15.07 13.94 -22.33
N ILE A 851 14.27 13.16 -21.60
CA ILE A 851 13.23 13.75 -20.75
C ILE A 851 13.81 14.42 -19.52
N GLY A 852 15.04 14.10 -19.15
CA GLY A 852 15.71 14.72 -18.02
C GLY A 852 15.99 13.80 -16.87
N HIS A 853 15.49 12.57 -16.89
CA HIS A 853 15.75 11.61 -15.83
C HIS A 853 16.79 10.61 -16.34
N LYS A 854 18.03 10.80 -15.93
CA LYS A 854 19.09 9.88 -16.32
C LYS A 854 18.87 8.52 -15.66
N LEU A 855 18.98 7.47 -16.46
CA LEU A 855 18.75 6.11 -16.01
C LEU A 855 20.10 5.42 -15.82
N LYS A 856 20.32 4.87 -14.63
CA LYS A 856 21.59 4.26 -14.29
C LYS A 856 21.58 2.77 -14.59
N GLY A 857 22.76 2.23 -14.87
CA GLY A 857 22.91 0.80 -15.11
C GLY A 857 22.71 -0.05 -13.87
N THR A 858 22.51 0.56 -12.71
CA THR A 858 22.25 -0.20 -11.50
C THR A 858 20.80 -0.67 -11.42
N GLU A 859 19.87 0.12 -11.95
CA GLU A 859 18.45 -0.17 -11.76
C GLU A 859 17.95 -1.23 -12.73
N THR A 860 18.17 -1.03 -14.02
CA THR A 860 17.51 -1.81 -15.05
C THR A 860 18.28 -3.09 -15.36
N TYR A 861 17.53 -4.12 -15.76
CA TYR A 861 18.17 -5.30 -16.32
C TYR A 861 17.23 -5.98 -17.29
N ILE A 862 17.82 -6.74 -18.22
CA ILE A 862 17.10 -7.34 -19.34
C ILE A 862 16.98 -8.83 -19.10
N SER A 863 15.81 -9.37 -19.42
CA SER A 863 15.56 -10.81 -19.34
C SER A 863 14.66 -11.22 -20.48
N ARG A 864 14.58 -12.53 -20.72
CA ARG A 864 13.76 -13.06 -21.80
C ARG A 864 12.65 -13.96 -21.27
N ASP A 865 12.99 -14.95 -20.44
CA ASP A 865 12.03 -15.93 -19.97
C ASP A 865 11.71 -15.77 -18.48
N MET A 866 12.41 -14.89 -17.78
CA MET A 866 12.26 -14.74 -16.34
C MET A 866 11.77 -13.33 -16.02
N GLN A 867 10.80 -13.23 -15.12
CA GLN A 867 10.20 -11.95 -14.75
C GLN A 867 9.90 -11.99 -13.25
N PHE A 868 10.58 -11.13 -12.49
CA PHE A 868 10.25 -10.96 -11.08
C PHE A 868 9.07 -10.00 -10.96
N MET A 869 7.95 -10.49 -10.44
CA MET A 869 6.75 -9.69 -10.29
C MET A 869 6.22 -9.88 -8.88
N SER A 870 5.92 -8.75 -8.21
CA SER A 870 5.34 -8.77 -6.87
C SER A 870 6.20 -9.55 -5.88
N LYS A 871 7.52 -9.50 -6.06
CA LYS A 871 8.46 -10.25 -5.24
C LYS A 871 8.15 -11.74 -5.24
N THR A 872 7.46 -12.21 -6.28
CA THR A 872 7.10 -13.61 -6.41
C THR A 872 7.82 -14.17 -7.63
N ILE A 873 8.38 -15.36 -7.48
CA ILE A 873 9.12 -16.01 -8.55
C ILE A 873 8.19 -16.98 -9.25
N GLN A 874 8.09 -16.82 -10.57
CA GLN A 874 7.31 -17.72 -11.41
C GLN A 874 8.18 -18.11 -12.59
N HIS A 875 8.23 -19.40 -12.87
CA HIS A 875 9.03 -19.90 -13.99
C HIS A 875 8.27 -21.02 -14.66
N ASN A 876 8.22 -20.99 -15.99
CA ASN A 876 7.57 -22.04 -16.77
C ASN A 876 6.12 -22.22 -16.33
N GLY A 877 5.46 -21.11 -16.00
CA GLY A 877 4.08 -21.15 -15.56
C GLY A 877 3.85 -21.76 -14.19
N VAL A 878 4.90 -21.96 -13.40
CA VAL A 878 4.79 -22.51 -12.06
C VAL A 878 5.19 -21.44 -11.06
N TYR A 879 4.57 -21.46 -9.89
CA TYR A 879 4.78 -20.47 -8.85
C TYR A 879 5.68 -21.05 -7.77
N TYR A 880 6.55 -20.21 -7.21
CA TYR A 880 7.42 -20.66 -6.12
C TYR A 880 7.27 -19.75 -4.91
N PRO A 881 6.72 -20.24 -3.81
CA PRO A 881 6.31 -19.36 -2.72
C PRO A 881 7.38 -19.13 -1.67
N ALA A 882 7.49 -17.91 -1.17
CA ALA A 882 8.40 -17.59 -0.05
C ALA A 882 7.60 -17.49 1.25
N SER A 883 7.15 -18.64 1.74
CA SER A 883 6.32 -18.66 2.93
C SER A 883 7.10 -18.34 4.20
N ILE A 884 8.28 -18.96 4.34
CA ILE A 884 9.01 -18.87 5.60
C ILE A 884 9.32 -17.42 5.93
N LYS A 885 9.48 -16.58 4.91
CA LYS A 885 9.56 -15.15 5.15
C LYS A 885 8.30 -14.64 5.81
N LYS A 886 7.14 -15.07 5.34
CA LYS A 886 5.88 -14.51 5.83
C LYS A 886 5.63 -14.88 7.28
N VAL A 887 5.83 -16.16 7.64
CA VAL A 887 5.54 -16.59 9.00
C VAL A 887 6.73 -16.39 9.93
N LEU A 888 7.63 -15.47 9.60
CA LEU A 888 8.91 -15.40 10.28
C LEU A 888 8.75 -14.99 11.74
N ARG A 889 7.93 -13.98 12.00
CA ARG A 889 7.71 -13.49 13.36
C ARG A 889 6.28 -13.87 13.78
N VAL A 890 6.19 -14.82 14.70
CA VAL A 890 4.92 -15.29 15.22
C VAL A 890 5.15 -15.55 16.70
N GLY A 891 4.61 -14.68 17.55
CA GLY A 891 4.95 -14.69 18.95
C GLY A 891 3.75 -14.53 19.86
N PRO A 892 4.01 -14.39 21.15
CA PRO A 892 2.91 -14.38 22.13
C PRO A 892 1.88 -13.28 21.91
N TRP A 893 2.28 -12.01 21.83
CA TRP A 893 1.32 -10.93 21.70
C TRP A 893 1.40 -10.24 20.33
N ILE A 894 1.54 -11.03 19.27
CA ILE A 894 1.62 -10.48 17.93
C ILE A 894 0.32 -9.77 17.57
N ASN A 895 0.46 -8.59 16.94
CA ASN A 895 -0.66 -7.83 16.39
C ASN A 895 -1.75 -7.58 17.44
N THR A 896 -1.35 -6.98 18.56
CA THR A 896 -2.29 -6.67 19.62
C THR A 896 -2.39 -5.17 19.81
N ILE A 897 -3.46 -4.77 20.49
CA ILE A 897 -3.64 -3.41 20.99
C ILE A 897 -4.11 -3.53 22.44
N LEU A 898 -3.21 -3.20 23.38
CA LEU A 898 -3.47 -3.31 24.82
C LEU A 898 -3.59 -4.77 25.25
N ASP A 899 -2.77 -5.64 24.67
CA ASP A 899 -2.59 -7.01 25.14
C ASP A 899 -3.89 -7.81 25.15
N ASP A 900 -4.47 -7.96 23.96
CA ASP A 900 -5.68 -8.76 23.87
C ASP A 900 -5.36 -10.24 23.81
N PHE A 901 -6.40 -11.05 23.96
CA PHE A 901 -6.32 -12.51 23.86
C PHE A 901 -6.98 -13.02 22.58
N LYS A 902 -8.20 -12.58 22.34
CA LYS A 902 -8.91 -12.94 21.11
C LYS A 902 -8.13 -12.50 19.87
N VAL A 903 -7.65 -11.27 19.87
CA VAL A 903 -6.96 -10.75 18.70
C VAL A 903 -5.65 -11.47 18.46
N SER A 904 -4.92 -11.78 19.54
CA SER A 904 -3.68 -12.53 19.41
C SER A 904 -3.91 -13.89 18.79
N LEU A 905 -4.92 -14.62 19.30
CA LEU A 905 -5.19 -15.95 18.73
C LEU A 905 -5.60 -15.84 17.26
N GLU A 906 -6.41 -14.83 16.93
CA GLU A 906 -6.79 -14.62 15.54
C GLU A 906 -5.58 -14.42 14.64
N SER A 907 -4.64 -13.57 15.08
CA SER A 907 -3.49 -13.25 14.24
C SER A 907 -2.59 -14.46 14.05
N ILE A 908 -2.32 -15.20 15.12
CA ILE A 908 -1.52 -16.42 14.99
C ILE A 908 -2.17 -17.37 13.98
N GLY A 909 -3.48 -17.60 14.13
CA GLY A 909 -4.17 -18.45 13.19
C GLY A 909 -4.01 -17.99 11.76
N SER A 910 -4.14 -16.67 11.53
CA SER A 910 -4.13 -16.17 10.16
C SER A 910 -2.76 -16.36 9.51
N LEU A 911 -1.69 -16.01 10.23
CA LEU A 911 -0.36 -16.13 9.64
C LEU A 911 -0.03 -17.57 9.31
N THR A 912 -0.29 -18.49 10.26
CA THR A 912 0.04 -19.88 9.97
C THR A 912 -0.85 -20.46 8.87
N GLN A 913 -2.11 -20.03 8.78
CA GLN A 913 -2.92 -20.50 7.66
C GLN A 913 -2.39 -19.96 6.34
N GLU A 914 -1.81 -18.76 6.34
CA GLU A 914 -1.19 -18.27 5.12
C GLU A 914 -0.03 -19.17 4.70
N LEU A 915 0.76 -19.62 5.68
CA LEU A 915 1.77 -20.64 5.38
C LEU A 915 1.13 -21.82 4.69
N GLU A 916 0.02 -22.32 5.24
CA GLU A 916 -0.57 -23.53 4.66
C GLU A 916 -1.15 -23.28 3.26
N TYR A 917 -1.61 -22.07 2.99
CA TYR A 917 -2.17 -21.79 1.68
C TYR A 917 -1.10 -21.66 0.62
N ARG A 918 0.03 -21.04 0.95
CA ARG A 918 1.05 -20.87 -0.08
C ARG A 918 2.06 -22.01 -0.12
N GLY A 919 2.71 -22.30 1.00
CA GLY A 919 3.76 -23.31 1.03
C GLY A 919 3.32 -24.70 0.62
N GLU A 920 2.00 -24.94 0.54
CA GLU A 920 1.46 -26.22 0.10
C GLU A 920 1.82 -27.36 1.06
N SER A 921 1.53 -27.14 2.34
CA SER A 921 1.66 -28.21 3.32
C SER A 921 0.68 -27.96 4.45
N LEU A 922 -0.06 -29.00 4.85
CA LEU A 922 -1.06 -28.89 5.89
C LEU A 922 -0.49 -29.20 7.27
N LEU A 923 0.09 -30.39 7.42
CA LEU A 923 0.50 -30.85 8.75
C LEU A 923 1.57 -29.95 9.35
N CYS A 924 2.46 -29.42 8.51
CA CYS A 924 3.47 -28.49 9.01
C CYS A 924 2.82 -27.27 9.64
N SER A 925 1.95 -26.60 8.89
CA SER A 925 1.24 -25.44 9.43
C SER A 925 0.50 -25.81 10.71
N LEU A 926 -0.13 -26.98 10.74
CA LEU A 926 -0.91 -27.37 11.90
C LEU A 926 -0.03 -27.47 13.14
N ILE A 927 1.04 -28.27 13.07
CA ILE A 927 1.90 -28.44 14.24
C ILE A 927 2.54 -27.12 14.63
N PHE A 928 2.93 -26.31 13.64
CA PHE A 928 3.59 -25.05 13.97
C PHE A 928 2.62 -24.06 14.60
N ARG A 929 1.34 -24.13 14.25
CA ARG A 929 0.38 -23.27 14.91
C ARG A 929 0.15 -23.72 16.34
N ASN A 930 0.00 -25.02 16.54
CA ASN A 930 -0.29 -25.53 17.88
C ASN A 930 0.88 -25.32 18.84
N VAL A 931 2.11 -25.32 18.34
CA VAL A 931 3.25 -25.02 19.22
C VAL A 931 3.04 -23.68 19.92
N TRP A 932 2.85 -22.62 19.15
CA TRP A 932 2.77 -21.30 19.74
C TRP A 932 1.45 -21.07 20.45
N LEU A 933 0.38 -21.73 20.00
CA LEU A 933 -0.88 -21.65 20.74
C LEU A 933 -0.72 -22.23 22.14
N TYR A 934 -0.18 -23.44 22.23
CA TYR A 934 0.04 -24.06 23.54
C TYR A 934 0.99 -23.22 24.37
N ASN A 935 2.01 -22.63 23.74
CA ASN A 935 2.91 -21.74 24.46
C ASN A 935 2.13 -20.62 25.12
N GLN A 936 1.46 -19.79 24.33
CA GLN A 936 0.78 -18.63 24.89
C GLN A 936 -0.32 -19.01 25.87
N ILE A 937 -0.97 -20.16 25.67
CA ILE A 937 -2.04 -20.55 26.59
C ILE A 937 -1.49 -21.00 27.92
N ALA A 938 -0.54 -21.93 27.91
CA ALA A 938 -0.13 -22.59 29.14
C ALA A 938 1.07 -21.91 29.81
N LEU A 939 2.13 -21.65 29.07
CA LEU A 939 3.38 -21.29 29.74
C LEU A 939 3.45 -19.80 30.06
N GLN A 940 3.13 -18.94 29.07
CA GLN A 940 3.35 -17.51 29.22
C GLN A 940 2.06 -16.74 29.46
N LEU A 941 0.99 -17.41 29.88
CA LEU A 941 -0.22 -16.70 30.22
C LEU A 941 -0.18 -16.11 31.63
N LYS A 942 0.62 -16.69 32.51
CA LYS A 942 0.76 -16.14 33.86
C LYS A 942 1.33 -14.73 33.81
N ASN A 943 2.40 -14.54 33.05
CA ASN A 943 3.15 -13.29 33.06
C ASN A 943 2.48 -12.32 32.10
N HIS A 944 1.56 -11.52 32.64
CA HIS A 944 0.74 -10.62 31.85
C HIS A 944 0.87 -9.21 32.41
N ALA A 945 0.75 -8.22 31.54
CA ALA A 945 1.04 -6.84 31.92
C ALA A 945 0.04 -6.33 32.95
N LEU A 946 -1.23 -6.19 32.57
CA LEU A 946 -2.19 -5.48 33.40
C LEU A 946 -2.60 -6.29 34.62
N CYS A 947 -2.92 -7.56 34.42
CA CYS A 947 -3.45 -8.42 35.48
C CYS A 947 -2.46 -9.53 35.76
N ASN A 948 -2.22 -9.81 37.05
CA ASN A 948 -1.14 -10.71 37.43
C ASN A 948 -1.49 -12.17 37.14
N ASN A 949 -2.64 -12.65 37.64
CA ASN A 949 -3.00 -14.05 37.44
C ASN A 949 -4.47 -14.26 37.12
N LYS A 950 -5.22 -13.20 36.85
CA LYS A 950 -6.67 -13.33 36.70
C LYS A 950 -7.02 -14.23 35.52
N LEU A 951 -6.32 -14.07 34.40
CA LEU A 951 -6.66 -14.85 33.22
C LEU A 951 -6.31 -16.31 33.40
N TYR A 952 -5.19 -16.60 34.06
CA TYR A 952 -4.87 -17.99 34.33
C TYR A 952 -5.93 -18.61 35.24
N LEU A 953 -6.37 -17.90 36.26
CA LEU A 953 -7.40 -18.43 37.15
C LEU A 953 -8.69 -18.72 36.38
N ASP A 954 -9.09 -17.80 35.49
CA ASP A 954 -10.33 -18.00 34.76
C ASP A 954 -10.23 -19.17 33.79
N ILE A 955 -9.09 -19.32 33.11
CA ILE A 955 -8.98 -20.45 32.19
C ILE A 955 -8.91 -21.75 32.97
N LEU A 956 -8.33 -21.74 34.17
CA LEU A 956 -8.36 -22.93 35.00
C LEU A 956 -9.78 -23.28 35.40
N LYS A 957 -10.59 -22.28 35.73
CA LYS A 957 -11.99 -22.53 36.02
C LYS A 957 -12.69 -23.17 34.83
N VAL A 958 -12.46 -22.62 33.64
CA VAL A 958 -13.11 -23.16 32.44
C VAL A 958 -12.68 -24.60 32.19
N LEU A 959 -11.41 -24.90 32.43
CA LEU A 959 -10.93 -26.26 32.22
C LEU A 959 -11.56 -27.22 33.23
N LYS A 960 -11.60 -26.84 34.51
CA LYS A 960 -12.26 -27.69 35.50
C LYS A 960 -13.72 -27.91 35.15
N HIS A 961 -14.38 -26.86 34.67
CA HIS A 961 -15.79 -26.96 34.28
C HIS A 961 -15.99 -27.95 33.14
N LEU A 962 -15.17 -27.85 32.10
CA LEU A 962 -15.26 -28.81 31.01
C LEU A 962 -14.92 -30.22 31.47
N LYS A 963 -14.05 -30.34 32.48
CA LYS A 963 -13.74 -31.67 33.00
C LYS A 963 -14.94 -32.27 33.71
N THR A 964 -15.68 -31.46 34.47
CA THR A 964 -16.86 -31.96 35.15
C THR A 964 -17.99 -32.25 34.17
N PHE A 965 -18.18 -31.38 33.17
CA PHE A 965 -19.31 -31.52 32.26
C PHE A 965 -19.24 -32.83 31.49
N PHE A 966 -18.15 -33.06 30.77
CA PHE A 966 -17.92 -34.34 30.12
C PHE A 966 -17.28 -35.28 31.13
N ASN A 967 -16.77 -36.41 30.67
CA ASN A 967 -16.08 -37.36 31.53
C ASN A 967 -14.58 -37.39 31.27
N LEU A 968 -14.00 -36.24 30.98
CA LEU A 968 -12.57 -36.16 30.73
C LEU A 968 -11.79 -36.48 32.00
N ASP A 969 -10.69 -37.23 31.83
CA ASP A 969 -9.97 -37.74 32.98
C ASP A 969 -9.20 -36.64 33.70
N ASN A 970 -8.46 -35.82 32.97
CA ASN A 970 -7.55 -34.86 33.57
C ASN A 970 -7.69 -33.50 32.93
N ILE A 971 -7.20 -32.48 33.64
CA ILE A 971 -7.19 -31.11 33.13
C ILE A 971 -6.48 -31.03 31.78
N ASP A 972 -5.50 -31.90 31.57
CA ASP A 972 -4.76 -31.88 30.31
C ASP A 972 -5.66 -32.22 29.13
N THR A 973 -6.45 -33.29 29.25
CA THR A 973 -7.39 -33.61 28.19
C THR A 973 -8.44 -32.52 28.03
N ALA A 974 -8.80 -31.86 29.13
CA ALA A 974 -9.68 -30.70 29.03
C ALA A 974 -9.02 -29.60 28.21
N LEU A 975 -7.71 -29.44 28.34
CA LEU A 975 -7.02 -28.44 27.54
C LEU A 975 -7.00 -28.81 26.07
N THR A 976 -6.85 -30.10 25.77
CA THR A 976 -6.96 -30.55 24.39
C THR A 976 -8.33 -30.16 23.81
N LEU A 977 -9.39 -30.68 24.43
CA LEU A 977 -10.74 -30.40 23.93
C LEU A 977 -11.08 -28.91 24.01
N TYR A 978 -10.33 -28.13 24.78
CA TYR A 978 -10.54 -26.69 24.78
C TYR A 978 -9.84 -26.02 23.62
N MET A 979 -8.66 -26.52 23.26
CA MET A 979 -7.93 -25.95 22.12
C MET A 979 -8.54 -26.35 20.79
N ASN A 980 -9.42 -27.35 20.78
CA ASN A 980 -10.08 -27.68 19.52
C ASN A 980 -11.44 -27.05 19.32
N LEU A 981 -12.04 -26.47 20.36
CA LEU A 981 -13.38 -25.90 20.20
C LEU A 981 -13.29 -24.49 19.59
N PRO A 982 -14.24 -24.12 18.74
CA PRO A 982 -14.13 -22.84 18.02
C PRO A 982 -14.29 -21.66 18.94
N MET A 983 -13.87 -20.50 18.43
CA MET A 983 -13.91 -19.27 19.20
C MET A 983 -15.29 -18.65 19.27
N LEU A 984 -16.21 -19.07 18.39
CA LEU A 984 -17.57 -18.58 18.49
C LEU A 984 -18.23 -19.03 19.80
N PHE A 985 -17.84 -20.20 20.31
CA PHE A 985 -18.35 -20.71 21.58
C PHE A 985 -17.36 -20.51 22.72
N GLY A 986 -16.50 -19.50 22.63
CA GLY A 986 -15.55 -19.25 23.69
C GLY A 986 -14.40 -20.22 23.76
N GLY A 987 -14.16 -21.00 22.70
CA GLY A 987 -13.08 -21.96 22.69
C GLY A 987 -11.75 -21.32 22.45
N GLY A 988 -10.81 -22.10 21.90
CA GLY A 988 -9.49 -21.59 21.63
C GLY A 988 -8.99 -21.85 20.22
N ASP A 989 -9.83 -22.43 19.37
CA ASP A 989 -9.44 -22.73 18.00
C ASP A 989 -9.55 -21.46 17.17
N PRO A 990 -8.44 -20.91 16.67
CA PRO A 990 -8.54 -19.64 15.93
C PRO A 990 -9.29 -19.77 14.62
N ASN A 991 -9.01 -20.79 13.81
CA ASN A 991 -9.59 -20.90 12.48
C ASN A 991 -10.18 -22.28 12.24
N LEU A 992 -11.42 -22.29 11.75
CA LEU A 992 -12.28 -23.47 11.74
C LEU A 992 -11.76 -24.53 10.78
N LEU A 993 -12.42 -25.68 10.80
CA LEU A 993 -11.97 -26.83 10.02
C LEU A 993 -12.26 -26.67 8.53
N TYR A 994 -13.14 -25.75 8.15
CA TYR A 994 -13.39 -25.57 6.72
C TYR A 994 -12.26 -24.82 6.04
N ARG A 995 -11.63 -23.85 6.72
CA ARG A 995 -10.64 -22.99 6.08
C ARG A 995 -9.56 -23.78 5.36
N SER A 996 -9.32 -25.02 5.78
CA SER A 996 -8.42 -25.88 5.04
C SER A 996 -8.92 -26.12 3.63
N PHE A 997 -10.22 -26.37 3.48
CA PHE A 997 -10.74 -26.82 2.19
C PHE A 997 -11.22 -25.69 1.30
N TYR A 998 -11.92 -24.69 1.83
CA TYR A 998 -12.29 -23.54 1.02
C TYR A 998 -12.16 -22.26 1.84
N ARG A 999 -12.23 -21.12 1.16
CA ARG A 999 -11.88 -19.87 1.82
C ARG A 999 -13.08 -19.10 2.35
N ARG A 1000 -14.19 -19.06 1.64
CA ARG A 1000 -15.31 -18.24 2.05
C ARG A 1000 -16.57 -19.09 2.24
N THR A 1001 -17.51 -18.55 3.00
CA THR A 1001 -18.82 -19.15 3.17
C THR A 1001 -19.79 -18.07 3.62
N PRO A 1002 -21.07 -18.18 3.27
CA PRO A 1002 -22.01 -17.11 3.63
C PRO A 1002 -22.33 -17.02 5.12
N ASP A 1003 -22.31 -18.12 5.86
CA ASP A 1003 -22.66 -18.11 7.28
C ASP A 1003 -21.61 -18.85 8.09
N PHE A 1004 -21.44 -18.41 9.33
CA PHE A 1004 -20.43 -18.99 10.22
C PHE A 1004 -21.00 -20.05 11.15
N LEU A 1005 -22.21 -19.85 11.66
CA LEU A 1005 -22.72 -20.68 12.75
C LEU A 1005 -22.82 -22.14 12.34
N THR A 1006 -23.30 -22.40 11.12
CA THR A 1006 -23.36 -23.78 10.66
C THR A 1006 -21.98 -24.41 10.63
N GLU A 1007 -20.97 -23.65 10.22
CA GLU A 1007 -19.62 -24.20 10.19
C GLU A 1007 -19.10 -24.45 11.58
N ALA A 1008 -19.43 -23.56 12.52
CA ALA A 1008 -19.07 -23.79 13.92
C ALA A 1008 -19.66 -25.10 14.42
N ILE A 1009 -20.93 -25.35 14.10
CA ILE A 1009 -21.58 -26.53 14.64
C ILE A 1009 -21.04 -27.81 13.99
N VAL A 1010 -20.84 -27.79 12.67
CA VAL A 1010 -20.23 -28.95 12.02
C VAL A 1010 -18.84 -29.21 12.57
N HIS A 1011 -18.07 -28.15 12.80
CA HIS A 1011 -16.72 -28.30 13.32
C HIS A 1011 -16.72 -28.93 14.71
N SER A 1012 -17.61 -28.45 15.58
CA SER A 1012 -17.67 -29.01 16.93
C SER A 1012 -18.14 -30.46 16.90
N VAL A 1013 -19.04 -30.80 15.97
CA VAL A 1013 -19.46 -32.20 15.83
C VAL A 1013 -18.26 -33.06 15.45
N PHE A 1014 -17.51 -32.63 14.43
CA PHE A 1014 -16.35 -33.39 13.99
C PHE A 1014 -15.33 -33.55 15.11
N ILE A 1015 -15.13 -32.50 15.89
CA ILE A 1015 -14.16 -32.55 16.98
C ILE A 1015 -14.60 -33.53 18.06
N LEU A 1016 -15.84 -33.41 18.50
CA LEU A 1016 -16.35 -34.33 19.51
C LEU A 1016 -16.38 -35.76 18.99
N SER A 1017 -16.37 -35.96 17.68
CA SER A 1017 -16.33 -37.30 17.14
C SER A 1017 -15.02 -38.03 17.45
N TYR A 1018 -14.06 -37.38 18.11
CA TYR A 1018 -12.82 -38.04 18.45
C TYR A 1018 -12.98 -38.92 19.69
N TYR A 1019 -13.50 -38.34 20.78
CA TYR A 1019 -13.65 -39.10 22.02
C TYR A 1019 -14.76 -40.13 21.90
N THR A 1020 -15.84 -39.83 21.18
CA THR A 1020 -16.92 -40.77 20.94
C THR A 1020 -16.79 -41.32 19.53
N ASN A 1021 -16.73 -42.65 19.42
CA ASN A 1021 -16.50 -43.27 18.13
C ASN A 1021 -17.70 -43.09 17.20
N HIS A 1022 -17.44 -42.71 15.96
CA HIS A 1022 -18.46 -42.43 14.98
C HIS A 1022 -17.96 -42.84 13.60
N ASP A 1023 -18.90 -43.08 12.69
CA ASP A 1023 -18.53 -43.46 11.33
C ASP A 1023 -18.27 -42.24 10.46
N LEU A 1024 -19.06 -41.18 10.64
CA LEU A 1024 -19.03 -39.93 9.89
C LEU A 1024 -19.46 -40.09 8.44
N LYS A 1025 -19.82 -41.30 8.01
CA LYS A 1025 -20.41 -41.48 6.69
C LYS A 1025 -21.90 -41.13 6.69
N ASP A 1026 -22.56 -41.26 7.84
CA ASP A 1026 -23.95 -40.85 7.99
C ASP A 1026 -24.23 -40.70 9.48
N LYS A 1027 -25.50 -40.48 9.82
CA LYS A 1027 -25.91 -40.34 11.21
C LYS A 1027 -26.20 -41.71 11.80
N LEU A 1028 -25.41 -42.12 12.79
CA LEU A 1028 -25.63 -43.40 13.44
C LEU A 1028 -26.86 -43.33 14.33
N GLN A 1029 -27.71 -44.35 14.23
CA GLN A 1029 -28.95 -44.37 14.99
C GLN A 1029 -28.70 -44.53 16.49
N ASP A 1030 -27.69 -45.31 16.86
CA ASP A 1030 -27.41 -45.62 18.25
C ASP A 1030 -26.11 -44.96 18.69
N LEU A 1031 -26.16 -44.26 19.82
CA LEU A 1031 -24.98 -43.66 20.44
C LEU A 1031 -24.94 -44.13 21.88
N SER A 1032 -23.97 -44.99 22.20
CA SER A 1032 -23.80 -45.40 23.59
C SER A 1032 -23.31 -44.24 24.45
N ASP A 1033 -22.35 -43.48 23.95
CA ASP A 1033 -21.82 -42.31 24.64
C ASP A 1033 -22.53 -41.07 24.12
N ASP A 1034 -23.27 -40.40 24.99
CA ASP A 1034 -24.15 -39.30 24.60
C ASP A 1034 -23.51 -37.94 24.83
N ARG A 1035 -22.19 -37.84 24.72
CA ARG A 1035 -21.53 -36.55 24.87
C ARG A 1035 -21.97 -35.57 23.80
N LEU A 1036 -21.93 -36.00 22.54
CA LEU A 1036 -22.36 -35.14 21.44
C LEU A 1036 -23.81 -34.73 21.58
N ASN A 1037 -24.68 -35.69 21.91
CA ASN A 1037 -26.10 -35.39 22.03
C ASN A 1037 -26.37 -34.43 23.18
N LYS A 1038 -25.67 -34.63 24.30
CA LYS A 1038 -25.78 -33.70 25.42
C LYS A 1038 -25.35 -32.30 25.00
N PHE A 1039 -24.25 -32.20 24.27
CA PHE A 1039 -23.77 -30.90 23.79
C PHE A 1039 -24.82 -30.22 22.93
N LEU A 1040 -25.42 -30.98 22.00
CA LEU A 1040 -26.42 -30.41 21.11
C LEU A 1040 -27.64 -29.93 21.89
N THR A 1041 -28.15 -30.78 22.79
CA THR A 1041 -29.34 -30.40 23.54
C THR A 1041 -29.07 -29.25 24.49
N CYS A 1042 -27.83 -29.08 24.94
CA CYS A 1042 -27.50 -27.90 25.74
C CYS A 1042 -27.28 -26.66 24.88
N ILE A 1043 -26.97 -26.82 23.60
CA ILE A 1043 -26.80 -25.64 22.76
C ILE A 1043 -28.14 -25.15 22.20
N ILE A 1044 -29.14 -26.03 22.07
CA ILE A 1044 -30.41 -25.60 21.48
C ILE A 1044 -31.30 -24.90 22.51
N THR A 1045 -31.34 -25.40 23.74
CA THR A 1045 -32.27 -24.92 24.76
C THR A 1045 -31.62 -23.87 25.65
N PHE A 1046 -32.20 -22.67 25.66
CA PHE A 1046 -31.71 -21.59 26.51
C PHE A 1046 -32.78 -20.51 26.61
N ASP A 1047 -32.51 -19.52 27.45
CA ASP A 1047 -33.43 -18.41 27.69
C ASP A 1047 -33.39 -17.41 26.54
N LYS A 1048 -34.32 -16.47 26.57
CA LYS A 1048 -34.43 -15.41 25.56
C LYS A 1048 -34.32 -14.04 26.25
N ASN A 1049 -33.34 -13.25 25.84
CA ASN A 1049 -33.21 -11.87 26.30
C ASN A 1049 -32.82 -10.98 25.13
N PRO A 1050 -33.75 -10.75 24.20
CA PRO A 1050 -33.41 -9.89 23.05
C PRO A 1050 -33.66 -8.42 23.30
N ASN A 1051 -32.65 -7.58 23.05
CA ASN A 1051 -32.77 -6.14 23.13
C ASN A 1051 -32.11 -5.50 21.92
N ALA A 1052 -32.79 -4.53 21.30
CA ALA A 1052 -32.28 -3.80 20.15
C ALA A 1052 -31.92 -4.77 19.02
N GLU A 1053 -32.85 -5.64 18.70
CA GLU A 1053 -32.55 -6.72 17.76
C GLU A 1053 -32.33 -6.20 16.34
N PHE A 1054 -33.07 -5.18 15.92
CA PHE A 1054 -33.03 -4.79 14.52
C PHE A 1054 -31.77 -4.00 14.17
N VAL A 1055 -31.37 -3.06 15.03
CA VAL A 1055 -30.15 -2.33 14.74
C VAL A 1055 -28.94 -3.25 14.80
N THR A 1056 -28.94 -4.22 15.72
CA THR A 1056 -27.85 -5.18 15.78
C THR A 1056 -27.83 -6.05 14.54
N LEU A 1057 -28.99 -6.57 14.14
CA LEU A 1057 -29.06 -7.34 12.89
C LEU A 1057 -28.66 -6.51 11.69
N MET A 1058 -28.73 -5.18 11.78
CA MET A 1058 -28.28 -4.38 10.66
C MET A 1058 -26.76 -4.24 10.65
N ARG A 1059 -26.17 -3.77 11.75
CA ARG A 1059 -24.72 -3.59 11.79
C ARG A 1059 -23.98 -4.88 11.43
N ASP A 1060 -24.32 -5.98 12.07
CA ASP A 1060 -23.75 -7.28 11.72
C ASP A 1060 -24.86 -8.24 11.32
N PRO A 1061 -25.02 -8.56 10.03
CA PRO A 1061 -26.10 -9.47 9.63
C PRO A 1061 -25.92 -10.90 10.11
N GLN A 1062 -24.70 -11.32 10.39
CA GLN A 1062 -24.43 -12.68 10.84
C GLN A 1062 -24.61 -12.86 12.35
N ALA A 1063 -24.98 -11.81 13.07
CA ALA A 1063 -25.01 -11.87 14.53
C ALA A 1063 -26.05 -12.85 15.04
N LEU A 1064 -25.79 -13.39 16.24
CA LEU A 1064 -26.73 -14.24 16.97
C LEU A 1064 -27.53 -13.47 18.01
N GLY A 1065 -26.83 -12.79 18.92
CA GLY A 1065 -27.49 -12.03 19.96
C GLY A 1065 -27.95 -12.89 21.12
N SER A 1066 -28.69 -12.25 22.02
CA SER A 1066 -29.16 -12.88 23.26
C SER A 1066 -28.01 -13.41 24.10
N GLU A 1067 -26.84 -12.76 24.00
CA GLU A 1067 -25.68 -13.06 24.82
C GLU A 1067 -25.15 -14.47 24.59
N ARG A 1068 -25.39 -15.01 23.39
CA ARG A 1068 -24.85 -16.31 23.03
C ARG A 1068 -23.51 -16.21 22.32
N GLN A 1069 -23.03 -15.01 22.01
CA GLN A 1069 -21.72 -14.82 21.41
C GLN A 1069 -21.00 -13.67 22.09
N ALA A 1070 -19.68 -13.74 22.10
CA ALA A 1070 -18.87 -12.75 22.80
C ALA A 1070 -18.91 -11.42 22.08
N LYS A 1071 -18.65 -10.36 22.84
CA LYS A 1071 -18.70 -9.00 22.31
C LYS A 1071 -17.30 -8.50 22.00
N ILE A 1072 -17.14 -7.88 20.84
CA ILE A 1072 -15.86 -7.36 20.38
C ILE A 1072 -15.64 -5.95 20.92
N THR A 1073 -14.42 -5.44 20.76
CA THR A 1073 -14.00 -4.25 21.50
C THR A 1073 -14.79 -3.00 21.09
N SER A 1074 -15.09 -2.86 19.81
CA SER A 1074 -15.78 -1.65 19.35
C SER A 1074 -17.12 -1.49 20.02
N GLU A 1075 -17.88 -2.59 20.14
CA GLU A 1075 -19.20 -2.52 20.76
C GLU A 1075 -19.10 -2.08 22.21
N ILE A 1076 -18.04 -2.49 22.90
CA ILE A 1076 -17.88 -2.11 24.30
C ILE A 1076 -17.49 -0.65 24.43
N ASN A 1077 -16.53 -0.21 23.61
CA ASN A 1077 -15.99 1.13 23.76
C ASN A 1077 -16.84 2.21 23.11
N ARG A 1078 -17.87 1.83 22.35
CA ARG A 1078 -18.66 2.81 21.61
C ARG A 1078 -19.23 3.88 22.53
N LEU A 1079 -19.72 3.50 23.70
CA LEU A 1079 -20.37 4.48 24.58
C LEU A 1079 -19.36 5.49 25.12
N ALA A 1080 -18.18 5.01 25.52
CA ALA A 1080 -17.15 5.93 25.99
C ALA A 1080 -16.73 6.88 24.88
N VAL A 1081 -16.55 6.37 23.67
CA VAL A 1081 -16.15 7.25 22.56
C VAL A 1081 -17.25 8.26 22.27
N THR A 1082 -18.51 7.83 22.35
CA THR A 1082 -19.63 8.75 22.16
C THR A 1082 -19.59 9.87 23.19
N GLU A 1083 -19.42 9.51 24.46
CA GLU A 1083 -19.43 10.52 25.51
C GLU A 1083 -18.28 11.50 25.33
N VAL A 1084 -17.07 11.01 25.07
CA VAL A 1084 -15.95 11.94 24.92
C VAL A 1084 -16.09 12.77 23.65
N LEU A 1085 -16.80 12.24 22.65
CA LEU A 1085 -17.06 13.03 21.45
C LEU A 1085 -18.09 14.11 21.73
N SER A 1086 -18.99 13.89 22.68
CA SER A 1086 -19.99 14.90 23.00
C SER A 1086 -19.34 16.21 23.43
N THR A 1087 -18.25 16.13 24.17
CA THR A 1087 -17.53 17.33 24.62
C THR A 1087 -16.35 17.61 23.70
N ALA A 1088 -16.68 18.00 22.47
CA ALA A 1088 -15.68 18.32 21.47
C ALA A 1088 -15.95 19.70 20.89
N PRO A 1089 -14.96 20.58 20.84
CA PRO A 1089 -15.20 21.96 20.35
C PRO A 1089 -15.72 22.04 18.93
N ASN A 1090 -15.72 20.94 18.18
CA ASN A 1090 -16.23 20.96 16.81
C ASN A 1090 -17.74 20.79 16.83
N LYS A 1091 -18.45 21.73 16.19
CA LYS A 1091 -19.91 21.68 16.21
C LYS A 1091 -20.43 20.39 15.58
N ILE A 1092 -19.80 19.93 14.51
CA ILE A 1092 -20.30 18.77 13.79
C ILE A 1092 -20.24 17.53 14.68
N PHE A 1093 -19.04 17.19 15.15
CA PHE A 1093 -18.91 16.01 16.00
C PHE A 1093 -19.73 16.16 17.28
N SER A 1094 -19.79 17.37 17.84
CA SER A 1094 -20.54 17.59 19.06
C SER A 1094 -22.01 17.26 18.88
N LYS A 1095 -22.64 17.84 17.84
CA LYS A 1095 -24.05 17.58 17.60
C LYS A 1095 -24.29 16.10 17.29
N SER A 1096 -23.53 15.56 16.34
CA SER A 1096 -23.76 14.17 15.95
C SER A 1096 -23.43 13.19 17.06
N ALA A 1097 -22.71 13.63 18.09
CA ALA A 1097 -22.45 12.78 19.24
C ALA A 1097 -23.55 12.90 20.29
N GLN A 1098 -24.03 14.13 20.54
CA GLN A 1098 -25.12 14.31 21.48
C GLN A 1098 -26.36 13.57 21.01
N HIS A 1099 -26.69 13.66 19.73
CA HIS A 1099 -27.88 13.00 19.21
C HIS A 1099 -27.68 11.54 18.86
N TYR A 1100 -26.59 10.93 19.32
CA TYR A 1100 -26.23 9.60 18.83
C TYR A 1100 -27.11 8.51 19.43
N THR A 1101 -27.67 8.73 20.61
CA THR A 1101 -28.37 7.65 21.30
C THR A 1101 -29.76 7.40 20.71
N THR A 1102 -30.54 8.46 20.51
CA THR A 1102 -31.93 8.29 20.09
C THR A 1102 -32.04 7.78 18.66
N THR A 1103 -31.10 8.16 17.79
CA THR A 1103 -31.11 7.67 16.42
C THR A 1103 -31.07 6.15 16.38
N GLU A 1104 -30.39 5.53 17.34
CA GLU A 1104 -30.41 4.07 17.41
C GLU A 1104 -31.83 3.56 17.64
N ILE A 1105 -32.58 4.23 18.52
CA ILE A 1105 -33.96 3.80 18.80
C ILE A 1105 -34.82 3.95 17.56
N ASP A 1106 -34.73 5.09 16.88
CA ASP A 1106 -35.52 5.29 15.68
C ASP A 1106 -35.18 4.25 14.62
N LEU A 1107 -33.88 4.02 14.40
CA LEU A 1107 -33.45 3.02 13.45
C LEU A 1107 -33.99 1.65 13.80
N ASN A 1108 -34.05 1.34 15.10
CA ASN A 1108 -34.62 0.07 15.54
C ASN A 1108 -36.09 -0.02 15.19
N ASP A 1109 -36.83 1.08 15.37
CA ASP A 1109 -38.27 1.03 15.16
C ASP A 1109 -38.66 1.08 13.69
N ILE A 1110 -37.77 1.53 12.80
CA ILE A 1110 -38.17 1.74 11.40
C ILE A 1110 -38.72 0.47 10.78
N MET A 1111 -37.87 -0.55 10.66
CA MET A 1111 -38.26 -1.78 9.96
C MET A 1111 -38.91 -2.78 10.89
N GLN A 1112 -39.43 -2.34 12.03
CA GLN A 1112 -39.93 -3.26 13.05
C GLN A 1112 -41.23 -3.93 12.62
N ASN A 1113 -42.16 -3.16 12.05
CA ASN A 1113 -43.50 -3.68 11.79
C ASN A 1113 -43.46 -4.84 10.80
N ILE A 1114 -42.67 -4.71 9.73
CA ILE A 1114 -42.55 -5.71 8.68
C ILE A 1114 -42.35 -7.11 9.25
N GLU A 1115 -43.19 -8.06 8.84
CA GLU A 1115 -43.16 -9.37 9.48
C GLU A 1115 -41.98 -10.22 8.99
N PRO A 1116 -41.87 -10.56 7.70
CA PRO A 1116 -40.72 -11.38 7.28
C PRO A 1116 -39.49 -10.52 7.27
N THR A 1117 -38.41 -11.04 7.85
CA THR A 1117 -37.22 -10.26 8.08
C THR A 1117 -36.06 -10.84 7.28
N TYR A 1118 -35.48 -9.99 6.43
CA TYR A 1118 -34.32 -10.35 5.62
C TYR A 1118 -33.15 -9.49 6.06
N PRO A 1119 -32.10 -10.07 6.64
CA PRO A 1119 -31.06 -9.23 7.24
C PRO A 1119 -30.32 -8.37 6.23
N HIS A 1120 -29.86 -8.96 5.12
CA HIS A 1120 -29.07 -8.21 4.16
C HIS A 1120 -29.87 -7.02 3.61
N GLY A 1121 -31.18 -7.18 3.44
CA GLY A 1121 -31.99 -6.05 3.06
C GLY A 1121 -31.92 -4.94 4.08
N LEU A 1122 -31.99 -5.30 5.36
CA LEU A 1122 -31.76 -4.31 6.40
C LEU A 1122 -30.39 -3.69 6.28
N ARG A 1123 -29.40 -4.46 5.81
CA ARG A 1123 -28.06 -3.90 5.64
C ARG A 1123 -28.06 -2.82 4.57
N VAL A 1124 -28.75 -3.05 3.46
CA VAL A 1124 -28.85 -2.02 2.43
C VAL A 1124 -29.58 -0.79 2.99
N VAL A 1125 -30.64 -1.02 3.76
CA VAL A 1125 -31.36 0.09 4.38
C VAL A 1125 -30.41 0.89 5.27
N TYR A 1126 -29.50 0.20 5.96
CA TYR A 1126 -28.55 0.86 6.83
C TYR A 1126 -27.54 1.67 6.03
N GLU A 1127 -27.07 1.11 4.92
CA GLU A 1127 -26.05 1.80 4.14
C GLU A 1127 -26.61 3.02 3.42
N SER A 1128 -27.89 2.98 3.03
CA SER A 1128 -28.45 4.11 2.30
C SER A 1128 -28.64 5.33 3.18
N LEU A 1129 -28.93 5.13 4.46
CA LEU A 1129 -29.21 6.22 5.38
C LEU A 1129 -27.92 6.92 5.78
N PRO A 1130 -28.00 8.20 6.18
CA PRO A 1130 -26.82 8.96 6.60
C PRO A 1130 -26.43 8.72 8.06
N PHE A 1131 -26.39 7.45 8.45
CA PHE A 1131 -25.86 7.04 9.74
C PHE A 1131 -24.64 6.16 9.59
N TYR A 1132 -24.35 5.67 8.40
CA TYR A 1132 -23.20 4.80 8.19
C TYR A 1132 -21.90 5.53 8.45
N LYS A 1133 -21.80 6.79 8.03
CA LYS A 1133 -20.54 7.52 8.15
C LYS A 1133 -20.25 7.87 9.60
N ALA A 1134 -21.29 8.19 10.37
CA ALA A 1134 -21.08 8.47 11.80
C ALA A 1134 -20.57 7.23 12.52
N GLU A 1135 -21.21 6.08 12.26
CA GLU A 1135 -20.75 4.85 12.86
C GLU A 1135 -19.31 4.55 12.46
N LYS A 1136 -18.95 4.85 11.21
CA LYS A 1136 -17.58 4.62 10.77
C LYS A 1136 -16.60 5.51 11.53
N ILE A 1137 -16.89 6.81 11.58
CA ILE A 1137 -16.01 7.75 12.28
C ILE A 1137 -15.85 7.37 13.74
N VAL A 1138 -16.91 6.81 14.35
CA VAL A 1138 -16.82 6.43 15.76
C VAL A 1138 -16.00 5.16 15.93
N ASN A 1139 -16.41 4.07 15.27
CA ASN A 1139 -15.69 2.84 15.49
C ASN A 1139 -14.31 2.84 14.83
N LEU A 1140 -13.93 3.93 14.17
CA LEU A 1140 -12.52 4.16 13.88
C LEU A 1140 -11.76 4.50 15.16
N ILE A 1141 -12.24 5.50 15.89
CA ILE A 1141 -11.60 5.91 17.13
C ILE A 1141 -11.63 4.78 18.15
N SER A 1142 -12.68 3.95 18.12
CA SER A 1142 -12.83 2.90 19.12
C SER A 1142 -11.74 1.84 19.05
N GLY A 1143 -10.81 1.94 18.11
CA GLY A 1143 -9.77 0.93 17.97
C GLY A 1143 -8.47 1.28 18.65
N THR A 1144 -8.23 2.56 18.92
CA THR A 1144 -6.98 2.98 19.54
C THR A 1144 -6.95 2.65 21.02
N LYS A 1145 -5.75 2.39 21.53
CA LYS A 1145 -5.60 2.08 22.95
C LYS A 1145 -5.92 3.28 23.82
N SER A 1146 -5.67 4.49 23.32
CA SER A 1146 -5.90 5.70 24.08
C SER A 1146 -7.28 6.25 23.74
N ILE A 1147 -8.20 6.17 24.70
CA ILE A 1147 -9.50 6.80 24.61
C ILE A 1147 -9.75 7.52 25.93
N THR A 1148 -10.73 8.42 25.94
CA THR A 1148 -11.05 9.27 27.07
C THR A 1148 -9.88 10.16 27.48
N ASN A 1149 -8.81 10.19 26.67
CA ASN A 1149 -7.60 10.89 27.00
C ASN A 1149 -7.01 11.67 25.82
N ILE A 1150 -7.67 11.66 24.66
CA ILE A 1150 -7.12 12.30 23.48
C ILE A 1150 -6.96 13.80 23.71
N LEU A 1151 -7.97 14.42 24.33
CA LEU A 1151 -7.97 15.87 24.48
C LEU A 1151 -6.91 16.38 25.45
N GLU A 1152 -6.37 15.51 26.32
CA GLU A 1152 -5.36 15.92 27.28
C GLU A 1152 -3.93 15.76 26.76
N LYS A 1153 -3.76 15.20 25.56
CA LYS A 1153 -2.49 15.19 24.82
C LYS A 1153 -1.35 14.55 25.60
N THR A 1154 -1.64 13.46 26.31
CA THR A 1154 -0.63 12.65 26.96
C THR A 1154 -0.65 11.24 26.40
N SER A 1155 0.53 10.65 26.20
CA SER A 1155 0.60 9.31 25.65
C SER A 1155 0.06 8.28 26.64
N ALA A 1156 0.11 8.57 27.92
CA ALA A 1156 -0.37 7.64 28.94
C ALA A 1156 -1.88 7.45 28.84
N ILE A 1157 -2.34 6.29 29.26
CA ILE A 1157 -3.75 5.94 29.20
C ILE A 1157 -4.35 6.07 30.60
N ASP A 1158 -5.68 6.07 30.65
CA ASP A 1158 -6.40 6.15 31.91
C ASP A 1158 -6.66 4.74 32.44
N LEU A 1159 -6.83 4.65 33.76
CA LEU A 1159 -6.94 3.34 34.40
C LEU A 1159 -8.30 2.69 34.16
N THR A 1160 -9.37 3.48 34.06
CA THR A 1160 -10.69 2.89 33.85
C THR A 1160 -10.76 2.14 32.52
N ASP A 1161 -9.99 2.57 31.54
CA ASP A 1161 -9.91 1.83 30.27
C ASP A 1161 -9.29 0.46 30.49
N ILE A 1162 -8.21 0.40 31.27
CA ILE A 1162 -7.61 -0.88 31.62
C ILE A 1162 -8.61 -1.76 32.35
N ASP A 1163 -9.42 -1.15 33.22
CA ASP A 1163 -10.39 -1.94 33.98
C ASP A 1163 -11.47 -2.52 33.07
N ARG A 1164 -12.02 -1.71 32.17
CA ARG A 1164 -13.04 -2.25 31.26
C ARG A 1164 -12.43 -3.32 30.37
N ALA A 1165 -11.17 -3.14 29.96
CA ALA A 1165 -10.53 -4.13 29.10
C ALA A 1165 -10.35 -5.45 29.81
N THR A 1166 -9.83 -5.42 31.04
CA THR A 1166 -9.62 -6.69 31.74
C THR A 1166 -10.93 -7.35 32.13
N GLU A 1167 -11.96 -6.56 32.44
CA GLU A 1167 -13.26 -7.15 32.74
C GLU A 1167 -13.85 -7.84 31.52
N MET A 1168 -13.84 -7.17 30.37
CA MET A 1168 -14.34 -7.81 29.16
C MET A 1168 -13.52 -9.03 28.80
N MET A 1169 -12.21 -9.00 29.05
CA MET A 1169 -11.39 -10.17 28.77
C MET A 1169 -11.80 -11.35 29.63
N ARG A 1170 -11.94 -11.12 30.93
CA ARG A 1170 -12.36 -12.21 31.82
C ARG A 1170 -13.71 -12.76 31.41
N LYS A 1171 -14.63 -11.90 31.01
CA LYS A 1171 -15.97 -12.36 30.64
C LYS A 1171 -15.93 -13.18 29.35
N ASN A 1172 -15.21 -12.68 28.33
CA ASN A 1172 -15.11 -13.43 27.08
C ASN A 1172 -14.40 -14.75 27.28
N ILE A 1173 -13.46 -14.82 28.23
CA ILE A 1173 -12.81 -16.10 28.52
C ILE A 1173 -13.80 -17.06 29.15
N THR A 1174 -14.56 -16.59 30.14
CA THR A 1174 -15.46 -17.46 30.87
C THR A 1174 -16.73 -17.81 30.10
N LEU A 1175 -16.98 -17.16 28.97
CA LEU A 1175 -18.21 -17.34 28.20
C LEU A 1175 -18.69 -18.78 28.05
N LEU A 1176 -17.76 -19.73 27.97
CA LEU A 1176 -18.14 -21.10 27.63
C LEU A 1176 -19.08 -21.67 28.70
N ILE A 1177 -18.89 -21.32 29.96
CA ILE A 1177 -19.80 -21.78 31.00
C ILE A 1177 -21.21 -21.26 30.74
N ARG A 1178 -21.33 -19.96 30.43
CA ARG A 1178 -22.64 -19.40 30.15
C ARG A 1178 -23.29 -20.08 28.95
N ILE A 1179 -22.52 -20.40 27.92
CA ILE A 1179 -23.10 -21.06 26.75
C ILE A 1179 -23.49 -22.49 27.08
N LEU A 1180 -22.68 -23.17 27.87
CA LEU A 1180 -22.80 -24.61 28.07
C LEU A 1180 -22.90 -24.87 29.57
N PRO A 1181 -24.05 -24.57 30.18
CA PRO A 1181 -24.19 -24.79 31.62
C PRO A 1181 -24.58 -26.22 31.91
N LEU A 1182 -23.99 -26.77 32.97
CA LEU A 1182 -24.25 -28.15 33.37
C LEU A 1182 -25.54 -28.31 34.15
N ASP A 1183 -26.22 -27.21 34.49
CA ASP A 1183 -27.40 -27.30 35.35
C ASP A 1183 -28.60 -27.84 34.62
N CYS A 1184 -28.72 -27.55 33.32
CA CYS A 1184 -29.90 -27.97 32.57
C CYS A 1184 -29.80 -29.42 32.12
N ASN A 1185 -29.48 -30.30 33.07
CA ASN A 1185 -29.52 -31.74 32.82
C ASN A 1185 -30.85 -32.34 33.30
N ARG A 1186 -31.24 -32.02 34.53
CA ARG A 1186 -32.54 -32.42 35.06
C ARG A 1186 -33.62 -31.38 34.84
N ASP A 1187 -33.24 -30.12 34.61
CA ASP A 1187 -34.20 -29.11 34.21
C ASP A 1187 -34.92 -29.55 32.95
N LYS A 1188 -34.18 -30.02 31.95
CA LYS A 1188 -34.73 -30.50 30.69
C LYS A 1188 -33.98 -31.76 30.31
N ARG A 1189 -34.59 -32.92 30.56
CA ARG A 1189 -33.99 -34.20 30.23
C ARG A 1189 -34.41 -34.72 28.86
N GLU A 1190 -35.42 -34.12 28.23
CA GLU A 1190 -35.81 -34.52 26.89
C GLU A 1190 -34.71 -34.12 25.92
N ILE A 1191 -34.03 -35.12 25.36
CA ILE A 1191 -32.91 -34.90 24.44
C ILE A 1191 -33.37 -35.20 23.03
N LEU A 1192 -32.86 -34.43 22.07
CA LEU A 1192 -33.24 -34.62 20.68
C LEU A 1192 -32.63 -35.91 20.14
N SER A 1193 -33.34 -36.54 19.22
CA SER A 1193 -32.90 -37.79 18.64
C SER A 1193 -31.79 -37.55 17.61
N MET A 1194 -31.05 -38.62 17.31
CA MET A 1194 -30.01 -38.59 16.30
C MET A 1194 -30.44 -39.28 15.01
N GLU A 1195 -31.75 -39.38 14.78
CA GLU A 1195 -32.25 -40.11 13.62
C GLU A 1195 -31.94 -39.36 12.33
N ASN A 1196 -32.53 -38.18 12.15
CA ASN A 1196 -32.32 -37.40 10.93
C ASN A 1196 -31.33 -36.27 11.15
N LEU A 1197 -31.64 -35.38 12.07
CA LEU A 1197 -30.75 -34.31 12.53
C LEU A 1197 -30.11 -33.56 11.35
N SER A 1198 -30.93 -32.79 10.65
CA SER A 1198 -30.38 -31.84 9.69
C SER A 1198 -29.79 -30.65 10.43
N ILE A 1199 -28.53 -30.33 10.14
CA ILE A 1199 -27.83 -29.32 10.92
C ILE A 1199 -28.23 -27.91 10.50
N THR A 1200 -28.64 -27.73 9.25
CA THR A 1200 -29.09 -26.41 8.82
C THR A 1200 -30.35 -26.00 9.57
N GLU A 1201 -31.24 -26.96 9.84
CA GLU A 1201 -32.42 -26.66 10.64
C GLU A 1201 -32.03 -26.23 12.04
N LEU A 1202 -31.05 -26.91 12.64
CA LEU A 1202 -30.59 -26.54 13.97
C LEU A 1202 -30.03 -25.13 13.98
N SER A 1203 -29.25 -24.78 12.96
CA SER A 1203 -28.66 -23.44 12.91
C SER A 1203 -29.73 -22.37 12.73
N LYS A 1204 -30.72 -22.64 11.85
CA LYS A 1204 -31.82 -21.70 11.70
C LYS A 1204 -32.59 -21.55 13.00
N TYR A 1205 -32.83 -22.66 13.70
CA TYR A 1205 -33.52 -22.62 14.98
C TYR A 1205 -32.78 -21.75 15.98
N VAL A 1206 -31.46 -21.92 16.07
CA VAL A 1206 -30.69 -21.14 17.02
C VAL A 1206 -30.76 -19.66 16.67
N ARG A 1207 -30.55 -19.34 15.40
CA ARG A 1207 -30.54 -17.93 15.01
C ARG A 1207 -31.91 -17.29 15.18
N GLU A 1208 -32.99 -18.08 15.10
CA GLU A 1208 -34.32 -17.51 15.27
C GLU A 1208 -34.70 -17.38 16.73
N ARG A 1209 -34.42 -18.40 17.54
CA ARG A 1209 -34.74 -18.34 18.96
C ARG A 1209 -33.92 -17.26 19.66
N SER A 1210 -32.67 -17.07 19.26
CA SER A 1210 -31.84 -16.08 19.91
C SER A 1210 -32.44 -14.69 19.83
N TRP A 1211 -33.04 -14.36 18.69
CA TRP A 1211 -33.70 -13.06 18.53
C TRP A 1211 -35.21 -13.14 18.75
N SER A 1212 -35.76 -14.35 18.93
CA SER A 1212 -37.18 -14.59 19.20
C SER A 1212 -38.08 -14.21 18.03
N LEU A 1213 -37.51 -13.90 16.87
CA LEU A 1213 -38.34 -13.53 15.73
C LEU A 1213 -39.11 -14.74 15.21
N SER A 1214 -40.09 -14.47 14.35
CA SER A 1214 -40.93 -15.53 13.81
C SER A 1214 -40.17 -16.35 12.79
N ASN A 1215 -39.51 -15.69 11.84
CA ASN A 1215 -38.81 -16.40 10.77
C ASN A 1215 -37.76 -15.48 10.17
N ILE A 1216 -36.53 -15.96 10.07
CA ILE A 1216 -35.43 -15.26 9.42
C ILE A 1216 -35.02 -16.08 8.21
N VAL A 1217 -34.99 -15.44 7.04
CA VAL A 1217 -34.88 -16.15 5.77
C VAL A 1217 -33.69 -15.62 4.99
N GLY A 1218 -32.99 -16.53 4.31
CA GLY A 1218 -31.98 -16.13 3.37
C GLY A 1218 -30.63 -15.80 3.97
N VAL A 1219 -30.29 -16.42 5.10
CA VAL A 1219 -29.01 -16.16 5.75
C VAL A 1219 -28.28 -17.44 6.15
N THR A 1220 -28.87 -18.61 5.94
CA THR A 1220 -28.29 -19.87 6.40
C THR A 1220 -27.95 -20.75 5.21
N SER A 1221 -26.72 -20.66 4.73
CA SER A 1221 -26.42 -21.62 3.68
C SER A 1221 -25.85 -22.90 4.28
N PRO A 1222 -26.19 -24.06 3.73
CA PRO A 1222 -25.74 -25.32 4.32
C PRO A 1222 -24.23 -25.46 4.23
N SER A 1223 -23.69 -26.27 5.12
CA SER A 1223 -22.25 -26.51 5.19
C SER A 1223 -21.86 -27.55 4.16
N ILE A 1224 -21.04 -27.15 3.20
CA ILE A 1224 -20.70 -28.05 2.09
C ILE A 1224 -19.83 -29.18 2.58
N MET A 1225 -19.05 -28.95 3.64
CA MET A 1225 -18.24 -30.02 4.19
C MET A 1225 -19.12 -31.13 4.75
N TYR A 1226 -20.19 -30.77 5.45
CA TYR A 1226 -21.11 -31.77 5.98
C TYR A 1226 -22.01 -32.35 4.91
N THR A 1227 -22.30 -31.57 3.86
CA THR A 1227 -23.27 -32.00 2.86
C THR A 1227 -22.73 -33.12 2.01
N MET A 1228 -21.66 -32.88 1.27
CA MET A 1228 -21.15 -33.84 0.32
C MET A 1228 -20.47 -35.01 1.02
N ASP A 1229 -20.19 -36.05 0.24
CA ASP A 1229 -19.50 -37.23 0.71
C ASP A 1229 -18.50 -37.63 -0.36
N ILE A 1230 -17.44 -38.30 0.06
CA ILE A 1230 -16.32 -38.61 -0.81
C ILE A 1230 -16.40 -40.06 -1.23
N LYS A 1231 -16.13 -40.32 -2.50
CA LYS A 1231 -16.23 -41.67 -3.05
C LYS A 1231 -15.39 -41.74 -4.31
N TYR A 1232 -14.83 -42.92 -4.58
CA TYR A 1232 -13.91 -43.11 -5.69
C TYR A 1232 -14.41 -44.08 -6.74
N THR A 1233 -15.05 -45.18 -6.34
CA THR A 1233 -15.53 -46.18 -7.28
C THR A 1233 -16.88 -45.73 -7.82
N THR A 1234 -16.96 -45.58 -9.15
CA THR A 1234 -18.23 -45.18 -9.76
C THR A 1234 -19.29 -46.25 -9.55
N SER A 1235 -20.54 -45.81 -9.48
CA SER A 1235 -21.68 -46.68 -9.21
C SER A 1235 -22.69 -46.57 -10.33
N THR A 1236 -23.82 -47.24 -10.15
CA THR A 1236 -24.95 -47.07 -11.07
C THR A 1236 -25.55 -45.67 -10.93
N ILE A 1237 -25.49 -45.08 -9.74
CA ILE A 1237 -25.92 -43.70 -9.56
C ILE A 1237 -24.98 -42.76 -10.31
N SER A 1238 -23.70 -42.80 -9.98
CA SER A 1238 -22.67 -41.95 -10.60
C SER A 1238 -23.09 -40.48 -10.56
N SER A 1239 -23.81 -40.10 -9.51
CA SER A 1239 -24.29 -38.74 -9.36
C SER A 1239 -23.28 -37.92 -8.56
N GLY A 1240 -23.55 -36.63 -8.48
CA GLY A 1240 -22.63 -35.73 -7.84
C GLY A 1240 -21.54 -35.26 -8.80
N ILE A 1241 -20.88 -34.17 -8.42
CA ILE A 1241 -19.87 -33.58 -9.28
C ILE A 1241 -18.69 -34.52 -9.39
N ILE A 1242 -18.14 -34.66 -10.59
CA ILE A 1242 -17.00 -35.54 -10.83
C ILE A 1242 -15.80 -34.67 -11.16
N ILE A 1243 -14.68 -34.92 -10.47
CA ILE A 1243 -13.45 -34.18 -10.65
C ILE A 1243 -12.35 -35.17 -11.02
N GLU A 1244 -11.79 -35.01 -12.22
CA GLU A 1244 -10.71 -35.85 -12.70
C GLU A 1244 -9.58 -34.97 -13.20
N LYS A 1245 -8.35 -35.49 -13.08
CA LYS A 1245 -7.16 -34.79 -13.51
C LYS A 1245 -6.77 -35.28 -14.89
N TYR A 1246 -6.52 -34.35 -15.81
CA TYR A 1246 -6.24 -34.75 -17.19
C TYR A 1246 -4.80 -35.18 -17.37
N ASN A 1247 -3.86 -34.47 -16.75
CA ASN A 1247 -2.48 -34.92 -16.74
C ASN A 1247 -2.38 -36.29 -16.08
N VAL A 1248 -1.49 -37.12 -16.57
CA VAL A 1248 -1.21 -38.42 -15.96
C VAL A 1248 0.23 -38.40 -15.45
N ASN A 1249 0.37 -38.43 -14.12
CA ASN A 1249 1.66 -38.46 -13.46
C ASN A 1249 1.50 -39.22 -12.15
N SER A 1250 2.59 -39.33 -11.42
CA SER A 1250 2.52 -39.86 -10.06
C SER A 1250 2.08 -38.77 -9.08
N LEU A 1251 2.83 -37.67 -9.05
CA LEU A 1251 2.55 -36.55 -8.14
C LEU A 1251 2.49 -35.28 -8.98
N THR A 1252 1.37 -34.58 -8.91
CA THR A 1252 1.20 -33.36 -9.67
C THR A 1252 1.71 -32.12 -8.95
N ARG A 1253 2.19 -32.26 -7.73
CA ARG A 1253 2.62 -31.11 -6.94
C ARG A 1253 3.76 -30.38 -7.62
N GLY A 1254 3.52 -29.14 -8.03
CA GLY A 1254 4.54 -28.35 -8.67
C GLY A 1254 4.73 -28.62 -10.13
N GLU A 1255 3.71 -29.16 -10.82
CA GLU A 1255 3.76 -29.39 -12.25
C GLU A 1255 2.47 -28.88 -12.86
N ARG A 1256 2.59 -28.03 -13.88
CA ARG A 1256 1.43 -27.35 -14.43
C ARG A 1256 0.71 -28.23 -15.45
N GLY A 1257 -0.60 -28.02 -15.57
CA GLY A 1257 -1.43 -28.81 -16.45
C GLY A 1257 -1.99 -28.01 -17.62
N PRO A 1258 -2.89 -28.61 -18.39
CA PRO A 1258 -3.38 -27.95 -19.61
C PRO A 1258 -4.38 -26.83 -19.39
N THR A 1259 -5.35 -27.05 -18.50
CA THR A 1259 -6.52 -26.18 -18.42
C THR A 1259 -6.15 -24.79 -17.92
N LYS A 1260 -7.06 -23.84 -18.16
CA LYS A 1260 -6.96 -22.53 -17.54
C LYS A 1260 -7.25 -22.62 -16.05
N PRO A 1261 -6.71 -21.70 -15.24
CA PRO A 1261 -6.95 -21.74 -13.80
C PRO A 1261 -8.43 -21.56 -13.48
N TRP A 1262 -8.76 -21.64 -12.19
CA TRP A 1262 -10.14 -21.50 -11.75
C TRP A 1262 -10.21 -20.63 -10.51
N VAL A 1263 -10.87 -19.48 -10.65
CA VAL A 1263 -11.31 -18.67 -9.52
C VAL A 1263 -12.83 -18.67 -9.52
N GLY A 1264 -13.42 -19.05 -8.40
CA GLY A 1264 -14.87 -19.10 -8.30
C GLY A 1264 -15.46 -17.71 -8.34
N SER A 1265 -16.30 -17.44 -9.33
CA SER A 1265 -16.94 -16.14 -9.47
C SER A 1265 -18.43 -16.32 -9.30
N SER A 1266 -18.97 -15.76 -8.22
CA SER A 1266 -20.39 -15.88 -7.92
C SER A 1266 -21.24 -15.29 -9.05
N THR A 1267 -22.44 -15.82 -9.19
CA THR A 1267 -23.35 -15.38 -10.24
C THR A 1267 -23.66 -13.90 -10.09
N GLN A 1268 -23.51 -13.15 -11.17
CA GLN A 1268 -23.71 -11.70 -11.13
C GLN A 1268 -25.20 -11.38 -11.05
N GLU A 1269 -25.51 -10.09 -11.09
CA GLU A 1269 -26.88 -9.61 -11.12
C GLU A 1269 -27.09 -8.81 -12.40
N LYS A 1270 -28.17 -9.13 -13.12
CA LYS A 1270 -28.41 -8.55 -14.44
C LYS A 1270 -29.32 -7.33 -14.32
N LYS A 1271 -28.86 -6.20 -14.85
CA LYS A 1271 -29.60 -4.96 -14.75
C LYS A 1271 -29.41 -4.16 -16.03
N THR A 1272 -30.46 -3.44 -16.42
CA THR A 1272 -30.45 -2.64 -17.63
C THR A 1272 -30.15 -1.19 -17.27
N MET A 1273 -29.10 -0.64 -17.86
CA MET A 1273 -28.76 0.71 -17.45
C MET A 1273 -29.44 1.72 -18.36
N PRO A 1274 -29.91 2.83 -17.81
CA PRO A 1274 -30.54 3.86 -18.65
C PRO A 1274 -29.51 4.60 -19.47
N VAL A 1275 -30.00 5.39 -20.41
CA VAL A 1275 -29.15 6.12 -21.34
C VAL A 1275 -29.03 7.56 -20.83
N TYR A 1276 -27.84 7.93 -20.39
CA TYR A 1276 -27.53 9.31 -20.02
C TYR A 1276 -26.03 9.42 -19.84
N ASN A 1277 -25.56 10.64 -19.64
CA ASN A 1277 -24.14 10.91 -19.49
C ASN A 1277 -23.78 10.89 -18.00
N ARG A 1278 -23.12 9.81 -17.58
CA ARG A 1278 -22.75 9.66 -16.18
C ARG A 1278 -21.49 10.44 -15.82
N GLN A 1279 -20.86 11.07 -16.80
CA GLN A 1279 -19.61 11.79 -16.55
C GLN A 1279 -19.83 12.95 -15.58
N VAL A 1280 -20.93 13.68 -15.73
CA VAL A 1280 -21.16 14.90 -14.93
C VAL A 1280 -21.96 14.47 -13.70
N LEU A 1281 -21.25 13.88 -12.74
CA LEU A 1281 -21.86 13.35 -11.55
C LEU A 1281 -20.73 12.90 -10.64
N THR A 1282 -21.03 12.78 -9.35
CA THR A 1282 -20.02 12.42 -8.38
C THR A 1282 -20.05 10.91 -8.12
N LYS A 1283 -19.03 10.41 -7.44
CA LYS A 1283 -18.97 8.99 -7.12
C LYS A 1283 -20.04 8.62 -6.09
N LYS A 1284 -20.06 9.32 -4.97
CA LYS A 1284 -21.01 8.99 -3.90
C LYS A 1284 -22.44 9.04 -4.38
N GLN A 1285 -22.75 9.94 -5.32
CA GLN A 1285 -24.12 10.02 -5.83
C GLN A 1285 -24.48 8.79 -6.64
N ARG A 1286 -23.57 8.32 -7.49
CA ARG A 1286 -23.83 7.08 -8.21
C ARG A 1286 -23.98 5.92 -7.24
N ASP A 1287 -23.16 5.88 -6.19
CA ASP A 1287 -23.29 4.82 -5.19
C ASP A 1287 -24.67 4.85 -4.55
N GLN A 1288 -25.14 6.03 -4.18
CA GLN A 1288 -26.43 6.13 -3.50
C GLN A 1288 -27.57 5.76 -4.44
N ILE A 1289 -27.48 6.15 -5.70
CA ILE A 1289 -28.51 5.75 -6.67
C ILE A 1289 -28.55 4.24 -6.80
N ASP A 1290 -27.39 3.59 -6.81
CA ASP A 1290 -27.39 2.13 -6.88
C ASP A 1290 -28.02 1.51 -5.65
N LEU A 1291 -27.73 2.07 -4.46
CA LEU A 1291 -28.34 1.55 -3.25
C LEU A 1291 -29.86 1.68 -3.29
N LEU A 1292 -30.35 2.86 -3.67
CA LEU A 1292 -31.79 3.07 -3.76
C LEU A 1292 -32.42 2.15 -4.80
N ALA A 1293 -31.68 1.84 -5.87
CA ALA A 1293 -32.19 0.87 -6.84
C ALA A 1293 -32.35 -0.49 -6.21
N LYS A 1294 -31.36 -0.93 -5.43
CA LYS A 1294 -31.50 -2.20 -4.73
C LYS A 1294 -32.72 -2.19 -3.81
N LEU A 1295 -32.98 -1.06 -3.18
CA LEU A 1295 -34.14 -0.97 -2.30
C LEU A 1295 -35.45 -1.10 -3.09
N ASP A 1296 -35.57 -0.35 -4.18
CA ASP A 1296 -36.75 -0.50 -5.03
C ASP A 1296 -36.92 -1.93 -5.51
N TRP A 1297 -35.82 -2.63 -5.75
CA TRP A 1297 -35.91 -4.01 -6.21
C TRP A 1297 -36.39 -4.93 -5.11
N VAL A 1298 -35.93 -4.71 -3.88
CA VAL A 1298 -36.16 -5.67 -2.81
C VAL A 1298 -37.43 -5.40 -2.03
N TYR A 1299 -37.99 -4.19 -2.11
CA TYR A 1299 -39.17 -3.83 -1.34
C TYR A 1299 -40.34 -3.41 -2.24
N ALA A 1300 -40.58 -4.16 -3.30
CA ALA A 1300 -41.75 -3.90 -4.13
C ALA A 1300 -43.03 -4.28 -3.40
N SER A 1301 -43.00 -5.33 -2.58
CA SER A 1301 -44.20 -5.79 -1.91
C SER A 1301 -44.65 -4.88 -0.78
N ILE A 1302 -43.78 -4.00 -0.28
CA ILE A 1302 -44.14 -3.11 0.82
C ILE A 1302 -45.23 -2.15 0.37
N ASP A 1303 -46.14 -1.82 1.29
CA ASP A 1303 -47.32 -1.02 0.96
C ASP A 1303 -47.07 0.48 1.01
N ASN A 1304 -46.24 0.94 1.94
CA ASN A 1304 -45.86 2.36 1.92
C ASN A 1304 -44.88 2.69 0.82
N LYS A 1305 -44.66 1.79 -0.14
CA LYS A 1305 -43.58 1.93 -1.11
C LYS A 1305 -43.47 3.35 -1.65
N ASP A 1306 -44.55 3.86 -2.24
CA ASP A 1306 -44.48 5.17 -2.88
C ASP A 1306 -44.14 6.27 -1.89
N GLU A 1307 -44.76 6.26 -0.71
CA GLU A 1307 -44.43 7.25 0.30
C GLU A 1307 -43.02 7.06 0.85
N PHE A 1308 -42.67 5.80 1.11
CA PHE A 1308 -41.35 5.49 1.67
C PHE A 1308 -40.24 5.87 0.70
N MET A 1309 -40.38 5.47 -0.56
CA MET A 1309 -39.39 5.85 -1.56
C MET A 1309 -39.41 7.34 -1.82
N GLU A 1310 -40.57 7.97 -1.74
CA GLU A 1310 -40.64 9.42 -1.84
C GLU A 1310 -39.77 10.09 -0.79
N GLU A 1311 -39.94 9.68 0.47
CA GLU A 1311 -39.17 10.29 1.54
C GLU A 1311 -37.69 10.01 1.37
N LEU A 1312 -37.32 8.78 0.99
CA LEU A 1312 -35.91 8.45 0.82
C LEU A 1312 -35.27 9.28 -0.28
N SER A 1313 -35.93 9.34 -1.44
CA SER A 1313 -35.38 10.09 -2.56
C SER A 1313 -35.30 11.58 -2.26
N ILE A 1314 -36.28 12.12 -1.55
CA ILE A 1314 -36.24 13.54 -1.23
C ILE A 1314 -35.19 13.84 -0.18
N GLY A 1315 -34.98 12.92 0.76
CA GLY A 1315 -34.00 13.15 1.81
C GLY A 1315 -32.58 13.04 1.31
N THR A 1316 -32.23 11.90 0.71
CA THR A 1316 -30.85 11.70 0.29
C THR A 1316 -30.49 12.59 -0.89
N LEU A 1317 -31.40 12.73 -1.85
CA LEU A 1317 -31.14 13.48 -3.07
C LEU A 1317 -32.13 14.62 -3.18
N GLY A 1318 -31.80 15.59 -4.03
CA GLY A 1318 -32.71 16.70 -4.25
C GLY A 1318 -33.92 16.36 -5.09
N LEU A 1319 -33.83 15.30 -5.89
CA LEU A 1319 -34.91 14.96 -6.81
C LEU A 1319 -36.12 14.42 -6.08
N THR A 1320 -37.28 14.59 -6.70
CA THR A 1320 -38.44 13.82 -6.32
C THR A 1320 -38.31 12.40 -6.89
N TYR A 1321 -39.21 11.52 -6.44
CA TYR A 1321 -39.07 10.10 -6.76
C TYR A 1321 -39.21 9.86 -8.25
N GLU A 1322 -40.28 10.37 -8.86
CA GLU A 1322 -40.59 10.04 -10.26
C GLU A 1322 -39.42 10.37 -11.17
N LYS A 1323 -38.97 11.63 -11.16
CA LYS A 1323 -37.79 12.00 -11.94
C LYS A 1323 -36.62 11.09 -11.60
N ALA A 1324 -36.39 10.86 -10.31
CA ALA A 1324 -35.29 9.98 -9.89
C ALA A 1324 -35.39 8.61 -10.53
N LYS A 1325 -36.62 8.10 -10.70
CA LYS A 1325 -36.79 6.76 -11.23
C LYS A 1325 -36.19 6.62 -12.63
N LYS A 1326 -35.96 7.72 -13.33
CA LYS A 1326 -35.38 7.62 -14.65
C LYS A 1326 -33.94 7.14 -14.62
N LEU A 1327 -33.26 7.27 -13.48
CA LEU A 1327 -31.86 6.89 -13.35
C LEU A 1327 -31.66 5.51 -12.76
N PHE A 1328 -32.65 4.97 -12.07
CA PHE A 1328 -32.54 3.69 -11.40
C PHE A 1328 -32.33 2.56 -12.40
N PRO A 1329 -31.16 1.91 -12.43
CA PRO A 1329 -30.99 0.73 -13.27
C PRO A 1329 -31.90 -0.39 -12.79
N GLN A 1330 -32.83 -0.81 -13.63
CA GLN A 1330 -33.85 -1.76 -13.22
C GLN A 1330 -33.34 -3.18 -13.36
N TYR A 1331 -33.52 -3.97 -12.30
CA TYR A 1331 -33.02 -5.33 -12.26
C TYR A 1331 -34.02 -6.28 -12.88
N LEU A 1332 -33.51 -7.30 -13.57
CA LEU A 1332 -34.37 -8.25 -14.27
C LEU A 1332 -34.45 -9.60 -13.60
N SER A 1333 -33.64 -9.85 -12.57
CA SER A 1333 -33.67 -11.12 -11.87
C SER A 1333 -34.80 -11.11 -10.84
N VAL A 1334 -35.59 -12.18 -10.82
CA VAL A 1334 -36.74 -12.24 -9.91
C VAL A 1334 -36.30 -12.56 -8.49
N ASN A 1335 -35.30 -13.43 -8.34
CA ASN A 1335 -34.91 -13.96 -7.04
C ASN A 1335 -33.74 -13.15 -6.51
N TYR A 1336 -33.99 -12.35 -5.47
CA TYR A 1336 -32.90 -11.60 -4.86
C TYR A 1336 -32.20 -12.37 -3.74
N LEU A 1337 -32.83 -13.40 -3.19
CA LEU A 1337 -32.16 -14.22 -2.19
C LEU A 1337 -30.95 -14.93 -2.80
N HIS A 1338 -31.07 -15.39 -4.04
CA HIS A 1338 -29.98 -16.07 -4.70
C HIS A 1338 -29.00 -15.10 -5.35
N ARG A 1339 -29.47 -13.93 -5.77
CA ARG A 1339 -28.64 -12.97 -6.49
C ARG A 1339 -28.80 -11.61 -5.83
N LEU A 1340 -27.76 -11.14 -5.16
CA LEU A 1340 -27.73 -9.80 -4.57
C LEU A 1340 -26.27 -9.43 -4.36
N THR A 1341 -26.01 -8.13 -4.23
CA THR A 1341 -24.66 -7.63 -4.06
C THR A 1341 -24.63 -6.61 -2.93
N VAL A 1342 -24.00 -6.99 -1.80
CA VAL A 1342 -23.83 -6.11 -0.67
C VAL A 1342 -22.43 -6.37 -0.11
N SER A 1343 -21.92 -5.38 0.63
CA SER A 1343 -20.61 -5.52 1.26
C SER A 1343 -20.58 -6.63 2.31
N SER A 1344 -21.74 -7.12 2.74
CA SER A 1344 -21.80 -8.22 3.70
C SER A 1344 -21.73 -9.58 3.05
N ARG A 1345 -21.98 -9.69 1.77
CA ARG A 1345 -21.99 -11.02 1.20
C ARG A 1345 -20.66 -11.34 0.53
N PRO A 1346 -20.24 -12.61 0.57
CA PRO A 1346 -18.97 -12.98 -0.08
C PRO A 1346 -19.09 -12.90 -1.59
N CYS A 1347 -18.11 -12.23 -2.21
CA CYS A 1347 -18.19 -11.90 -3.62
C CYS A 1347 -17.63 -13.01 -4.51
N GLU A 1348 -16.47 -13.56 -4.17
CA GLU A 1348 -15.88 -14.69 -4.87
C GLU A 1348 -15.61 -15.83 -3.90
N PHE A 1349 -15.62 -17.06 -4.41
CA PHE A 1349 -15.40 -18.26 -3.60
C PHE A 1349 -14.19 -19.01 -4.13
N PRO A 1350 -12.99 -18.59 -3.80
CA PRO A 1350 -11.79 -19.23 -4.33
C PRO A 1350 -11.53 -20.55 -3.60
N ALA A 1351 -10.44 -21.21 -3.99
CA ALA A 1351 -9.99 -22.43 -3.34
C ALA A 1351 -8.74 -22.14 -2.51
N SER A 1352 -8.39 -23.10 -1.65
CA SER A 1352 -7.23 -22.92 -0.78
C SER A 1352 -5.94 -22.99 -1.58
N ILE A 1353 -5.73 -24.08 -2.31
CA ILE A 1353 -4.53 -24.34 -3.10
C ILE A 1353 -4.18 -23.14 -3.97
N PRO A 1354 -2.92 -22.91 -4.29
CA PRO A 1354 -2.57 -21.80 -5.18
C PRO A 1354 -3.21 -21.99 -6.54
N ALA A 1355 -3.30 -20.89 -7.28
CA ALA A 1355 -4.07 -20.89 -8.52
C ALA A 1355 -3.53 -21.90 -9.52
N TYR A 1356 -2.20 -22.00 -9.64
CA TYR A 1356 -1.61 -22.79 -10.71
C TYR A 1356 -1.97 -24.26 -10.62
N ARG A 1357 -2.13 -24.79 -9.41
CA ARG A 1357 -2.43 -26.20 -9.27
C ARG A 1357 -3.81 -26.55 -9.80
N THR A 1358 -4.76 -25.62 -9.69
CA THR A 1358 -6.12 -25.91 -10.11
C THR A 1358 -6.22 -26.20 -11.60
N THR A 1359 -5.24 -25.75 -12.38
CA THR A 1359 -5.30 -26.00 -13.82
C THR A 1359 -5.28 -27.48 -14.13
N ASN A 1360 -4.70 -28.28 -13.26
CA ASN A 1360 -4.45 -29.67 -13.59
C ASN A 1360 -5.73 -30.51 -13.62
N TYR A 1361 -6.81 -30.05 -13.00
CA TYR A 1361 -8.02 -30.83 -12.89
C TYR A 1361 -9.11 -30.33 -13.84
N HIS A 1362 -10.23 -31.06 -13.85
CA HIS A 1362 -11.37 -30.69 -14.66
C HIS A 1362 -12.62 -31.26 -13.99
N PHE A 1363 -13.69 -30.46 -13.97
CA PHE A 1363 -14.88 -30.76 -13.19
C PHE A 1363 -16.10 -30.81 -14.09
N ASP A 1364 -16.97 -31.79 -13.83
CA ASP A 1364 -18.21 -31.96 -14.57
C ASP A 1364 -19.34 -32.05 -13.54
N THR A 1365 -20.38 -31.23 -13.75
CA THR A 1365 -21.41 -31.02 -12.74
C THR A 1365 -22.82 -31.38 -13.23
N SER A 1366 -22.92 -32.25 -14.24
CA SER A 1366 -24.23 -32.65 -14.74
C SER A 1366 -24.92 -33.74 -13.92
N PRO A 1367 -24.21 -34.79 -13.46
CA PRO A 1367 -24.93 -35.86 -12.75
C PRO A 1367 -25.66 -35.40 -11.51
N ILE A 1368 -25.11 -34.45 -10.76
CA ILE A 1368 -25.84 -33.92 -9.61
C ILE A 1368 -27.01 -33.07 -10.07
N ASN A 1369 -26.83 -32.32 -11.16
CA ASN A 1369 -27.91 -31.49 -11.67
C ASN A 1369 -29.09 -32.33 -12.11
N ARG A 1370 -28.84 -33.57 -12.55
CA ARG A 1370 -29.95 -34.45 -12.92
C ARG A 1370 -30.93 -34.63 -11.76
N ILE A 1371 -30.43 -35.07 -10.60
CA ILE A 1371 -31.32 -35.31 -9.47
C ILE A 1371 -31.81 -34.00 -8.87
N LEU A 1372 -30.98 -32.97 -8.88
CA LEU A 1372 -31.42 -31.68 -8.36
C LEU A 1372 -32.52 -31.07 -9.21
N THR A 1373 -32.64 -31.49 -10.47
CA THR A 1373 -33.70 -30.98 -11.34
C THR A 1373 -34.90 -31.92 -11.43
N GLU A 1374 -34.73 -33.22 -11.17
CA GLU A 1374 -35.89 -34.09 -11.18
C GLU A 1374 -36.80 -33.82 -9.99
N LYS A 1375 -36.22 -33.53 -8.83
CA LYS A 1375 -36.95 -33.20 -7.61
C LYS A 1375 -36.70 -31.73 -7.31
N TYR A 1376 -37.79 -30.96 -7.16
CA TYR A 1376 -37.71 -29.51 -7.04
C TYR A 1376 -37.00 -28.92 -8.26
N GLY A 1377 -37.66 -29.05 -9.41
CA GLY A 1377 -37.01 -28.76 -10.67
C GLY A 1377 -37.07 -27.31 -11.10
N ASP A 1378 -35.97 -26.85 -11.68
CA ASP A 1378 -35.87 -25.54 -12.33
C ASP A 1378 -36.18 -24.39 -11.37
N GLU A 1379 -35.77 -24.56 -10.12
CA GLU A 1379 -35.91 -23.51 -9.12
C GLU A 1379 -34.59 -23.34 -8.38
N ASP A 1380 -34.41 -22.17 -7.79
CA ASP A 1380 -33.18 -21.90 -7.04
C ASP A 1380 -33.16 -22.70 -5.75
N ILE A 1381 -31.98 -23.20 -5.41
CA ILE A 1381 -31.80 -24.02 -4.22
C ILE A 1381 -30.77 -23.35 -3.32
N ASP A 1382 -30.74 -23.80 -2.06
CA ASP A 1382 -30.00 -23.10 -1.03
C ASP A 1382 -28.50 -23.17 -1.26
N ILE A 1383 -27.97 -24.38 -1.48
CA ILE A 1383 -26.53 -24.57 -1.56
C ILE A 1383 -25.96 -23.74 -2.71
N VAL A 1384 -24.77 -23.18 -2.48
CA VAL A 1384 -24.05 -22.43 -3.49
C VAL A 1384 -23.06 -23.36 -4.17
N PHE A 1385 -23.05 -23.35 -5.50
CA PHE A 1385 -22.40 -24.43 -6.24
C PHE A 1385 -20.89 -24.28 -6.34
N GLN A 1386 -20.37 -23.05 -6.27
CA GLN A 1386 -18.93 -22.85 -6.43
C GLN A 1386 -18.15 -23.63 -5.37
N ASN A 1387 -18.59 -23.55 -4.12
CA ASN A 1387 -17.84 -24.19 -3.05
C ASN A 1387 -17.79 -25.69 -3.21
N CYS A 1388 -18.74 -26.28 -3.95
CA CYS A 1388 -18.71 -27.71 -4.20
C CYS A 1388 -17.42 -28.10 -4.92
N ILE A 1389 -17.20 -27.53 -6.10
CA ILE A 1389 -16.00 -27.88 -6.85
C ILE A 1389 -14.75 -27.35 -6.15
N SER A 1390 -14.86 -26.26 -5.40
CA SER A 1390 -13.69 -25.77 -4.68
C SER A 1390 -13.24 -26.79 -3.64
N PHE A 1391 -14.19 -27.29 -2.85
CA PHE A 1391 -13.90 -28.34 -1.88
C PHE A 1391 -13.39 -29.60 -2.59
N GLY A 1392 -13.90 -29.89 -3.78
CA GLY A 1392 -13.37 -31.01 -4.54
C GLY A 1392 -11.89 -30.87 -4.83
N LEU A 1393 -11.48 -29.68 -5.31
CA LEU A 1393 -10.08 -29.48 -5.65
C LEU A 1393 -9.19 -29.56 -4.42
N SER A 1394 -9.55 -28.83 -3.36
CA SER A 1394 -8.77 -28.90 -2.13
C SER A 1394 -8.70 -30.33 -1.61
N LEU A 1395 -9.76 -31.10 -1.82
CA LEU A 1395 -9.79 -32.49 -1.37
C LEU A 1395 -8.79 -33.33 -2.15
N MET A 1396 -8.76 -33.16 -3.46
CA MET A 1396 -7.74 -33.82 -4.28
C MET A 1396 -6.35 -33.54 -3.73
N SER A 1397 -6.08 -32.27 -3.41
CA SER A 1397 -4.73 -31.90 -2.95
C SER A 1397 -4.40 -32.56 -1.62
N VAL A 1398 -5.30 -32.49 -0.65
CA VAL A 1398 -5.00 -33.04 0.67
C VAL A 1398 -4.88 -34.55 0.61
N VAL A 1399 -5.69 -35.21 -0.24
CA VAL A 1399 -5.51 -36.64 -0.41
C VAL A 1399 -4.13 -36.94 -0.95
N GLU A 1400 -3.69 -36.18 -1.96
CA GLU A 1400 -2.34 -36.39 -2.48
C GLU A 1400 -1.30 -36.26 -1.38
N GLN A 1401 -1.46 -35.28 -0.49
CA GLN A 1401 -0.49 -35.12 0.57
C GLN A 1401 -0.49 -36.33 1.51
N PHE A 1402 -1.66 -36.84 1.86
CA PHE A 1402 -1.69 -37.86 2.91
C PHE A 1402 -1.35 -39.26 2.38
N THR A 1403 -1.85 -39.63 1.20
CA THR A 1403 -1.58 -40.98 0.71
C THR A 1403 -0.37 -41.05 -0.22
N ASN A 1404 0.09 -39.92 -0.74
CA ASN A 1404 1.25 -39.73 -1.61
C ASN A 1404 1.01 -40.17 -3.05
N VAL A 1405 -0.17 -40.69 -3.39
CA VAL A 1405 -0.50 -41.02 -4.77
C VAL A 1405 -1.82 -40.34 -5.12
N CYS A 1406 -1.78 -39.40 -6.05
CA CYS A 1406 -2.97 -38.61 -6.32
C CYS A 1406 -4.02 -39.48 -7.00
N PRO A 1407 -5.28 -39.35 -6.61
CA PRO A 1407 -6.32 -40.25 -7.17
C PRO A 1407 -6.59 -39.94 -8.62
N ASN A 1408 -7.04 -40.96 -9.35
CA ASN A 1408 -7.39 -40.78 -10.75
C ASN A 1408 -8.64 -39.94 -10.91
N ARG A 1409 -9.70 -40.31 -10.21
CA ARG A 1409 -10.98 -39.62 -10.28
C ARG A 1409 -11.61 -39.57 -8.91
N ILE A 1410 -12.40 -38.52 -8.68
CA ILE A 1410 -13.13 -38.37 -7.43
C ILE A 1410 -14.56 -37.99 -7.78
N ILE A 1411 -15.51 -38.44 -6.97
CA ILE A 1411 -16.93 -38.16 -7.19
C ILE A 1411 -17.54 -37.70 -5.89
N LEU A 1412 -18.40 -36.68 -5.98
CA LEU A 1412 -19.03 -36.07 -4.83
C LEU A 1412 -20.54 -36.22 -4.97
N ILE A 1413 -21.15 -36.90 -4.02
CA ILE A 1413 -22.60 -37.09 -3.97
C ILE A 1413 -23.15 -36.21 -2.87
N PRO A 1414 -24.17 -35.41 -3.12
CA PRO A 1414 -24.71 -34.56 -2.06
C PRO A 1414 -25.47 -35.37 -1.03
N LYS A 1415 -25.99 -34.69 -0.01
CA LYS A 1415 -26.88 -35.30 0.98
C LYS A 1415 -28.25 -34.66 0.78
N LEU A 1416 -29.22 -35.47 0.36
CA LEU A 1416 -30.49 -34.94 -0.13
C LEU A 1416 -31.34 -34.32 0.96
N ASN A 1417 -30.89 -34.31 2.21
CA ASN A 1417 -31.70 -33.76 3.29
C ASN A 1417 -31.46 -32.26 3.47
N GLU A 1418 -30.20 -31.87 3.66
CA GLU A 1418 -29.88 -30.51 4.06
C GLU A 1418 -30.09 -29.49 2.96
N ILE A 1419 -30.30 -29.92 1.71
CA ILE A 1419 -30.49 -28.99 0.60
C ILE A 1419 -31.95 -28.52 0.66
N HIS A 1420 -32.18 -27.37 1.28
CA HIS A 1420 -33.52 -26.84 1.45
C HIS A 1420 -33.95 -26.02 0.23
N LEU A 1421 -35.19 -25.55 0.28
CA LEU A 1421 -35.77 -24.72 -0.75
C LEU A 1421 -35.38 -23.26 -0.51
N MET A 1422 -35.67 -22.42 -1.50
CA MET A 1422 -35.55 -20.98 -1.31
C MET A 1422 -36.37 -20.27 -2.39
N LYS A 1423 -37.28 -19.41 -1.96
CA LYS A 1423 -38.16 -18.68 -2.86
C LYS A 1423 -38.22 -17.23 -2.45
N PRO A 1424 -38.32 -16.30 -3.40
CA PRO A 1424 -38.41 -14.89 -3.05
C PRO A 1424 -39.66 -14.63 -2.23
N PRO A 1425 -39.51 -14.20 -0.99
CA PRO A 1425 -40.66 -14.03 -0.11
C PRO A 1425 -41.49 -12.82 -0.50
N ILE A 1426 -42.67 -12.74 0.11
CA ILE A 1426 -43.56 -11.59 -0.02
C ILE A 1426 -43.61 -10.88 1.32
N PHE A 1427 -43.34 -9.59 1.32
CA PHE A 1427 -43.30 -8.84 2.56
C PHE A 1427 -44.69 -8.41 2.98
N THR A 1428 -44.87 -8.24 4.28
CA THR A 1428 -46.12 -7.75 4.84
C THR A 1428 -45.81 -6.85 6.03
N GLY A 1429 -46.69 -5.88 6.25
CA GLY A 1429 -46.42 -4.81 7.18
C GLY A 1429 -45.90 -3.57 6.46
N ASP A 1430 -45.84 -2.48 7.20
CA ASP A 1430 -45.46 -1.20 6.63
C ASP A 1430 -44.34 -0.58 7.46
N VAL A 1431 -43.68 0.41 6.88
CA VAL A 1431 -42.55 1.05 7.53
C VAL A 1431 -43.02 2.28 8.29
N ASP A 1432 -42.20 2.75 9.22
CA ASP A 1432 -42.48 3.95 10.00
C ASP A 1432 -41.79 5.12 9.31
N ILE A 1433 -42.57 5.99 8.68
CA ILE A 1433 -41.98 7.06 7.89
C ILE A 1433 -41.58 8.25 8.77
N HIS A 1434 -42.34 8.54 9.82
CA HIS A 1434 -42.02 9.68 10.67
C HIS A 1434 -40.64 9.52 11.31
N LYS A 1435 -40.38 8.36 11.91
CA LYS A 1435 -39.08 8.14 12.53
C LYS A 1435 -37.96 8.12 11.50
N LEU A 1436 -38.24 7.63 10.28
CA LEU A 1436 -37.22 7.64 9.24
C LEU A 1436 -36.84 9.08 8.88
N LYS A 1437 -37.84 9.94 8.73
CA LYS A 1437 -37.56 11.34 8.49
C LYS A 1437 -36.79 11.95 9.65
N GLN A 1438 -37.10 11.54 10.87
CA GLN A 1438 -36.37 12.07 12.02
C GLN A 1438 -34.91 11.63 11.97
N VAL A 1439 -34.65 10.37 11.62
CA VAL A 1439 -33.26 9.91 11.48
C VAL A 1439 -32.53 10.76 10.45
N ILE A 1440 -33.12 10.92 9.28
CA ILE A 1440 -32.46 11.70 8.24
C ILE A 1440 -32.30 13.17 8.64
N GLN A 1441 -33.14 13.66 9.54
CA GLN A 1441 -33.04 15.07 9.94
C GLN A 1441 -32.00 15.27 11.05
N LYS A 1442 -31.85 14.31 11.96
CA LYS A 1442 -31.01 14.53 13.13
C LYS A 1442 -29.54 14.61 12.74
N GLN A 1443 -29.11 13.81 11.78
CA GLN A 1443 -27.72 13.80 11.32
C GLN A 1443 -27.71 14.09 9.83
N HIS A 1444 -27.72 15.37 9.47
CA HIS A 1444 -27.78 15.76 8.08
C HIS A 1444 -26.40 16.10 7.52
N MET A 1445 -25.38 16.25 8.36
CA MET A 1445 -24.07 16.65 7.87
C MET A 1445 -23.45 15.58 6.98
N PHE A 1446 -23.74 14.31 7.24
CA PHE A 1446 -23.15 13.22 6.46
C PHE A 1446 -23.93 12.92 5.19
N LEU A 1447 -24.90 13.74 4.85
CA LEU A 1447 -25.69 13.50 3.64
C LEU A 1447 -24.82 13.73 2.41
N PRO A 1448 -24.94 12.88 1.38
CA PRO A 1448 -24.28 13.17 0.10
C PRO A 1448 -24.86 14.42 -0.52
N ASP A 1449 -24.10 15.01 -1.43
CA ASP A 1449 -24.47 16.30 -2.00
C ASP A 1449 -25.78 16.21 -2.76
N LYS A 1450 -26.59 17.26 -2.66
CA LYS A 1450 -27.88 17.28 -3.33
C LYS A 1450 -27.69 17.54 -4.83
N ILE A 1451 -28.47 16.82 -5.63
CA ILE A 1451 -28.43 17.03 -7.08
C ILE A 1451 -29.17 18.32 -7.39
N SER A 1452 -28.43 19.37 -7.74
CA SER A 1452 -29.04 20.66 -8.02
C SER A 1452 -29.90 20.57 -9.28
N LEU A 1453 -30.64 21.65 -9.53
CA LEU A 1453 -31.53 21.69 -10.68
C LEU A 1453 -30.75 21.87 -11.98
N THR A 1454 -29.72 22.71 -11.96
CA THR A 1454 -28.90 22.90 -13.15
C THR A 1454 -28.22 21.60 -13.56
N GLN A 1455 -27.73 20.83 -12.59
CA GLN A 1455 -27.11 19.55 -12.88
C GLN A 1455 -28.12 18.62 -13.55
N TYR A 1456 -29.34 18.53 -12.99
CA TYR A 1456 -30.32 17.64 -13.56
C TYR A 1456 -30.78 18.09 -14.94
N VAL A 1457 -30.78 19.40 -15.21
CA VAL A 1457 -31.23 19.85 -16.51
C VAL A 1457 -30.16 19.60 -17.57
N GLU A 1458 -28.88 19.75 -17.19
CA GLU A 1458 -27.83 19.42 -18.13
C GLU A 1458 -27.61 17.91 -18.26
N LEU A 1459 -28.19 17.11 -17.37
CA LEU A 1459 -28.08 15.66 -17.51
C LEU A 1459 -28.56 15.19 -18.88
N PHE A 1460 -29.83 15.38 -19.18
CA PHE A 1460 -30.41 14.84 -20.41
C PHE A 1460 -30.14 15.82 -21.56
N LEU A 1461 -29.26 15.45 -22.47
CA LEU A 1461 -28.96 16.26 -23.64
C LEU A 1461 -28.78 15.39 -24.88
N ASN B 128 -5.48 23.94 -60.41
CA ASN B 128 -6.12 24.19 -59.13
C ASN B 128 -5.80 23.09 -58.12
N ASP B 129 -5.44 21.91 -58.63
CA ASP B 129 -5.05 20.81 -57.76
C ASP B 129 -3.81 21.18 -56.94
N ASN B 130 -2.75 21.59 -57.62
CA ASN B 130 -1.53 22.00 -56.91
C ASN B 130 -1.80 23.11 -55.92
N ILE B 131 -2.76 24.00 -56.23
CA ILE B 131 -3.14 25.04 -55.29
C ILE B 131 -3.60 24.42 -53.97
N THR B 132 -4.56 23.50 -54.05
CA THR B 132 -5.08 22.87 -52.83
C THR B 132 -4.00 22.07 -52.11
N ALA B 133 -3.16 21.35 -52.86
CA ALA B 133 -2.13 20.53 -52.22
C ALA B 133 -1.14 21.40 -51.46
N ARG B 134 -0.67 22.47 -52.09
CA ARG B 134 0.27 23.37 -51.42
C ARG B 134 -0.39 24.07 -50.24
N LEU B 135 -1.66 24.42 -50.37
CA LEU B 135 -2.37 25.03 -49.24
C LEU B 135 -2.48 24.06 -48.08
N ASP B 136 -2.70 22.77 -48.37
CA ASP B 136 -2.78 21.79 -47.29
C ASP B 136 -1.43 21.62 -46.62
N ARG B 137 -0.35 21.61 -47.40
CA ARG B 137 0.99 21.57 -46.80
C ARG B 137 1.18 22.76 -45.85
N ILE B 138 0.85 23.96 -46.32
CA ILE B 138 1.00 25.15 -45.48
C ILE B 138 0.14 25.04 -44.23
N ASP B 139 -1.07 24.50 -44.38
CA ASP B 139 -1.98 24.34 -43.25
C ASP B 139 -1.38 23.43 -42.19
N GLU B 140 -0.91 22.25 -42.61
CA GLU B 140 -0.35 21.30 -41.65
C GLU B 140 0.88 21.86 -40.96
N LYS B 141 1.75 22.53 -41.72
CA LYS B 141 2.95 23.09 -41.10
C LYS B 141 2.60 24.19 -40.12
N LEU B 142 1.62 25.04 -40.46
CA LEU B 142 1.18 26.05 -39.52
C LEU B 142 0.64 25.42 -38.25
N SER B 143 -0.12 24.33 -38.39
CA SER B 143 -0.65 23.65 -37.20
C SER B 143 0.48 23.15 -36.30
N GLU B 144 1.52 22.58 -36.90
CA GLU B 144 2.67 22.15 -36.11
C GLU B 144 3.30 23.30 -35.36
N ILE B 145 3.53 24.41 -36.06
CA ILE B 145 4.10 25.59 -35.40
C ILE B 145 3.24 26.00 -34.21
N LEU B 146 1.93 26.02 -34.40
CA LEU B 146 1.05 26.53 -33.36
C LEU B 146 1.04 25.60 -32.16
N GLY B 147 1.01 24.29 -32.39
CA GLY B 147 1.08 23.35 -31.28
C GLY B 147 2.37 23.46 -30.48
N MET B 148 3.50 23.54 -31.17
CA MET B 148 4.78 23.64 -30.47
C MET B 148 4.84 24.93 -29.64
N LEU B 149 4.41 26.04 -30.23
CA LEU B 149 4.40 27.30 -29.48
C LEU B 149 3.46 27.22 -28.29
N HIS B 150 2.36 26.48 -28.42
CA HIS B 150 1.44 26.34 -27.30
C HIS B 150 2.07 25.62 -26.13
N THR B 151 2.74 24.49 -26.40
CA THR B 151 3.37 23.78 -25.30
C THR B 151 4.46 24.62 -24.65
N LEU B 152 5.18 25.41 -25.46
CA LEU B 152 6.16 26.31 -24.84
C LEU B 152 5.48 27.31 -23.93
N VAL B 153 4.36 27.89 -24.37
CA VAL B 153 3.63 28.85 -23.54
C VAL B 153 3.23 28.20 -22.22
N VAL B 154 2.69 26.99 -22.28
CA VAL B 154 2.24 26.30 -21.07
C VAL B 154 3.41 26.08 -20.12
N ALA B 155 4.45 25.39 -20.60
CA ALA B 155 5.59 25.11 -19.73
C ALA B 155 6.35 26.37 -19.32
N SER B 156 5.99 27.53 -19.84
CA SER B 156 6.70 28.74 -19.45
C SER B 156 6.16 29.41 -18.18
N ALA B 157 5.03 28.96 -17.64
CA ALA B 157 4.48 29.61 -16.46
C ALA B 157 5.42 29.49 -15.26
N GLY B 158 5.63 28.27 -14.77
CA GLY B 158 6.68 27.99 -13.82
C GLY B 158 6.47 28.56 -12.43
N PRO B 159 7.26 28.07 -11.48
CA PRO B 159 7.12 28.53 -10.09
C PRO B 159 7.56 29.96 -9.88
N THR B 160 8.21 30.58 -10.87
CA THR B 160 8.61 31.98 -10.72
C THR B 160 7.43 32.92 -10.94
N SER B 161 6.70 32.73 -12.03
CA SER B 161 5.54 33.57 -12.30
C SER B 161 4.44 33.38 -11.27
N ALA B 162 4.39 32.24 -10.59
CA ALA B 162 3.41 32.06 -9.54
C ALA B 162 3.67 32.99 -8.37
N ARG B 163 4.90 33.47 -8.21
CA ARG B 163 5.17 34.45 -7.16
C ARG B 163 4.49 35.78 -7.46
N ASP B 164 4.52 36.21 -8.71
CA ASP B 164 3.93 37.48 -9.11
C ASP B 164 2.45 37.37 -9.45
N GLY B 165 1.89 36.17 -9.47
CA GLY B 165 0.50 36.00 -9.82
C GLY B 165 0.19 36.13 -11.29
N ILE B 166 1.19 36.06 -12.16
CA ILE B 166 0.96 36.18 -13.59
C ILE B 166 0.52 34.88 -14.24
N ARG B 167 0.49 33.77 -13.49
CA ARG B 167 0.19 32.48 -14.11
C ARG B 167 -1.19 32.48 -14.75
N ASP B 168 -2.21 32.91 -14.01
CA ASP B 168 -3.56 32.98 -14.57
C ASP B 168 -3.60 33.84 -15.81
N ALA B 169 -2.63 34.73 -15.99
CA ALA B 169 -2.55 35.52 -17.21
C ALA B 169 -2.14 34.67 -18.41
N MET B 170 -1.08 33.88 -18.27
CA MET B 170 -0.56 33.17 -19.42
C MET B 170 -1.43 31.98 -19.82
N VAL B 171 -1.88 31.19 -18.85
CA VAL B 171 -2.62 29.99 -19.16
C VAL B 171 -4.11 30.25 -19.37
N GLY B 172 -4.61 31.40 -18.94
CA GLY B 172 -5.98 31.78 -19.19
C GLY B 172 -6.84 31.72 -17.93
N LEU B 173 -8.15 31.81 -18.15
CA LEU B 173 -9.13 31.66 -17.08
C LEU B 173 -10.06 30.52 -17.40
N ARG B 174 -10.10 29.53 -16.50
CA ARG B 174 -10.94 28.36 -16.69
C ARG B 174 -12.37 28.67 -16.28
N GLU B 175 -13.24 27.65 -16.41
CA GLU B 175 -14.67 27.85 -16.15
C GLU B 175 -14.92 28.14 -14.68
N GLU B 176 -14.46 27.26 -13.79
CA GLU B 176 -14.90 27.25 -12.40
C GLU B 176 -14.86 28.64 -11.79
N MET B 177 -13.67 29.25 -11.71
CA MET B 177 -13.55 30.54 -11.05
C MET B 177 -14.44 31.58 -11.70
N ILE B 178 -14.50 31.60 -13.03
CA ILE B 178 -15.37 32.57 -13.71
C ILE B 178 -16.81 32.41 -13.24
N GLU B 179 -17.28 31.16 -13.16
CA GLU B 179 -18.62 30.93 -12.62
C GLU B 179 -18.75 31.54 -11.23
N LYS B 180 -17.74 31.35 -10.38
CA LYS B 180 -17.74 31.98 -9.07
C LYS B 180 -17.94 33.48 -9.20
N ILE B 181 -17.18 34.11 -10.10
CA ILE B 181 -17.35 35.54 -10.34
C ILE B 181 -18.80 35.84 -10.68
N ARG B 182 -19.40 35.03 -11.55
CA ARG B 182 -20.79 35.24 -11.93
C ARG B 182 -21.69 35.26 -10.70
N THR B 183 -21.43 34.39 -9.73
CA THR B 183 -22.21 34.41 -8.49
C THR B 183 -22.14 35.78 -7.85
N GLU B 184 -20.92 36.31 -7.65
CA GLU B 184 -20.77 37.63 -7.07
C GLU B 184 -21.38 38.72 -7.94
N ALA B 185 -21.54 38.46 -9.24
CA ALA B 185 -22.19 39.44 -10.08
C ALA B 185 -23.68 39.52 -9.81
N LEU B 186 -24.30 38.41 -9.41
CA LEU B 186 -25.74 38.39 -9.20
C LEU B 186 -26.14 38.81 -7.79
N MET B 187 -25.20 38.88 -6.86
CA MET B 187 -25.50 39.32 -5.51
C MET B 187 -24.43 40.29 -5.00
N ASN C 128 -12.72 30.54 -56.15
CA ASN C 128 -13.48 29.35 -55.77
C ASN C 128 -13.94 29.45 -54.32
N ASP C 129 -14.65 28.41 -53.86
CA ASP C 129 -15.14 28.35 -52.49
C ASP C 129 -14.14 27.70 -51.54
N ASN C 130 -13.57 26.56 -51.95
CA ASN C 130 -12.55 25.93 -51.13
C ASN C 130 -11.39 26.88 -50.87
N ILE C 131 -11.01 27.65 -51.88
CA ILE C 131 -9.85 28.53 -51.74
C ILE C 131 -10.10 29.61 -50.71
N THR C 132 -11.26 30.27 -50.77
CA THR C 132 -11.53 31.32 -49.79
C THR C 132 -11.74 30.74 -48.40
N ALA C 133 -12.38 29.57 -48.30
CA ALA C 133 -12.56 28.94 -47.00
C ALA C 133 -11.21 28.66 -46.34
N ARG C 134 -10.30 28.06 -47.11
CA ARG C 134 -9.00 27.71 -46.54
C ARG C 134 -8.16 28.95 -46.27
N LEU C 135 -8.31 29.99 -47.07
CA LEU C 135 -7.61 31.24 -46.77
C LEU C 135 -8.10 31.84 -45.46
N ASP C 136 -9.40 31.80 -45.21
CA ASP C 136 -9.92 32.30 -43.93
C ASP C 136 -9.38 31.48 -42.77
N ARG C 137 -9.41 30.15 -42.90
CA ARG C 137 -8.92 29.30 -41.81
C ARG C 137 -7.45 29.58 -41.52
N ILE C 138 -6.64 29.75 -42.57
CA ILE C 138 -5.24 30.06 -42.37
C ILE C 138 -5.08 31.42 -41.71
N ASP C 139 -5.96 32.37 -42.04
CA ASP C 139 -5.91 33.67 -41.36
C ASP C 139 -6.19 33.52 -39.87
N GLU C 140 -7.14 32.65 -39.51
CA GLU C 140 -7.42 32.43 -38.09
C GLU C 140 -6.22 31.84 -37.37
N LYS C 141 -5.59 30.83 -37.99
CA LYS C 141 -4.38 30.26 -37.39
C LYS C 141 -3.30 31.32 -37.22
N LEU C 142 -3.17 32.22 -38.19
CA LEU C 142 -2.18 33.29 -38.07
C LEU C 142 -2.50 34.22 -36.89
N SER C 143 -3.77 34.58 -36.73
CA SER C 143 -4.15 35.40 -35.57
C SER C 143 -3.80 34.71 -34.26
N GLU C 144 -4.05 33.40 -34.19
CA GLU C 144 -3.80 32.66 -32.95
C GLU C 144 -2.31 32.62 -32.62
N ILE C 145 -1.48 32.29 -33.61
CA ILE C 145 -0.06 32.23 -33.35
C ILE C 145 0.48 33.62 -33.01
N LEU C 146 -0.12 34.66 -33.58
CA LEU C 146 0.30 36.01 -33.22
C LEU C 146 -0.01 36.31 -31.75
N GLY C 147 -1.19 35.91 -31.29
CA GLY C 147 -1.52 36.11 -29.88
C GLY C 147 -0.57 35.36 -28.94
N MET C 148 -0.26 34.11 -29.28
CA MET C 148 0.65 33.35 -28.42
C MET C 148 2.03 33.98 -28.38
N LEU C 149 2.55 34.39 -29.54
CA LEU C 149 3.84 35.08 -29.56
C LEU C 149 3.79 36.35 -28.73
N HIS C 150 2.66 37.06 -28.78
CA HIS C 150 2.52 38.29 -27.99
C HIS C 150 2.65 38.00 -26.50
N THR C 151 1.86 37.05 -26.00
CA THR C 151 1.89 36.79 -24.57
C THR C 151 3.26 36.28 -24.13
N LEU C 152 3.93 35.50 -24.98
CA LEU C 152 5.29 35.05 -24.64
C LEU C 152 6.24 36.23 -24.54
N VAL C 153 6.32 37.05 -25.60
CA VAL C 153 7.30 38.12 -25.61
C VAL C 153 7.02 39.18 -24.55
N VAL C 154 5.76 39.31 -24.10
CA VAL C 154 5.50 40.28 -23.03
C VAL C 154 5.75 39.67 -21.65
N ALA C 155 5.56 38.36 -21.49
CA ALA C 155 5.75 37.76 -20.17
C ALA C 155 7.22 37.65 -19.78
N SER C 156 8.10 37.42 -20.75
CA SER C 156 9.49 37.10 -20.44
C SER C 156 10.35 38.34 -20.28
N ALA C 157 10.08 39.41 -21.03
CA ALA C 157 11.01 40.53 -21.16
C ALA C 157 11.36 41.12 -19.80
N GLY C 158 10.40 41.76 -19.14
CA GLY C 158 10.68 42.52 -17.94
C GLY C 158 9.91 42.05 -16.73
N PRO C 159 10.63 41.59 -15.71
CA PRO C 159 9.98 41.24 -14.44
C PRO C 159 9.44 42.45 -13.69
N THR C 160 10.26 43.50 -13.59
CA THR C 160 9.96 44.62 -12.70
C THR C 160 8.67 45.33 -13.08
N SER C 161 8.37 45.40 -14.39
CA SER C 161 7.16 46.07 -14.83
C SER C 161 5.97 45.12 -14.82
N ALA C 162 6.11 43.96 -15.46
CA ALA C 162 5.01 43.03 -15.61
C ALA C 162 4.49 42.58 -14.25
N ARG C 163 5.39 42.38 -13.28
CA ARG C 163 5.01 41.85 -11.96
C ARG C 163 3.80 42.57 -11.38
N ASP C 164 3.70 43.88 -11.59
CA ASP C 164 2.55 44.64 -11.12
C ASP C 164 1.59 45.01 -12.24
N GLY C 165 2.09 45.28 -13.45
CA GLY C 165 1.20 45.65 -14.54
C GLY C 165 0.20 44.57 -14.87
N ILE C 166 0.66 43.32 -14.97
CA ILE C 166 -0.21 42.25 -15.44
C ILE C 166 -1.27 41.92 -14.40
N ARG C 167 -0.90 41.89 -13.12
CA ARG C 167 -1.90 41.57 -12.11
C ARG C 167 -2.84 42.75 -11.85
N ASP C 168 -2.36 43.99 -11.99
CA ASP C 168 -3.28 45.12 -11.96
C ASP C 168 -4.27 45.05 -13.11
N ALA C 169 -3.80 44.74 -14.31
CA ALA C 169 -4.71 44.61 -15.44
C ALA C 169 -5.66 43.43 -15.26
N MET C 170 -5.21 42.39 -14.54
CA MET C 170 -6.08 41.24 -14.30
C MET C 170 -7.21 41.59 -13.33
N VAL C 171 -6.89 42.25 -12.22
CA VAL C 171 -7.95 42.69 -11.32
C VAL C 171 -8.86 43.70 -12.02
N GLY C 172 -8.28 44.49 -12.95
CA GLY C 172 -9.10 45.37 -13.76
C GLY C 172 -10.07 44.60 -14.64
N LEU C 173 -9.59 43.53 -15.28
CA LEU C 173 -10.46 42.68 -16.08
C LEU C 173 -11.55 42.05 -15.22
N ARG C 174 -11.20 41.68 -13.99
CA ARG C 174 -12.20 41.14 -13.08
C ARG C 174 -13.30 42.15 -12.81
N GLU C 175 -12.91 43.38 -12.45
CA GLU C 175 -13.89 44.45 -12.26
C GLU C 175 -14.72 44.67 -13.52
N GLU C 176 -14.09 44.58 -14.69
CA GLU C 176 -14.82 44.75 -15.95
C GLU C 176 -15.87 43.66 -16.13
N MET C 177 -15.53 42.42 -15.77
CA MET C 177 -16.52 41.34 -15.85
C MET C 177 -17.67 41.57 -14.89
N ILE C 178 -17.36 41.95 -13.65
CA ILE C 178 -18.41 42.23 -12.67
C ILE C 178 -19.35 43.30 -13.20
N GLU C 179 -18.79 44.38 -13.76
CA GLU C 179 -19.63 45.47 -14.23
C GLU C 179 -20.38 45.11 -15.50
N LYS C 180 -19.80 44.24 -16.35
CA LYS C 180 -20.45 43.85 -17.58
C LYS C 180 -21.65 42.95 -17.31
N ILE C 181 -21.53 42.04 -16.35
CA ILE C 181 -22.70 41.23 -15.99
C ILE C 181 -23.73 42.09 -15.27
N ARG C 182 -23.27 43.01 -14.42
CA ARG C 182 -24.16 43.92 -13.70
C ARG C 182 -24.91 44.84 -14.66
N ASN D 128 -9.17 36.13 -58.32
CA ASN D 128 -7.84 35.75 -58.79
C ASN D 128 -6.78 36.68 -58.23
N ASP D 129 -7.03 37.99 -58.35
CA ASP D 129 -6.07 38.98 -57.83
C ASP D 129 -6.23 39.18 -56.33
N ASN D 130 -7.47 39.17 -55.84
CA ASN D 130 -7.70 39.21 -54.40
C ASN D 130 -7.00 38.05 -53.70
N ILE D 131 -6.88 36.91 -54.38
CA ILE D 131 -6.07 35.80 -53.85
C ILE D 131 -4.64 36.28 -53.60
N THR D 132 -4.07 37.00 -54.55
CA THR D 132 -2.71 37.47 -54.41
C THR D 132 -2.59 38.54 -53.32
N ALA D 133 -3.61 39.39 -53.19
CA ALA D 133 -3.60 40.36 -52.10
C ALA D 133 -3.63 39.66 -50.74
N ARG D 134 -4.43 38.61 -50.62
CA ARG D 134 -4.47 37.84 -49.39
C ARG D 134 -3.12 37.18 -49.13
N LEU D 135 -2.46 36.72 -50.19
CA LEU D 135 -1.14 36.12 -50.00
C LEU D 135 -0.11 37.16 -49.55
N ASP D 136 -0.22 38.41 -50.04
CA ASP D 136 0.67 39.45 -49.55
C ASP D 136 0.40 39.77 -48.08
N ARG D 137 -0.88 39.79 -47.69
CA ARG D 137 -1.22 39.93 -46.27
C ARG D 137 -0.59 38.83 -45.44
N ILE D 138 -0.68 37.59 -45.93
CA ILE D 138 -0.08 36.47 -45.23
C ILE D 138 1.43 36.63 -45.14
N ASP D 139 2.04 37.18 -46.20
CA ASP D 139 3.49 37.36 -46.22
C ASP D 139 3.92 38.36 -45.14
N GLU D 140 3.21 39.49 -45.05
CA GLU D 140 3.59 40.47 -44.02
C GLU D 140 3.37 39.91 -42.62
N LYS D 141 2.29 39.13 -42.44
CA LYS D 141 2.06 38.53 -41.12
C LYS D 141 3.18 37.55 -40.75
N LEU D 142 3.59 36.70 -41.69
CA LEU D 142 4.66 35.76 -41.39
C LEU D 142 5.99 36.48 -41.14
N SER D 143 6.22 37.59 -41.82
CA SER D 143 7.43 38.37 -41.55
C SER D 143 7.40 38.92 -40.13
N GLU D 144 6.26 39.44 -39.70
CA GLU D 144 6.14 39.90 -38.32
C GLU D 144 6.39 38.76 -37.34
N ILE D 145 5.88 37.57 -37.66
CA ILE D 145 6.08 36.41 -36.79
C ILE D 145 7.56 36.09 -36.67
N LEU D 146 8.27 36.10 -37.80
CA LEU D 146 9.70 35.82 -37.77
C LEU D 146 10.45 36.85 -36.93
N GLY D 147 10.08 38.13 -37.07
CA GLY D 147 10.69 39.14 -36.25
C GLY D 147 10.44 38.92 -34.77
N MET D 148 9.23 38.49 -34.42
CA MET D 148 8.91 38.18 -33.03
C MET D 148 9.76 37.02 -32.53
N LEU D 149 9.97 35.99 -33.35
CA LEU D 149 10.80 34.87 -32.94
C LEU D 149 12.22 35.32 -32.65
N HIS D 150 12.81 36.09 -33.57
CA HIS D 150 14.16 36.61 -33.33
C HIS D 150 14.21 37.44 -32.05
N THR D 151 13.24 38.33 -31.86
CA THR D 151 13.24 39.16 -30.67
C THR D 151 13.16 38.32 -29.41
N LEU D 152 12.29 37.31 -29.41
CA LEU D 152 12.15 36.42 -28.26
C LEU D 152 13.47 35.75 -27.92
N VAL D 153 14.11 35.13 -28.92
CA VAL D 153 15.31 34.35 -28.62
C VAL D 153 16.45 35.25 -28.19
N VAL D 154 16.60 36.42 -28.82
CA VAL D 154 17.71 37.30 -28.45
C VAL D 154 17.44 37.98 -27.10
N ALA D 155 16.17 38.22 -26.76
CA ALA D 155 15.87 38.82 -25.47
C ALA D 155 16.09 37.83 -24.33
N SER D 156 15.63 36.59 -24.51
CA SER D 156 15.82 35.58 -23.48
C SER D 156 17.24 35.02 -23.46
N ALA D 157 18.01 35.23 -24.53
CA ALA D 157 19.41 34.82 -24.56
C ALA D 157 20.34 35.87 -23.98
N GLY D 158 19.98 37.15 -24.09
CA GLY D 158 20.82 38.23 -23.64
C GLY D 158 21.17 38.13 -22.16
N PRO D 159 22.45 37.96 -21.87
CA PRO D 159 22.88 37.82 -20.47
C PRO D 159 22.55 39.04 -19.62
N THR D 160 23.04 40.21 -20.02
CA THR D 160 22.79 41.45 -19.32
C THR D 160 21.83 42.36 -20.06
N SER D 161 21.23 41.88 -21.14
CA SER D 161 20.22 42.64 -21.87
C SER D 161 18.83 42.51 -21.25
N ALA D 162 18.69 41.74 -20.17
CA ALA D 162 17.40 41.59 -19.52
C ALA D 162 17.12 42.75 -18.58
N ARG D 163 18.06 43.06 -17.69
CA ARG D 163 17.86 44.14 -16.72
C ARG D 163 18.35 45.48 -17.26
N ASP D 164 19.63 45.58 -17.58
CA ASP D 164 20.15 46.74 -18.26
C ASP D 164 19.95 46.58 -19.77
N GLY D 165 19.90 47.70 -20.46
CA GLY D 165 19.56 47.67 -21.88
C GLY D 165 18.24 46.96 -22.11
N ILE D 166 17.26 47.23 -21.25
CA ILE D 166 15.93 46.65 -21.36
C ILE D 166 15.10 47.56 -22.24
N ARG D 167 14.07 46.98 -22.86
CA ARG D 167 13.22 47.76 -23.75
C ARG D 167 12.39 48.79 -22.98
N ASP D 168 12.11 48.54 -21.69
CA ASP D 168 11.24 49.36 -20.85
C ASP D 168 10.04 49.87 -21.65
N ALA D 169 9.42 48.95 -22.36
CA ALA D 169 8.41 49.26 -23.37
C ALA D 169 7.42 48.10 -23.41
N MET D 170 6.73 47.95 -24.54
CA MET D 170 5.70 46.94 -24.73
C MET D 170 4.53 47.16 -23.78
N VAL D 171 3.97 48.36 -23.80
CA VAL D 171 2.77 48.65 -23.02
C VAL D 171 1.51 48.41 -23.86
N GLY D 172 1.58 48.67 -25.16
CA GLY D 172 0.46 48.35 -26.04
C GLY D 172 0.33 46.87 -26.36
N LEU D 173 1.35 46.08 -26.06
CA LEU D 173 1.24 44.63 -26.18
C LEU D 173 0.52 44.03 -24.98
N ARG D 174 0.71 44.63 -23.80
CA ARG D 174 -0.02 44.20 -22.62
C ARG D 174 -1.52 44.34 -22.83
N GLU D 175 -1.94 45.45 -23.44
CA GLU D 175 -3.36 45.64 -23.74
C GLU D 175 -3.86 44.59 -24.71
N GLU D 176 -3.04 44.23 -25.70
CA GLU D 176 -3.42 43.17 -26.63
C GLU D 176 -3.62 41.85 -25.90
N MET D 177 -2.70 41.49 -25.02
CA MET D 177 -2.81 40.23 -24.31
C MET D 177 -4.00 40.23 -23.37
N ILE D 178 -4.24 41.35 -22.68
CA ILE D 178 -5.38 41.40 -21.77
C ILE D 178 -6.69 41.37 -22.53
N GLU D 179 -6.77 41.96 -23.72
CA GLU D 179 -8.01 41.88 -24.48
C GLU D 179 -8.20 40.49 -25.06
N LYS D 180 -7.12 39.80 -25.41
CA LYS D 180 -7.25 38.39 -25.80
C LYS D 180 -7.81 37.57 -24.65
N ILE D 181 -7.30 37.78 -23.44
CA ILE D 181 -7.84 37.11 -22.27
C ILE D 181 -9.29 37.51 -22.03
N ARG D 182 -9.64 38.77 -22.33
CA ARG D 182 -11.00 39.23 -22.18
C ARG D 182 -11.95 38.46 -23.10
N THR D 183 -11.59 38.39 -24.39
CA THR D 183 -12.41 37.65 -25.35
C THR D 183 -12.50 36.18 -24.97
N GLU D 184 -11.40 35.60 -24.47
CA GLU D 184 -11.42 34.21 -24.04
C GLU D 184 -12.38 34.02 -22.87
N ALA D 185 -12.34 34.95 -21.90
CA ALA D 185 -13.22 34.84 -20.74
C ALA D 185 -14.67 34.99 -21.13
N LEU D 186 -14.97 35.88 -22.07
CA LEU D 186 -16.35 35.98 -22.55
C LEU D 186 -16.79 34.71 -23.26
N MET D 187 -15.92 34.13 -24.10
CA MET D 187 -16.26 32.88 -24.76
C MET D 187 -16.48 31.76 -23.76
N THR D 188 -15.72 31.76 -22.67
CA THR D 188 -15.95 30.79 -21.59
C THR D 188 -17.29 31.03 -20.91
N ASN D 189 -17.63 32.29 -20.66
CA ASN D 189 -18.83 32.62 -19.91
C ASN D 189 -20.10 32.43 -20.74
N ASP D 190 -20.01 32.51 -22.07
CA ASP D 190 -21.23 32.42 -22.88
C ASP D 190 -21.86 31.03 -22.83
N ARG D 191 -21.04 29.97 -22.77
CA ARG D 191 -21.61 28.63 -22.84
C ARG D 191 -22.31 28.26 -21.54
N LEU D 192 -21.76 28.69 -20.39
CA LEU D 192 -22.41 28.42 -19.11
C LEU D 192 -23.78 29.07 -19.05
N GLU D 193 -23.90 30.31 -19.55
CA GLU D 193 -25.16 31.04 -19.46
C GLU D 193 -26.27 30.39 -20.26
N ALA D 194 -25.93 29.68 -21.35
CA ALA D 194 -26.93 28.91 -22.07
C ALA D 194 -27.53 27.84 -21.17
N MET D 195 -26.68 27.15 -20.41
CA MET D 195 -27.14 26.06 -19.56
C MET D 195 -28.04 26.57 -18.45
N ALA D 196 -27.68 27.68 -17.82
CA ALA D 196 -28.49 28.21 -16.72
C ALA D 196 -29.83 28.74 -17.23
N ARG D 197 -29.83 29.41 -18.38
CA ARG D 197 -31.08 29.91 -18.92
C ARG D 197 -31.98 28.77 -19.37
N LEU D 198 -31.39 27.70 -19.91
CA LEU D 198 -32.17 26.50 -20.23
C LEU D 198 -32.72 25.86 -18.97
N ARG D 199 -31.96 25.87 -17.88
CA ARG D 199 -32.47 25.41 -16.59
C ARG D 199 -33.68 26.22 -16.17
N ASN D 200 -33.58 27.55 -16.27
CA ASN D 200 -34.67 28.41 -15.83
C ASN D 200 -35.92 28.19 -16.68
N GLU D 201 -35.75 28.10 -18.00
CA GLU D 201 -36.90 27.94 -18.88
C GLU D 201 -37.51 26.55 -18.73
N GLU D 202 -36.69 25.53 -18.53
CA GLU D 202 -37.19 24.16 -18.42
C GLU D 202 -37.26 23.72 -16.97
N ASN E 128 1.55 29.60 -64.23
CA ASN E 128 1.37 30.69 -63.28
C ASN E 128 2.67 30.96 -62.53
N ASP E 129 3.29 32.10 -62.82
CA ASP E 129 4.59 32.44 -62.26
C ASP E 129 4.48 33.25 -60.98
N ASN E 130 3.66 34.29 -60.98
CA ASN E 130 3.62 35.22 -59.85
C ASN E 130 3.04 34.57 -58.60
N ILE E 131 1.91 33.88 -58.75
CA ILE E 131 1.23 33.30 -57.60
C ILE E 131 2.08 32.21 -56.97
N THR E 132 2.68 31.35 -57.80
CA THR E 132 3.53 30.29 -57.27
C THR E 132 4.83 30.85 -56.72
N ALA E 133 5.33 31.95 -57.26
CA ALA E 133 6.51 32.59 -56.69
C ALA E 133 6.22 33.10 -55.28
N ARG E 134 5.10 33.81 -55.11
CA ARG E 134 4.71 34.27 -53.79
C ARG E 134 4.49 33.08 -52.85
N LEU E 135 3.85 32.03 -53.34
CA LEU E 135 3.61 30.85 -52.52
C LEU E 135 4.92 30.22 -52.06
N ASP E 136 5.92 30.18 -52.94
CA ASP E 136 7.19 29.58 -52.60
C ASP E 136 7.98 30.46 -51.63
N ARG E 137 7.87 31.77 -51.77
CA ARG E 137 8.48 32.65 -50.76
C ARG E 137 7.85 32.43 -49.39
N ILE E 138 6.52 32.32 -49.37
CA ILE E 138 5.80 31.98 -48.14
C ILE E 138 6.37 30.70 -47.54
N ASP E 139 6.44 29.64 -48.34
CA ASP E 139 6.90 28.36 -47.81
C ASP E 139 8.36 28.41 -47.38
N GLU E 140 9.19 29.22 -48.04
CA GLU E 140 10.57 29.35 -47.60
C GLU E 140 10.65 29.96 -46.21
N LYS E 141 10.00 31.12 -46.03
CA LYS E 141 10.00 31.74 -44.71
C LYS E 141 9.40 30.80 -43.66
N LEU E 142 8.36 30.06 -44.04
CA LEU E 142 7.67 29.22 -43.08
C LEU E 142 8.54 28.04 -42.65
N SER E 143 9.21 27.39 -43.61
CA SER E 143 10.13 26.31 -43.25
C SER E 143 11.30 26.82 -42.44
N GLU E 144 11.76 28.05 -42.70
CA GLU E 144 12.80 28.62 -41.85
C GLU E 144 12.32 28.75 -40.42
N ILE E 145 11.10 29.27 -40.23
CA ILE E 145 10.56 29.40 -38.88
C ILE E 145 10.44 28.03 -38.21
N LEU E 146 9.99 27.03 -38.97
CA LEU E 146 9.84 25.70 -38.40
C LEU E 146 11.18 25.14 -37.94
N GLY E 147 12.21 25.28 -38.76
CA GLY E 147 13.53 24.84 -38.34
C GLY E 147 14.02 25.59 -37.11
N MET E 148 13.79 26.91 -37.09
CA MET E 148 14.20 27.69 -35.92
C MET E 148 13.54 27.18 -34.66
N LEU E 149 12.25 26.84 -34.74
CA LEU E 149 11.55 26.32 -33.56
C LEU E 149 12.10 24.95 -33.16
N HIS E 150 12.28 24.05 -34.13
CA HIS E 150 12.86 22.76 -33.81
C HIS E 150 14.25 22.87 -33.20
N THR E 151 14.93 23.99 -33.38
CA THR E 151 16.27 24.12 -32.81
C THR E 151 16.25 24.44 -31.32
N LEU E 152 15.17 25.04 -30.81
CA LEU E 152 15.15 25.58 -29.45
C LEU E 152 15.57 24.55 -28.41
N VAL E 153 16.12 25.04 -27.31
CA VAL E 153 16.33 24.28 -26.09
C VAL E 153 15.88 25.15 -24.93
N VAL E 154 15.24 24.54 -23.94
CA VAL E 154 14.66 25.27 -22.80
C VAL E 154 15.28 24.73 -21.53
N ALA E 155 15.74 25.62 -20.67
CA ALA E 155 16.39 25.26 -19.42
C ALA E 155 15.40 25.32 -18.28
N SER E 156 15.55 24.41 -17.32
CA SER E 156 14.62 24.35 -16.22
C SER E 156 14.82 25.52 -15.26
N ALA E 157 13.81 25.75 -14.44
CA ALA E 157 13.94 26.74 -13.38
C ALA E 157 14.96 26.27 -12.35
N GLY E 158 15.52 27.21 -11.61
CA GLY E 158 16.50 26.87 -10.61
C GLY E 158 16.94 28.03 -9.74
N PRO E 159 17.79 27.75 -8.77
CA PRO E 159 18.37 28.80 -7.95
C PRO E 159 19.70 29.28 -8.51
N THR E 160 19.99 30.55 -8.25
CA THR E 160 21.20 31.16 -8.77
C THR E 160 22.38 30.88 -7.85
N SER E 161 23.58 31.18 -8.33
CA SER E 161 24.75 31.17 -7.47
C SER E 161 24.59 32.22 -6.39
N ALA E 162 25.16 31.94 -5.21
CA ALA E 162 24.89 32.71 -4.00
C ALA E 162 23.37 32.79 -3.80
N ARG E 163 22.78 31.61 -3.57
CA ARG E 163 21.34 31.45 -3.69
C ARG E 163 20.58 32.33 -2.72
N ASP E 164 19.85 33.30 -3.28
CA ASP E 164 18.92 34.12 -2.52
C ASP E 164 17.56 34.25 -3.20
N GLY E 165 17.44 33.83 -4.45
CA GLY E 165 16.16 33.82 -5.14
C GLY E 165 16.21 32.83 -6.28
N ILE E 166 15.04 32.55 -6.85
CA ILE E 166 14.91 31.65 -7.98
C ILE E 166 14.96 32.47 -9.27
N ARG E 167 15.86 32.09 -10.18
CA ARG E 167 15.86 32.67 -11.51
C ARG E 167 14.77 32.02 -12.36
N ASP E 168 14.20 32.81 -13.27
CA ASP E 168 13.13 32.29 -14.09
C ASP E 168 13.69 31.35 -15.16
N ALA E 169 12.84 30.47 -15.66
CA ALA E 169 13.23 29.58 -16.74
C ALA E 169 13.54 30.39 -17.99
N MET E 170 14.71 30.17 -18.57
CA MET E 170 15.14 30.89 -19.75
C MET E 170 15.25 29.94 -20.92
N VAL E 171 14.85 30.41 -22.10
CA VAL E 171 14.90 29.64 -23.34
C VAL E 171 15.79 30.38 -24.33
N GLY E 172 16.71 29.64 -24.95
CA GLY E 172 17.59 30.22 -25.94
C GLY E 172 17.93 29.22 -27.02
N LEU E 173 18.58 29.71 -28.06
CA LEU E 173 19.12 28.83 -29.08
C LEU E 173 20.13 27.88 -28.44
N ARG E 174 20.41 26.77 -29.13
CA ARG E 174 21.29 25.76 -28.57
C ARG E 174 22.70 26.29 -28.35
N GLU E 175 23.23 27.05 -29.30
CA GLU E 175 24.68 27.31 -29.33
C GLU E 175 25.13 28.11 -28.11
N GLU E 176 24.46 29.23 -27.83
CA GLU E 176 24.84 30.00 -26.64
C GLU E 176 24.57 29.22 -25.36
N MET E 177 23.58 28.33 -25.39
CA MET E 177 23.32 27.47 -24.23
C MET E 177 24.51 26.56 -23.96
N ILE E 178 24.98 25.83 -24.98
CA ILE E 178 26.13 24.96 -24.80
C ILE E 178 27.36 25.77 -24.45
N GLU E 179 27.47 26.99 -24.96
CA GLU E 179 28.56 27.86 -24.54
C GLU E 179 28.52 28.13 -23.05
N LYS E 180 27.31 28.41 -22.52
CA LYS E 180 27.16 28.65 -21.09
C LYS E 180 27.48 27.41 -20.27
N ILE E 181 27.04 26.25 -20.74
CA ILE E 181 27.39 24.99 -20.08
C ILE E 181 28.91 24.80 -20.06
N ARG E 182 29.57 25.17 -21.16
CA ARG E 182 31.01 24.97 -21.27
C ARG E 182 31.77 25.92 -20.36
N THR E 183 31.31 27.16 -20.22
CA THR E 183 31.97 28.15 -19.38
C THR E 183 31.39 28.21 -17.97
N GLU E 184 30.54 27.25 -17.60
CA GLU E 184 30.05 27.12 -16.23
C GLU E 184 29.32 28.37 -15.76
N ALA E 185 28.40 28.86 -16.59
CA ALA E 185 27.55 29.97 -16.17
C ALA E 185 26.36 29.50 -15.33
N LEU E 186 26.04 28.21 -15.38
CA LEU E 186 24.91 27.63 -14.67
C LEU E 186 25.40 26.43 -13.88
N MET E 187 24.99 26.34 -12.61
CA MET E 187 25.40 25.21 -11.79
C MET E 187 24.77 23.92 -12.30
N THR E 188 25.61 22.93 -12.58
CA THR E 188 25.18 21.62 -13.03
C THR E 188 26.03 20.56 -12.35
N ASN E 189 25.42 19.40 -12.08
CA ASN E 189 26.18 18.28 -11.54
C ASN E 189 27.19 17.75 -12.55
N ASP E 190 26.71 17.34 -13.72
CA ASP E 190 27.57 16.80 -14.77
C ASP E 190 27.42 17.64 -16.04
N ARG E 191 28.55 18.00 -16.64
CA ARG E 191 28.58 18.79 -17.85
C ARG E 191 29.07 18.03 -19.08
N LEU E 192 29.91 17.01 -18.90
CA LEU E 192 30.47 16.31 -20.05
C LEU E 192 29.40 15.54 -20.80
N GLU E 193 28.48 14.91 -20.08
CA GLU E 193 27.41 14.16 -20.73
C GLU E 193 26.42 15.09 -21.42
N ALA E 194 26.13 16.24 -20.82
CA ALA E 194 25.09 17.12 -21.36
C ALA E 194 25.46 17.63 -22.75
N MET E 195 26.70 18.09 -22.93
CA MET E 195 27.09 18.66 -24.22
C MET E 195 27.16 17.59 -25.30
N ALA E 196 27.66 16.41 -24.95
CA ALA E 196 27.72 15.32 -25.93
C ALA E 196 26.31 14.85 -26.30
N ARG E 197 25.40 14.84 -25.32
CA ARG E 197 24.04 14.41 -25.59
C ARG E 197 23.31 15.42 -26.46
N LEU E 198 23.51 16.71 -26.21
CA LEU E 198 22.92 17.73 -27.08
C LEU E 198 23.54 17.67 -28.47
N ARG E 199 24.81 17.26 -28.59
CA ARG E 199 25.43 17.13 -29.89
C ARG E 199 25.10 15.82 -30.59
N ASN E 200 24.13 15.06 -30.06
CA ASN E 200 23.55 13.86 -30.66
C ASN E 200 24.50 12.66 -30.66
N GLU E 201 25.73 12.82 -30.21
CA GLU E 201 26.69 11.72 -30.24
C GLU E 201 26.55 10.83 -29.00
N GLU E 202 26.85 9.55 -29.18
CA GLU E 202 26.86 8.60 -28.08
C GLU E 202 28.16 8.73 -27.30
N SER E 203 28.06 9.00 -26.00
CA SER E 203 29.24 9.21 -25.17
C SER E 203 29.90 7.88 -24.85
N GLU E 204 30.89 7.92 -23.95
CA GLU E 204 31.58 6.70 -23.55
C GLU E 204 30.68 5.82 -22.69
N LYS E 205 30.20 6.38 -21.57
CA LYS E 205 29.39 5.61 -20.61
C LYS E 205 28.31 4.81 -21.31
N MET E 206 27.54 5.48 -22.19
CA MET E 206 26.44 4.83 -22.89
C MET E 206 26.89 3.54 -23.56
N ALA E 207 27.99 3.60 -24.32
CA ALA E 207 28.50 2.40 -24.96
C ALA E 207 28.82 1.33 -23.92
N LYS E 208 29.54 1.72 -22.86
CA LYS E 208 29.82 0.78 -21.78
C LYS E 208 28.53 0.27 -21.15
N ASP E 209 27.49 1.10 -21.13
CA ASP E 209 26.20 0.66 -20.57
C ASP E 209 25.48 -0.31 -21.50
N THR E 210 25.78 -0.29 -22.79
CA THR E 210 25.13 -1.18 -23.76
C THR E 210 26.23 -1.85 -24.56
N SER E 211 26.67 -3.01 -24.08
CA SER E 211 27.74 -3.74 -24.73
C SER E 211 27.48 -5.23 -24.57
N ASP E 212 28.34 -6.03 -25.17
CA ASP E 212 28.25 -7.49 -25.00
C ASP E 212 28.44 -7.87 -23.54
N GLU E 213 29.39 -7.23 -22.87
CA GLU E 213 29.72 -7.54 -21.49
C GLU E 213 30.19 -6.25 -20.81
N VAL E 214 30.18 -6.26 -19.48
CA VAL E 214 30.57 -5.11 -18.68
C VAL E 214 31.96 -5.37 -18.11
N SER E 215 32.88 -4.43 -18.35
CA SER E 215 34.23 -4.55 -17.84
C SER E 215 34.23 -4.57 -16.31
N LEU E 216 34.78 -5.64 -15.74
CA LEU E 216 34.80 -5.79 -14.29
C LEU E 216 35.85 -4.88 -13.67
N ASN E 217 35.75 -4.71 -12.36
CA ASN E 217 36.70 -3.93 -11.60
C ASN E 217 37.86 -4.81 -11.14
N PRO E 218 38.97 -4.21 -10.71
CA PRO E 218 40.05 -5.03 -10.13
C PRO E 218 39.61 -5.80 -8.89
N THR E 219 39.05 -5.11 -7.90
CA THR E 219 38.59 -5.80 -6.69
C THR E 219 37.53 -6.83 -7.03
N SER E 220 36.67 -6.53 -8.00
CA SER E 220 35.72 -7.55 -8.45
C SER E 220 36.43 -8.73 -9.07
N GLU E 221 37.58 -8.50 -9.71
CA GLU E 221 38.36 -9.61 -10.24
C GLU E 221 38.93 -10.46 -9.11
N LYS E 222 39.36 -9.82 -8.03
CA LYS E 222 39.80 -10.59 -6.87
C LYS E 222 38.67 -11.44 -6.31
N LEU E 223 37.47 -10.85 -6.18
CA LEU E 223 36.33 -11.62 -5.72
C LEU E 223 36.02 -12.78 -6.65
N ASN E 224 36.13 -12.56 -7.96
CA ASN E 224 35.82 -13.62 -8.89
C ASN E 224 36.85 -14.74 -8.81
N ASN E 225 38.13 -14.39 -8.64
CA ASN E 225 39.15 -15.42 -8.53
C ASN E 225 39.03 -16.19 -7.22
N LEU E 226 38.56 -15.52 -6.17
CA LEU E 226 38.38 -16.21 -4.90
C LEU E 226 37.11 -17.06 -4.88
N LEU E 227 36.11 -16.69 -5.69
CA LEU E 227 34.90 -17.51 -5.77
C LEU E 227 35.18 -18.81 -6.51
N GLU E 228 35.76 -18.72 -7.70
CA GLU E 228 36.19 -19.92 -8.39
C GLU E 228 37.42 -20.51 -7.71
N GLY E 229 37.76 -21.74 -8.11
CA GLY E 229 38.93 -22.40 -7.55
C GLY E 229 38.80 -22.69 -6.08
N ASN E 230 37.81 -23.51 -5.71
CA ASN E 230 37.54 -23.85 -4.32
C ASN E 230 38.54 -24.93 -3.87
N ASP E 231 39.77 -24.50 -3.64
CA ASP E 231 40.82 -25.39 -3.18
C ASP E 231 40.95 -25.42 -1.67
N SER E 232 40.00 -24.83 -0.95
CA SER E 232 39.99 -24.80 0.52
C SER E 232 41.29 -24.24 1.08
N ASP E 233 41.80 -23.18 0.45
CA ASP E 233 42.99 -22.49 0.92
C ASP E 233 42.66 -21.27 1.75
N ASN E 234 41.40 -21.11 2.17
CA ASN E 234 41.01 -19.92 2.90
C ASN E 234 41.73 -19.81 4.24
N ASP E 235 42.00 -20.95 4.88
CA ASP E 235 42.58 -21.02 6.22
C ASP E 235 42.02 -19.95 7.14
N LEU E 236 40.69 -19.83 7.10
CA LEU E 236 39.96 -18.75 7.72
C LEU E 236 39.31 -19.23 9.01
N SER E 237 39.62 -18.55 10.12
CA SER E 237 39.06 -18.88 11.42
C SER E 237 37.94 -17.91 11.77
N LEU E 238 36.78 -18.45 12.13
CA LEU E 238 35.65 -17.61 12.49
C LEU E 238 35.99 -16.71 13.67
N GLU E 239 36.73 -17.25 14.64
CA GLU E 239 37.17 -16.43 15.76
C GLU E 239 38.22 -15.40 15.34
N ASP E 240 38.99 -15.72 14.30
CA ASP E 240 39.93 -14.75 13.75
C ASP E 240 39.19 -13.54 13.18
N PHE E 241 38.01 -13.77 12.62
CA PHE E 241 37.20 -12.68 12.09
C PHE E 241 35.96 -12.47 12.94
#